data_4Q5M
# 
_entry.id   4Q5M 
# 
_audit_conform.dict_name       mmcif_pdbx.dic 
_audit_conform.dict_version    5.381 
_audit_conform.dict_location   http://mmcif.pdb.org/dictionaries/ascii/mmcif_pdbx.dic 
# 
loop_
_database_2.database_id 
_database_2.database_code 
_database_2.pdbx_database_accession 
_database_2.pdbx_DOI 
PDB   4Q5M         pdb_00004q5m 10.2210/pdb4q5m/pdb 
RCSB  RCSB085633   ?            ?                   
WWPDB D_1000085633 ?            ?                   
# 
_pdbx_database_status.status_code                     REL 
_pdbx_database_status.entry_id                        4Q5M 
_pdbx_database_status.recvd_initial_deposition_date   2014-04-17 
_pdbx_database_status.deposit_site                    RCSB 
_pdbx_database_status.process_site                    PDBJ 
_pdbx_database_status.methods_development_category    ? 
_pdbx_database_status.status_code_sf                  REL 
_pdbx_database_status.status_code_mr                  ? 
_pdbx_database_status.SG_entry                        ? 
_pdbx_database_status.status_code_cs                  ? 
_pdbx_database_status.pdb_format_compatible           Y 
_pdbx_database_status.status_code_nmr_data            ? 
# 
loop_
_audit_author.name 
_audit_author.pdbx_ordinal 
'Prashar, V.'  1 
'Bihani, S.C.' 2 
'Ferrer, J.L.' 3 
'Hosur, M.V.'  4 
# 
_citation.id                        primary 
_citation.title                     
'Structural Basis of Why Nelfinavir-Resistant D30N Mutant of HIV-1 Protease Remains Susceptible to Saquinavir.' 
_citation.journal_abbrev            'Chem.Biol.Drug Des.' 
_citation.journal_volume            86 
_citation.page_first                302 
_citation.page_last                 308 
_citation.year                      2015 
_citation.journal_id_ASTM           ? 
_citation.country                   US 
_citation.journal_id_ISSN           1747-0285 
_citation.journal_id_CSD            ? 
_citation.book_publisher            ? 
_citation.pdbx_database_id_PubMed   25487655 
_citation.pdbx_database_id_DOI      10.1111/cbdd.12494 
# 
loop_
_citation_author.citation_id 
_citation_author.name 
_citation_author.ordinal 
_citation_author.identifier_ORCID 
primary 'Prashar, V.'  1 ? 
primary 'Bihani, S.C.' 2 ? 
primary 'Ferrer, J.L.' 3 ? 
primary 'Hosur, M.V.'  4 ? 
# 
_cell.entry_id           4Q5M 
_cell.length_a           62.840 
_cell.length_b           62.840 
_cell.length_c           82.490 
_cell.angle_alpha        90.00 
_cell.angle_beta         90.00 
_cell.angle_gamma        120.00 
_cell.Z_PDB              6 
_cell.pdbx_unique_axis   ? 
_cell.length_a_esd       ? 
_cell.length_b_esd       ? 
_cell.length_c_esd       ? 
_cell.angle_alpha_esd    ? 
_cell.angle_beta_esd     ? 
_cell.angle_gamma_esd    ? 
# 
_symmetry.entry_id                         4Q5M 
_symmetry.space_group_name_H-M             'P 61' 
_symmetry.pdbx_full_space_group_name_H-M   ? 
_symmetry.cell_setting                     ? 
_symmetry.Int_Tables_number                169 
_symmetry.space_group_name_Hall            ? 
# 
loop_
_entity.id 
_entity.type 
_entity.src_method 
_entity.pdbx_description 
_entity.formula_weight 
_entity.pdbx_number_of_molecules 
_entity.pdbx_ec 
_entity.pdbx_mutation 
_entity.pdbx_fragment 
_entity.details 
1 polymer     man Protease 21900.789 1  3.4.23.16 'D30N, C95M, D1030N, C1095A' ? 
;CHIMERA PROTEIN WITH LINKER GLY-GLY-SER-SER-GLY (NUMBERED A100 TO A104) THAT COVALENTLY LINK SUB-UNIT A WITH SUB-UNIT B IN THE TETHERED DIMER.
;
2 non-polymer syn 
;(2S)-N-[(2S,3R)-4-[(2S,3S,4aS,8aS)-3-(tert-butylcarbamoyl)-3,4,4a,5,6,7,8,8a-octahydro-1H-isoquinolin-2-yl]-3-hydroxy-1 -phenyl-butan-2-yl]-2-(quinolin-2-ylcarbonylamino)butanediamide
;
670.841   1  ?         ?                            ? ? 
3 water       nat water 18.015    93 ?         ?                            ? ? 
# 
_entity_poly.entity_id                      1 
_entity_poly.type                           'polypeptide(L)' 
_entity_poly.nstd_linkage                   no 
_entity_poly.nstd_monomer                   no 
_entity_poly.pdbx_seq_one_letter_code       
;PQVTLWQRPLVTIKIGGQLKEALLDTGADNTVLEEMSLPGRWKPKMIGGIGGFIKVRQYDQILIEICGHKAIGTVLVGPT
PVNIIGRNLLTQIGMTLNFGGSSGPQVTLWQRPLVTIKIGGQLKEALLDTGADNTVLEEMSLPGRWKPKMIGGIGGFIKV
RQYDQILIEICGHKAIGTVLVGPTPVNIIGRNLLTQIGATLNF
;
_entity_poly.pdbx_seq_one_letter_code_can   
;PQVTLWQRPLVTIKIGGQLKEALLDTGADNTVLEEMSLPGRWKPKMIGGIGGFIKVRQYDQILIEICGHKAIGTVLVGPT
PVNIIGRNLLTQIGMTLNFGGSSGPQVTLWQRPLVTIKIGGQLKEALLDTGADNTVLEEMSLPGRWKPKMIGGIGGFIKV
RQYDQILIEICGHKAIGTVLVGPTPVNIIGRNLLTQIGATLNF
;
_entity_poly.pdbx_strand_id                 A 
_entity_poly.pdbx_target_identifier         ? 
# 
loop_
_entity_poly_seq.entity_id 
_entity_poly_seq.num 
_entity_poly_seq.mon_id 
_entity_poly_seq.hetero 
1 1   PRO n 
1 2   GLN n 
1 3   VAL n 
1 4   THR n 
1 5   LEU n 
1 6   TRP n 
1 7   GLN n 
1 8   ARG n 
1 9   PRO n 
1 10  LEU n 
1 11  VAL n 
1 12  THR n 
1 13  ILE n 
1 14  LYS n 
1 15  ILE n 
1 16  GLY n 
1 17  GLY n 
1 18  GLN n 
1 19  LEU n 
1 20  LYS n 
1 21  GLU n 
1 22  ALA n 
1 23  LEU n 
1 24  LEU n 
1 25  ASP n 
1 26  THR n 
1 27  GLY n 
1 28  ALA n 
1 29  ASP n 
1 30  ASN n 
1 31  THR n 
1 32  VAL n 
1 33  LEU n 
1 34  GLU n 
1 35  GLU n 
1 36  MET n 
1 37  SER n 
1 38  LEU n 
1 39  PRO n 
1 40  GLY n 
1 41  ARG n 
1 42  TRP n 
1 43  LYS n 
1 44  PRO n 
1 45  LYS n 
1 46  MET n 
1 47  ILE n 
1 48  GLY n 
1 49  GLY n 
1 50  ILE n 
1 51  GLY n 
1 52  GLY n 
1 53  PHE n 
1 54  ILE n 
1 55  LYS n 
1 56  VAL n 
1 57  ARG n 
1 58  GLN n 
1 59  TYR n 
1 60  ASP n 
1 61  GLN n 
1 62  ILE n 
1 63  LEU n 
1 64  ILE n 
1 65  GLU n 
1 66  ILE n 
1 67  CYS n 
1 68  GLY n 
1 69  HIS n 
1 70  LYS n 
1 71  ALA n 
1 72  ILE n 
1 73  GLY n 
1 74  THR n 
1 75  VAL n 
1 76  LEU n 
1 77  VAL n 
1 78  GLY n 
1 79  PRO n 
1 80  THR n 
1 81  PRO n 
1 82  VAL n 
1 83  ASN n 
1 84  ILE n 
1 85  ILE n 
1 86  GLY n 
1 87  ARG n 
1 88  ASN n 
1 89  LEU n 
1 90  LEU n 
1 91  THR n 
1 92  GLN n 
1 93  ILE n 
1 94  GLY n 
1 95  MET n 
1 96  THR n 
1 97  LEU n 
1 98  ASN n 
1 99  PHE n 
1 100 GLY n 
1 101 GLY n 
1 102 SER n 
1 103 SER n 
1 104 GLY n 
1 105 PRO n 
1 106 GLN n 
1 107 VAL n 
1 108 THR n 
1 109 LEU n 
1 110 TRP n 
1 111 GLN n 
1 112 ARG n 
1 113 PRO n 
1 114 LEU n 
1 115 VAL n 
1 116 THR n 
1 117 ILE n 
1 118 LYS n 
1 119 ILE n 
1 120 GLY n 
1 121 GLY n 
1 122 GLN n 
1 123 LEU n 
1 124 LYS n 
1 125 GLU n 
1 126 ALA n 
1 127 LEU n 
1 128 LEU n 
1 129 ASP n 
1 130 THR n 
1 131 GLY n 
1 132 ALA n 
1 133 ASP n 
1 134 ASN n 
1 135 THR n 
1 136 VAL n 
1 137 LEU n 
1 138 GLU n 
1 139 GLU n 
1 140 MET n 
1 141 SER n 
1 142 LEU n 
1 143 PRO n 
1 144 GLY n 
1 145 ARG n 
1 146 TRP n 
1 147 LYS n 
1 148 PRO n 
1 149 LYS n 
1 150 MET n 
1 151 ILE n 
1 152 GLY n 
1 153 GLY n 
1 154 ILE n 
1 155 GLY n 
1 156 GLY n 
1 157 PHE n 
1 158 ILE n 
1 159 LYS n 
1 160 VAL n 
1 161 ARG n 
1 162 GLN n 
1 163 TYR n 
1 164 ASP n 
1 165 GLN n 
1 166 ILE n 
1 167 LEU n 
1 168 ILE n 
1 169 GLU n 
1 170 ILE n 
1 171 CYS n 
1 172 GLY n 
1 173 HIS n 
1 174 LYS n 
1 175 ALA n 
1 176 ILE n 
1 177 GLY n 
1 178 THR n 
1 179 VAL n 
1 180 LEU n 
1 181 VAL n 
1 182 GLY n 
1 183 PRO n 
1 184 THR n 
1 185 PRO n 
1 186 VAL n 
1 187 ASN n 
1 188 ILE n 
1 189 ILE n 
1 190 GLY n 
1 191 ARG n 
1 192 ASN n 
1 193 LEU n 
1 194 LEU n 
1 195 THR n 
1 196 GLN n 
1 197 ILE n 
1 198 GLY n 
1 199 ALA n 
1 200 THR n 
1 201 LEU n 
1 202 ASN n 
1 203 PHE n 
# 
loop_
_entity_src_gen.entity_id 
_entity_src_gen.pdbx_src_id 
_entity_src_gen.pdbx_alt_source_flag 
_entity_src_gen.pdbx_seq_type 
_entity_src_gen.pdbx_beg_seq_num 
_entity_src_gen.pdbx_end_seq_num 
_entity_src_gen.gene_src_common_name 
_entity_src_gen.gene_src_genus 
_entity_src_gen.pdbx_gene_src_gene 
_entity_src_gen.gene_src_species 
_entity_src_gen.gene_src_strain 
_entity_src_gen.gene_src_tissue 
_entity_src_gen.gene_src_tissue_fraction 
_entity_src_gen.gene_src_details 
_entity_src_gen.pdbx_gene_src_fragment 
_entity_src_gen.pdbx_gene_src_scientific_name 
_entity_src_gen.pdbx_gene_src_ncbi_taxonomy_id 
_entity_src_gen.pdbx_gene_src_variant 
_entity_src_gen.pdbx_gene_src_cell_line 
_entity_src_gen.pdbx_gene_src_atcc 
_entity_src_gen.pdbx_gene_src_organ 
_entity_src_gen.pdbx_gene_src_organelle 
_entity_src_gen.pdbx_gene_src_cell 
_entity_src_gen.pdbx_gene_src_cellular_location 
_entity_src_gen.host_org_common_name 
_entity_src_gen.pdbx_host_org_scientific_name 
_entity_src_gen.pdbx_host_org_ncbi_taxonomy_id 
_entity_src_gen.host_org_genus 
_entity_src_gen.pdbx_host_org_gene 
_entity_src_gen.pdbx_host_org_organ 
_entity_src_gen.host_org_species 
_entity_src_gen.pdbx_host_org_tissue 
_entity_src_gen.pdbx_host_org_tissue_fraction 
_entity_src_gen.pdbx_host_org_strain 
_entity_src_gen.pdbx_host_org_variant 
_entity_src_gen.pdbx_host_org_cell_line 
_entity_src_gen.pdbx_host_org_atcc 
_entity_src_gen.pdbx_host_org_culture_collection 
_entity_src_gen.pdbx_host_org_cell 
_entity_src_gen.pdbx_host_org_organelle 
_entity_src_gen.pdbx_host_org_cellular_location 
_entity_src_gen.pdbx_host_org_vector_type 
_entity_src_gen.pdbx_host_org_vector 
_entity_src_gen.host_org_details 
_entity_src_gen.expression_system_id 
_entity_src_gen.plasmid_name 
_entity_src_gen.plasmid_details 
_entity_src_gen.pdbx_description 
1 1 sample ? 1   99  HIV-1 ? gag-pol ? 'group M subtype B (isolate HXB2)' ? ? ? ? 'Human immunodeficiency virus type 1' 11706 ? ? 
? ? ? ? ? ? 'Escherichia coli' 562 ? ? ? ? ? ? 'BL21(DE3)' ? ? ? ? ? ? ? PLASMID ? ? ? PET11A ? ? 
1 2 sample ? 105 203 HIV-1 ? gag-pol ? 'group M subtype B (isolate HXB2)' ? ? ? ? 'Human immunodeficiency virus type 1' 11706 ? ? 
? ? ? ? ? ? 'Escherichia coli' 562 ? ? ? ? ? ? 'BL21(DE3)' ? ? ? ? ? ? ? PLASMID ? ? ? PET11A ? ? 
# 
_struct_ref.id                         1 
_struct_ref.db_name                    UNP 
_struct_ref.db_code                    POL_HV1H2 
_struct_ref.pdbx_db_accession          P04585 
_struct_ref.entity_id                  1 
_struct_ref.pdbx_seq_one_letter_code   
;PQVTLWQRPLVTIKIGGQLKEALLDTGADDTVLEEMSLPGRWKPKMIGGIGGFIKVRQYDQILIEICGHKAIGTVLVGPT
PVNIIGRNLLTQIGCTLNF
;
_struct_ref.pdbx_align_begin           489 
_struct_ref.pdbx_db_isoform            ? 
# 
loop_
_struct_ref_seq.align_id 
_struct_ref_seq.ref_id 
_struct_ref_seq.pdbx_PDB_id_code 
_struct_ref_seq.pdbx_strand_id 
_struct_ref_seq.seq_align_beg 
_struct_ref_seq.pdbx_seq_align_beg_ins_code 
_struct_ref_seq.seq_align_end 
_struct_ref_seq.pdbx_seq_align_end_ins_code 
_struct_ref_seq.pdbx_db_accession 
_struct_ref_seq.db_align_beg 
_struct_ref_seq.pdbx_db_align_beg_ins_code 
_struct_ref_seq.db_align_end 
_struct_ref_seq.pdbx_db_align_end_ins_code 
_struct_ref_seq.pdbx_auth_seq_align_beg 
_struct_ref_seq.pdbx_auth_seq_align_end 
1 1 4Q5M A 1   ? 99  ? P04585 489 ? 587 ? 1    99   
2 1 4Q5M A 105 ? 203 ? P04585 489 ? 587 ? 1001 1099 
# 
loop_
_struct_ref_seq_dif.align_id 
_struct_ref_seq_dif.pdbx_pdb_id_code 
_struct_ref_seq_dif.mon_id 
_struct_ref_seq_dif.pdbx_pdb_strand_id 
_struct_ref_seq_dif.seq_num 
_struct_ref_seq_dif.pdbx_pdb_ins_code 
_struct_ref_seq_dif.pdbx_seq_db_name 
_struct_ref_seq_dif.pdbx_seq_db_accession_code 
_struct_ref_seq_dif.db_mon_id 
_struct_ref_seq_dif.pdbx_seq_db_seq_num 
_struct_ref_seq_dif.details 
_struct_ref_seq_dif.pdbx_auth_seq_num 
_struct_ref_seq_dif.pdbx_ordinal 
1 4Q5M ASN A 30  ? UNP P04585 ASP 518 'engineered mutation' 30   1 
1 4Q5M MET A 95  ? UNP P04585 CYS 583 'engineered mutation' 95   2 
1 4Q5M GLY A 100 ? UNP P04585 ?   ?   linker                100  3 
1 4Q5M GLY A 101 ? UNP P04585 ?   ?   linker                101  4 
1 4Q5M SER A 102 ? UNP P04585 ?   ?   linker                102  5 
1 4Q5M SER A 103 ? UNP P04585 ?   ?   linker                103  6 
1 4Q5M GLY A 104 ? UNP P04585 ?   ?   linker                104  7 
2 4Q5M ASN A 134 ? UNP P04585 ASP 518 'engineered mutation' 1030 8 
2 4Q5M ALA A 199 ? UNP P04585 CYS 583 'engineered mutation' 1095 9 
# 
loop_
_chem_comp.id 
_chem_comp.type 
_chem_comp.mon_nstd_flag 
_chem_comp.name 
_chem_comp.pdbx_synonyms 
_chem_comp.formula 
_chem_comp.formula_weight 
ALA 'L-peptide linking' y ALANINE ?                                   'C3 H7 N O2'     89.093  
ARG 'L-peptide linking' y ARGININE ?                                   'C6 H15 N4 O2 1' 175.209 
ASN 'L-peptide linking' y ASPARAGINE ?                                   'C4 H8 N2 O3'    132.118 
ASP 'L-peptide linking' y 'ASPARTIC ACID' ?                                   'C4 H7 N O4'     133.103 
CYS 'L-peptide linking' y CYSTEINE ?                                   'C3 H7 N O2 S'   121.158 
GLN 'L-peptide linking' y GLUTAMINE ?                                   'C5 H10 N2 O3'   146.144 
GLU 'L-peptide linking' y 'GLUTAMIC ACID' ?                                   'C5 H9 N O4'     147.129 
GLY 'peptide linking'   y GLYCINE ?                                   'C2 H5 N O2'     75.067  
HIS 'L-peptide linking' y HISTIDINE ?                                   'C6 H10 N3 O2 1' 156.162 
HOH non-polymer         . WATER ?                                   'H2 O'           18.015  
ILE 'L-peptide linking' y ISOLEUCINE ?                                   'C6 H13 N O2'    131.173 
LEU 'L-peptide linking' y LEUCINE ?                                   'C6 H13 N O2'    131.173 
LYS 'L-peptide linking' y LYSINE ?                                   'C6 H15 N2 O2 1' 147.195 
MET 'L-peptide linking' y METHIONINE ?                                   'C5 H11 N O2 S'  149.211 
PHE 'L-peptide linking' y PHENYLALANINE ?                                   'C9 H11 N O2'    165.189 
PRO 'L-peptide linking' y PROLINE ?                                   'C5 H9 N O2'     115.130 
ROC peptide-like        . 
;(2S)-N-[(2S,3R)-4-[(2S,3S,4aS,8aS)-3-(tert-butylcarbamoyl)-3,4,4a,5,6,7,8,8a-octahydro-1H-isoquinolin-2-yl]-3-hydroxy-1 -phenyl-butan-2-yl]-2-(quinolin-2-ylcarbonylamino)butanediamide
;
'Fortovase; SAQUINAVIR; RO 31-8959' 'C38 H50 N6 O5'  670.841 
SER 'L-peptide linking' y SERINE ?                                   'C3 H7 N O3'     105.093 
THR 'L-peptide linking' y THREONINE ?                                   'C4 H9 N O3'     119.119 
TRP 'L-peptide linking' y TRYPTOPHAN ?                                   'C11 H12 N2 O2'  204.225 
TYR 'L-peptide linking' y TYROSINE ?                                   'C9 H11 N O3'    181.189 
VAL 'L-peptide linking' y VALINE ?                                   'C5 H11 N O2'    117.146 
# 
_exptl.entry_id          4Q5M 
_exptl.method            'X-RAY DIFFRACTION' 
_exptl.crystals_number   1 
# 
_exptl_crystal.id                    1 
_exptl_crystal.density_meas          ? 
_exptl_crystal.density_Matthews      2.15 
_exptl_crystal.density_percent_sol   42.71 
_exptl_crystal.description           ? 
_exptl_crystal.F_000                 ? 
_exptl_crystal.preparation           ? 
# 
_exptl_crystal_grow.crystal_id      1 
_exptl_crystal_grow.method          'VAPOR DIFFUSION, HANGING DROP' 
_exptl_crystal_grow.temp            298 
_exptl_crystal_grow.temp_details    ? 
_exptl_crystal_grow.pH              6.2 
_exptl_crystal_grow.pdbx_details    
'1-5% SATURATED AMMONIUM SULFATE, 200/100MM PHOSPHATE/CITRATE BUFFER, pH 6.2, VAPOR DIFFUSION, HANGING DROP, temperature 298K' 
_exptl_crystal_grow.pdbx_pH_range   . 
# 
_diffrn.id                     1 
_diffrn.ambient_temp           100 
_diffrn.ambient_temp_details   ? 
_diffrn.crystal_id             1 
# 
_diffrn_detector.diffrn_id              1 
_diffrn_detector.detector               CCD 
_diffrn_detector.type                   'ADSC QUANTUM 315r' 
_diffrn_detector.pdbx_collection_date   ? 
_diffrn_detector.details                ? 
# 
_diffrn_radiation.diffrn_id                        1 
_diffrn_radiation.wavelength_id                    1 
_diffrn_radiation.pdbx_monochromatic_or_laue_m_l   M 
_diffrn_radiation.monochromator                    ? 
_diffrn_radiation.pdbx_diffrn_protocol             'SINGLE WAVELENGTH' 
_diffrn_radiation.pdbx_scattering_type             x-ray 
# 
_diffrn_radiation_wavelength.id           1 
_diffrn_radiation_wavelength.wavelength   0.934 
_diffrn_radiation_wavelength.wt           1.0 
# 
_diffrn_source.diffrn_id                   1 
_diffrn_source.source                      SYNCHROTRON 
_diffrn_source.type                        'ESRF BEAMLINE BM30A' 
_diffrn_source.pdbx_synchrotron_site       ESRF 
_diffrn_source.pdbx_synchrotron_beamline   BM30A 
_diffrn_source.pdbx_wavelength             ? 
_diffrn_source.pdbx_wavelength_list        0.934 
# 
_reflns.entry_id                     4Q5M 
_reflns.observed_criterion_sigma_I   ? 
_reflns.observed_criterion_sigma_F   ? 
_reflns.d_resolution_low             45.426 
_reflns.d_resolution_high            1.79 
_reflns.number_obs                   17150 
_reflns.number_all                   17298 
_reflns.percent_possible_obs         99.1 
_reflns.pdbx_Rmerge_I_obs            0.055 
_reflns.pdbx_Rsym_value              ? 
_reflns.pdbx_netI_over_sigmaI        16.6 
_reflns.B_iso_Wilson_estimate        ? 
_reflns.pdbx_redundancy              3.9 
_reflns.R_free_details               ? 
_reflns.limit_h_max                  ? 
_reflns.limit_h_min                  ? 
_reflns.limit_k_max                  ? 
_reflns.limit_k_min                  ? 
_reflns.limit_l_max                  ? 
_reflns.limit_l_min                  ? 
_reflns.observed_criterion_F_max     ? 
_reflns.observed_criterion_F_min     ? 
_reflns.pdbx_chi_squared             ? 
_reflns.pdbx_scaling_rejects         ? 
_reflns.pdbx_ordinal                 1 
_reflns.pdbx_diffrn_id               1 
# 
_reflns_shell.d_res_high                  1.79 
_reflns_shell.d_res_low                   1.90 
_reflns_shell.percent_possible_all        98.2 
_reflns_shell.Rmerge_I_obs                0.56 
_reflns_shell.pdbx_Rsym_value             ? 
_reflns_shell.meanI_over_sigI_obs         2.4 
_reflns_shell.pdbx_redundancy             3.8 
_reflns_shell.percent_possible_obs        ? 
_reflns_shell.number_unique_all           2740 
_reflns_shell.number_measured_all         ? 
_reflns_shell.number_measured_obs         ? 
_reflns_shell.number_unique_obs           ? 
_reflns_shell.pdbx_chi_squared            ? 
_reflns_shell.pdbx_rejects                ? 
_reflns_shell.pdbx_netI_over_sigmaI_obs   ? 
_reflns_shell.number_possible             ? 
_reflns_shell.Rmerge_F_all                ? 
_reflns_shell.Rmerge_F_obs                ? 
_reflns_shell.Rmerge_I_all                ? 
_reflns_shell.meanI_over_sigI_all         ? 
_reflns_shell.pdbx_Rrim_I_all             ? 
_reflns_shell.pdbx_Rpim_I_all             ? 
_reflns_shell.pdbx_ordinal                1 
_reflns_shell.pdbx_diffrn_id              1 
# 
_refine.entry_id                                 4Q5M 
_refine.ls_number_reflns_obs                     17148 
_refine.ls_number_reflns_all                     17297 
_refine.pdbx_ls_sigma_I                          ? 
_refine.pdbx_ls_sigma_F                          1.35 
_refine.pdbx_data_cutoff_high_absF               ? 
_refine.pdbx_data_cutoff_low_absF                ? 
_refine.pdbx_data_cutoff_high_rms_absF           ? 
_refine.ls_d_res_low                             45.4 
_refine.ls_d_res_high                            1.795 
_refine.ls_percent_reflns_obs                    99.14 
_refine.ls_R_factor_obs                          0.2076 
_refine.ls_R_factor_all                          0.2076 
_refine.ls_R_factor_R_work                       0.2061 
_refine.ls_R_factor_R_free                       0.2347 
_refine.ls_R_factor_R_free_error                 ? 
_refine.ls_R_factor_R_free_error_details         ? 
_refine.ls_percent_reflns_R_free                 5.00 
_refine.ls_number_reflns_R_free                  858 
_refine.ls_number_parameters                     ? 
_refine.ls_number_restraints                     ? 
_refine.occupancy_min                            ? 
_refine.occupancy_max                            ? 
_refine.correlation_coeff_Fo_to_Fc               ? 
_refine.correlation_coeff_Fo_to_Fc_free          ? 
_refine.B_iso_mean                               ? 
_refine.aniso_B[1][1]                            ? 
_refine.aniso_B[2][2]                            ? 
_refine.aniso_B[3][3]                            ? 
_refine.aniso_B[1][2]                            ? 
_refine.aniso_B[1][3]                            ? 
_refine.aniso_B[2][3]                            ? 
_refine.solvent_model_details                    'FLAT BULK SOLVENT MODEL' 
_refine.solvent_model_param_ksol                 ? 
_refine.solvent_model_param_bsol                 ? 
_refine.pdbx_solvent_vdw_probe_radii             1.11 
_refine.pdbx_solvent_ion_probe_radii             ? 
_refine.pdbx_solvent_shrinkage_radii             0.90 
_refine.pdbx_ls_cross_valid_method               ? 
_refine.details                                  ? 
_refine.pdbx_starting_model                      1LV1 
_refine.pdbx_method_to_determine_struct          'FOURIER SYNTHESIS' 
_refine.pdbx_isotropic_thermal_model             ? 
_refine.pdbx_stereochemistry_target_values       ML 
_refine.pdbx_stereochem_target_val_spec_case     ? 
_refine.pdbx_R_Free_selection_details            RANDOM 
_refine.pdbx_overall_ESU_R                       ? 
_refine.pdbx_overall_ESU_R_Free                  ? 
_refine.overall_SU_ML                            0.22 
_refine.pdbx_overall_phase_error                 27.56 
_refine.overall_SU_B                             ? 
_refine.overall_SU_R_Cruickshank_DPI             ? 
_refine.ls_redundancy_reflns_obs                 ? 
_refine.B_iso_min                                ? 
_refine.B_iso_max                                ? 
_refine.overall_SU_R_free                        ? 
_refine.ls_wR_factor_R_free                      ? 
_refine.ls_wR_factor_R_work                      ? 
_refine.overall_FOM_free_R_set                   ? 
_refine.overall_FOM_work_R_set                   ? 
_refine.pdbx_diffrn_id                           1 
_refine.pdbx_refine_id                           'X-RAY DIFFRACTION' 
_refine.pdbx_TLS_residual_ADP_flag               ? 
_refine.pdbx_overall_SU_R_free_Cruickshank_DPI   ? 
_refine.pdbx_overall_SU_R_Blow_DPI               ? 
_refine.pdbx_overall_SU_R_free_Blow_DPI          ? 
# 
_refine_hist.pdbx_refine_id                   'X-RAY DIFFRACTION' 
_refine_hist.cycle_id                         LAST 
_refine_hist.pdbx_number_atoms_protein        1514 
_refine_hist.pdbx_number_atoms_nucleic_acid   0 
_refine_hist.pdbx_number_atoms_ligand         49 
_refine_hist.number_atoms_solvent             93 
_refine_hist.number_atoms_total               1656 
_refine_hist.d_res_high                       1.795 
_refine_hist.d_res_low                        45.4 
# 
loop_
_refine_ls_restr.type 
_refine_ls_restr.dev_ideal 
_refine_ls_restr.dev_ideal_target 
_refine_ls_restr.weight 
_refine_ls_restr.number 
_refine_ls_restr.pdbx_restraint_function 
_refine_ls_restr.pdbx_refine_id 
f_bond_d           0.007  ? ? 1665 ? 'X-RAY DIFFRACTION' 
f_angle_d          1.095  ? ? 2267 ? 'X-RAY DIFFRACTION' 
f_dihedral_angle_d 13.573 ? ? 635  ? 'X-RAY DIFFRACTION' 
f_chiral_restr     0.069  ? ? 270  ? 'X-RAY DIFFRACTION' 
f_plane_restr      0.005  ? ? 276  ? 'X-RAY DIFFRACTION' 
# 
loop_
_refine_ls_shell.pdbx_refine_id 
_refine_ls_shell.pdbx_total_number_of_bins_used 
_refine_ls_shell.d_res_high 
_refine_ls_shell.d_res_low 
_refine_ls_shell.number_reflns_R_work 
_refine_ls_shell.R_factor_R_work 
_refine_ls_shell.percent_reflns_obs 
_refine_ls_shell.R_factor_R_free 
_refine_ls_shell.R_factor_R_free_error 
_refine_ls_shell.percent_reflns_R_free 
_refine_ls_shell.number_reflns_R_free 
_refine_ls_shell.number_reflns_all 
_refine_ls_shell.R_factor_all 
_refine_ls_shell.number_reflns_obs 
_refine_ls_shell.redundancy_reflns_obs 
'X-RAY DIFFRACTION' 6 1.7950 1.9074  2678 0.2676 98.00  0.3374 . . 141 . . . . 
'X-RAY DIFFRACTION' 6 1.9074 2.0547  2705 0.2318 99.00  0.2907 . . 142 . . . . 
'X-RAY DIFFRACTION' 6 2.0547 2.2615  2709 0.2236 99.00  0.2780 . . 143 . . . . 
'X-RAY DIFFRACTION' 6 2.2615 2.5887  2727 0.2191 99.00  0.2444 . . 143 . . . . 
'X-RAY DIFFRACTION' 6 2.5887 3.2613  2735 0.2162 100.00 0.2240 . . 144 . . . . 
'X-RAY DIFFRACTION' 6 3.2613 45.4405 2736 0.1777 99.00  0.1998 . . 145 . . . . 
# 
_struct.entry_id                  4Q5M 
_struct.title                     'D30N tethered HIV-1 protease dimer/saquinavir complex' 
_struct.pdbx_model_details        ? 
_struct.pdbx_CASP_flag            ? 
_struct.pdbx_model_type_details   ? 
# 
_struct_keywords.entry_id        4Q5M 
_struct_keywords.pdbx_keywords   'HYDROLASE/HYDROLASE INHIBITOR' 
_struct_keywords.text            'HYDROLASE-HYDROLASE INHIBITOR complex' 
# 
loop_
_struct_asym.id 
_struct_asym.pdbx_blank_PDB_chainid_flag 
_struct_asym.pdbx_modified 
_struct_asym.entity_id 
_struct_asym.details 
A N N 1 ? 
B N N 2 ? 
C N N 3 ? 
# 
_struct_biol.id        1 
_struct_biol.details   ? 
# 
loop_
_struct_conf.conf_type_id 
_struct_conf.id 
_struct_conf.pdbx_PDB_helix_id 
_struct_conf.beg_label_comp_id 
_struct_conf.beg_label_asym_id 
_struct_conf.beg_label_seq_id 
_struct_conf.pdbx_beg_PDB_ins_code 
_struct_conf.end_label_comp_id 
_struct_conf.end_label_asym_id 
_struct_conf.end_label_seq_id 
_struct_conf.pdbx_end_PDB_ins_code 
_struct_conf.beg_auth_comp_id 
_struct_conf.beg_auth_asym_id 
_struct_conf.beg_auth_seq_id 
_struct_conf.end_auth_comp_id 
_struct_conf.end_auth_asym_id 
_struct_conf.end_auth_seq_id 
_struct_conf.pdbx_PDB_helix_class 
_struct_conf.details 
_struct_conf.pdbx_PDB_helix_length 
HELX_P HELX_P1 1 GLY A 86  ? THR A 91  ? GLY A 86   THR A 91   1 ? 6 
HELX_P HELX_P2 2 GLN A 92  ? GLY A 94  ? GLN A 92   GLY A 94   5 ? 3 
HELX_P HELX_P3 3 GLY A 190 ? THR A 195 ? GLY A 1086 THR A 1091 1 ? 6 
HELX_P HELX_P4 4 GLN A 196 ? GLY A 198 ? GLN A 1092 GLY A 1094 5 ? 3 
# 
_struct_conf_type.id          HELX_P 
_struct_conf_type.criteria    ? 
_struct_conf_type.reference   ? 
# 
loop_
_struct_sheet.id 
_struct_sheet.type 
_struct_sheet.number_strands 
_struct_sheet.details 
A ? 3 ? 
B ? 8 ? 
C ? 8 ? 
# 
loop_
_struct_sheet_order.sheet_id 
_struct_sheet_order.range_id_1 
_struct_sheet_order.range_id_2 
_struct_sheet_order.offset 
_struct_sheet_order.sense 
A 1 2 ? anti-parallel 
A 2 3 ? anti-parallel 
B 1 2 ? anti-parallel 
B 2 3 ? anti-parallel 
B 3 4 ? parallel      
B 4 5 ? anti-parallel 
B 5 6 ? parallel      
B 6 7 ? anti-parallel 
B 7 8 ? anti-parallel 
C 1 2 ? anti-parallel 
C 2 3 ? anti-parallel 
C 3 4 ? parallel      
C 4 5 ? anti-parallel 
C 5 6 ? parallel      
C 6 7 ? anti-parallel 
C 7 8 ? anti-parallel 
# 
loop_
_struct_sheet_range.sheet_id 
_struct_sheet_range.id 
_struct_sheet_range.beg_label_comp_id 
_struct_sheet_range.beg_label_asym_id 
_struct_sheet_range.beg_label_seq_id 
_struct_sheet_range.pdbx_beg_PDB_ins_code 
_struct_sheet_range.end_label_comp_id 
_struct_sheet_range.end_label_asym_id 
_struct_sheet_range.end_label_seq_id 
_struct_sheet_range.pdbx_end_PDB_ins_code 
_struct_sheet_range.beg_auth_comp_id 
_struct_sheet_range.beg_auth_asym_id 
_struct_sheet_range.beg_auth_seq_id 
_struct_sheet_range.end_auth_comp_id 
_struct_sheet_range.end_auth_asym_id 
_struct_sheet_range.end_auth_seq_id 
A 1 GLN A 2   ? VAL A 3   ? GLN A 2    VAL A 3    
A 2 THR A 200 ? ASN A 202 ? THR A 1096 ASN A 1098 
A 3 THR A 96  ? ASN A 98  ? THR A 96   ASN A 98   
B 1 LYS A 43  ? GLY A 49  ? LYS A 43   GLY A 49   
B 2 GLY A 52  ? ILE A 66  ? GLY A 52   ILE A 66   
B 3 HIS A 69  ? VAL A 77  ? HIS A 69   VAL A 77   
B 4 VAL A 32  ? LEU A 33  ? VAL A 32   LEU A 33   
B 5 ILE A 84  ? ILE A 85  ? ILE A 84   ILE A 85   
B 6 GLN A 18  ? LEU A 24  ? GLN A 18   LEU A 24   
B 7 LEU A 10  ? ILE A 15  ? LEU A 10   ILE A 15   
B 8 GLY A 52  ? ILE A 66  ? GLY A 52   ILE A 66   
C 1 LYS A 147 ? GLY A 153 ? LYS A 1043 GLY A 1049 
C 2 GLY A 156 ? ILE A 170 ? GLY A 1052 ILE A 1066 
C 3 HIS A 173 ? VAL A 181 ? HIS A 1069 VAL A 1077 
C 4 VAL A 136 ? LEU A 137 ? VAL A 1032 LEU A 1033 
C 5 ILE A 188 ? ILE A 189 ? ILE A 1084 ILE A 1085 
C 6 GLN A 122 ? LEU A 128 ? GLN A 1018 LEU A 1024 
C 7 LEU A 114 ? ILE A 119 ? LEU A 1010 ILE A 1015 
C 8 GLY A 156 ? ILE A 170 ? GLY A 1052 ILE A 1066 
# 
loop_
_pdbx_struct_sheet_hbond.sheet_id 
_pdbx_struct_sheet_hbond.range_id_1 
_pdbx_struct_sheet_hbond.range_id_2 
_pdbx_struct_sheet_hbond.range_1_label_atom_id 
_pdbx_struct_sheet_hbond.range_1_label_comp_id 
_pdbx_struct_sheet_hbond.range_1_label_asym_id 
_pdbx_struct_sheet_hbond.range_1_label_seq_id 
_pdbx_struct_sheet_hbond.range_1_PDB_ins_code 
_pdbx_struct_sheet_hbond.range_1_auth_atom_id 
_pdbx_struct_sheet_hbond.range_1_auth_comp_id 
_pdbx_struct_sheet_hbond.range_1_auth_asym_id 
_pdbx_struct_sheet_hbond.range_1_auth_seq_id 
_pdbx_struct_sheet_hbond.range_2_label_atom_id 
_pdbx_struct_sheet_hbond.range_2_label_comp_id 
_pdbx_struct_sheet_hbond.range_2_label_asym_id 
_pdbx_struct_sheet_hbond.range_2_label_seq_id 
_pdbx_struct_sheet_hbond.range_2_PDB_ins_code 
_pdbx_struct_sheet_hbond.range_2_auth_atom_id 
_pdbx_struct_sheet_hbond.range_2_auth_comp_id 
_pdbx_struct_sheet_hbond.range_2_auth_asym_id 
_pdbx_struct_sheet_hbond.range_2_auth_seq_id 
A 1 2 N VAL A 3   ? N VAL A 3    O LEU A 201 ? O LEU A 1097 
A 2 3 O THR A 200 ? O THR A 1096 N ASN A 98  ? N ASN A 98   
B 1 2 N LYS A 43  ? N LYS A 43   O GLN A 58  ? O GLN A 58   
B 2 3 N ILE A 66  ? N ILE A 66   O HIS A 69  ? O HIS A 69   
B 3 4 O LEU A 76  ? O LEU A 76   N LEU A 33  ? N LEU A 33   
B 4 5 N VAL A 32  ? N VAL A 32   O ILE A 84  ? O ILE A 84   
B 5 6 O ILE A 85  ? O ILE A 85   N LEU A 23  ? N LEU A 23   
B 6 7 O LYS A 20  ? O LYS A 20   N ILE A 13  ? N ILE A 13   
B 7 8 N LYS A 14  ? N LYS A 14   O GLU A 65  ? O GLU A 65   
C 1 2 N LYS A 149 ? N LYS A 1045 O VAL A 160 ? O VAL A 1056 
C 2 3 N ILE A 170 ? N ILE A 1066 O HIS A 173 ? O HIS A 1069 
C 3 4 O LEU A 180 ? O LEU A 1076 N LEU A 137 ? N LEU A 1033 
C 4 5 N VAL A 136 ? N VAL A 1032 O ILE A 188 ? O ILE A 1084 
C 5 6 O ILE A 189 ? O ILE A 1085 N LEU A 127 ? N LEU A 1023 
C 6 7 O LYS A 124 ? O LYS A 1020 N ILE A 117 ? N ILE A 1013 
C 7 8 N LYS A 118 ? N LYS A 1014 O GLU A 169 ? O GLU A 1065 
# 
_struct_site.id                   AC1 
_struct_site.pdbx_evidence_code   Software 
_struct_site.pdbx_auth_asym_id    A 
_struct_site.pdbx_auth_comp_id    ROC 
_struct_site.pdbx_auth_seq_id     1101 
_struct_site.pdbx_auth_ins_code   ? 
_struct_site.pdbx_num_residues    26 
_struct_site.details              'BINDING SITE FOR RESIDUE ROC A 1101' 
# 
loop_
_struct_site_gen.id 
_struct_site_gen.site_id 
_struct_site_gen.pdbx_num_res 
_struct_site_gen.label_comp_id 
_struct_site_gen.label_asym_id 
_struct_site_gen.label_seq_id 
_struct_site_gen.pdbx_auth_ins_code 
_struct_site_gen.auth_comp_id 
_struct_site_gen.auth_asym_id 
_struct_site_gen.auth_seq_id 
_struct_site_gen.label_atom_id 
_struct_site_gen.label_alt_id 
_struct_site_gen.symmetry 
_struct_site_gen.details 
1  AC1 26 ARG A 8   ? ARG A 8    . ? 1_555 ? 
2  AC1 26 ASP A 25  ? ASP A 25   . ? 1_555 ? 
3  AC1 26 GLY A 27  ? GLY A 27   . ? 1_555 ? 
4  AC1 26 ALA A 28  ? ALA A 28   . ? 1_555 ? 
5  AC1 26 ASP A 29  ? ASP A 29   . ? 1_555 ? 
6  AC1 26 ASN A 30  ? ASN A 30   . ? 1_555 ? 
7  AC1 26 GLY A 48  ? GLY A 48   . ? 1_555 ? 
8  AC1 26 GLY A 49  ? GLY A 49   . ? 1_555 ? 
9  AC1 26 ILE A 50  ? ILE A 50   . ? 1_555 ? 
10 AC1 26 THR A 80  ? THR A 80   . ? 1_555 ? 
11 AC1 26 PRO A 81  ? PRO A 81   . ? 1_555 ? 
12 AC1 26 VAL A 82  ? VAL A 82   . ? 1_555 ? 
13 AC1 26 ILE A 84  ? ILE A 84   . ? 1_555 ? 
14 AC1 26 ARG A 112 ? ARG A 1008 . ? 1_555 ? 
15 AC1 26 ASP A 129 ? ASP A 1025 . ? 1_555 ? 
16 AC1 26 GLY A 131 ? GLY A 1027 . ? 1_555 ? 
17 AC1 26 ALA A 132 ? ALA A 1028 . ? 1_555 ? 
18 AC1 26 ASP A 133 ? ASP A 1029 . ? 1_555 ? 
19 AC1 26 ASN A 134 ? ASN A 1030 . ? 1_555 ? 
20 AC1 26 GLY A 152 ? GLY A 1048 . ? 1_555 ? 
21 AC1 26 GLY A 153 ? GLY A 1049 . ? 1_555 ? 
22 AC1 26 ILE A 154 ? ILE A 1050 . ? 1_555 ? 
23 AC1 26 PRO A 185 ? PRO A 1081 . ? 1_555 ? 
24 AC1 26 VAL A 186 ? VAL A 1082 . ? 1_555 ? 
25 AC1 26 ILE A 188 ? ILE A 1084 . ? 1_555 ? 
26 AC1 26 HOH C .   ? HOH A 1201 . ? 1_555 ? 
# 
_atom_sites.entry_id                    4Q5M 
_atom_sites.fract_transf_matrix[1][1]   0.00312627 
_atom_sites.fract_transf_matrix[1][2]   -0.01582483 
_atom_sites.fract_transf_matrix[1][3]   -0.00880024 
_atom_sites.fract_transf_matrix[2][1]   -0.00109025 
_atom_sites.fract_transf_matrix[2][2]   -0.01593548 
_atom_sites.fract_transf_matrix[2][3]   0.00908364 
_atom_sites.fract_transf_matrix[3][1]   -0.01177398 
_atom_sites.fract_transf_matrix[3][2]   -0.00077959 
_atom_sites.fract_transf_matrix[3][3]   -0.00278080 
_atom_sites.fract_transf_vector[1]      0.000102 
_atom_sites.fract_transf_vector[2]      0.369246 
_atom_sites.fract_transf_vector[3]      0.335677 
# 
loop_
_atom_type.symbol 
C 
N 
O 
S 
# 
loop_
_atom_site.group_PDB 
_atom_site.id 
_atom_site.type_symbol 
_atom_site.label_atom_id 
_atom_site.label_alt_id 
_atom_site.label_comp_id 
_atom_site.label_asym_id 
_atom_site.label_entity_id 
_atom_site.label_seq_id 
_atom_site.pdbx_PDB_ins_code 
_atom_site.Cartn_x 
_atom_site.Cartn_y 
_atom_site.Cartn_z 
_atom_site.occupancy 
_atom_site.B_iso_or_equiv 
_atom_site.pdbx_formal_charge 
_atom_site.auth_seq_id 
_atom_site.auth_comp_id 
_atom_site.auth_asym_id 
_atom_site.auth_atom_id 
_atom_site.pdbx_PDB_model_num 
ATOM   1    N N   . PRO A 1 1   ? -0.912  -1.117  19.532  1.00 38.14  ? 1    PRO A N   1 
ATOM   2    C CA  . PRO A 1 1   ? -2.341  -1.155  19.223  1.00 32.92  ? 1    PRO A CA  1 
ATOM   3    C C   . PRO A 1 1   ? -2.697  -2.029  18.020  1.00 37.32  ? 1    PRO A C   1 
ATOM   4    O O   . PRO A 1 1   ? -1.844  -2.406  17.212  1.00 29.87  ? 1    PRO A O   1 
ATOM   5    C CB  . PRO A 1 1   ? -2.653  0.301   18.884  1.00 33.11  ? 1    PRO A CB  1 
ATOM   6    C CG  . PRO A 1 1   ? -1.383  0.824   18.344  1.00 48.23  ? 1    PRO A CG  1 
ATOM   7    C CD  . PRO A 1 1   ? -0.316  0.184   19.178  1.00 38.50  ? 1    PRO A CD  1 
ATOM   8    N N   . GLN A 1 2   ? -3.980  -2.346  17.922  1.00 33.05  ? 2    GLN A N   1 
ATOM   9    C CA  . GLN A 1 2   ? -4.523  -3.060  16.781  1.00 33.39  ? 2    GLN A CA  1 
ATOM   10   C C   . GLN A 1 2   ? -5.304  -2.039  15.970  1.00 37.78  ? 2    GLN A C   1 
ATOM   11   O O   . GLN A 1 2   ? -5.906  -1.128  16.530  1.00 43.96  ? 2    GLN A O   1 
ATOM   12   C CB  . GLN A 1 2   ? -5.429  -4.204  17.248  1.00 25.78  ? 2    GLN A CB  1 
ATOM   13   C CG  . GLN A 1 2   ? -6.269  -4.834  16.124  1.00 36.84  ? 2    GLN A CG  1 
ATOM   14   C CD  . GLN A 1 2   ? -6.865  -6.178  16.504  1.00 40.09  ? 2    GLN A CD  1 
ATOM   15   O OE1 . GLN A 1 2   ? -6.237  -7.225  16.323  1.00 42.49  ? 2    GLN A OE1 1 
ATOM   16   N NE2 . GLN A 1 2   ? -8.090  -6.158  17.020  1.00 46.59  ? 2    GLN A NE2 1 
ATOM   17   N N   . VAL A 1 3   ? -5.273  -2.175  14.651  1.00 26.32  ? 3    VAL A N   1 
ATOM   18   C CA  . VAL A 1 3   ? -5.883  -1.197  13.764  1.00 30.42  ? 3    VAL A CA  1 
ATOM   19   C C   . VAL A 1 3   ? -6.743  -1.894  12.704  1.00 33.64  ? 3    VAL A C   1 
ATOM   20   O O   . VAL A 1 3   ? -6.230  -2.724  11.958  1.00 25.02  ? 3    VAL A O   1 
ATOM   21   C CB  . VAL A 1 3   ? -4.780  -0.408  13.031  1.00 32.28  ? 3    VAL A CB  1 
ATOM   22   C CG1 . VAL A 1 3   ? -5.380  0.570   12.056  1.00 23.72  ? 3    VAL A CG1 1 
ATOM   23   C CG2 . VAL A 1 3   ? -3.882  0.310   14.031  1.00 47.54  ? 3    VAL A CG2 1 
ATOM   24   N N   . THR A 1 4   ? -8.035  -1.572  12.629  1.00 28.44  ? 4    THR A N   1 
ATOM   25   C CA  . THR A 1 4   ? -8.879  -2.096  11.544  1.00 29.17  ? 4    THR A CA  1 
ATOM   26   C C   . THR A 1 4   ? -8.749  -1.200  10.307  1.00 30.60  ? 4    THR A C   1 
ATOM   27   O O   . THR A 1 4   ? -8.077  -0.173  10.354  1.00 21.93  ? 4    THR A O   1 
ATOM   28   C CB  . THR A 1 4   ? -10.354 -2.227  11.954  1.00 32.04  ? 4    THR A CB  1 
ATOM   29   O OG1 . THR A 1 4   ? -10.829 -0.963  12.438  1.00 36.06  ? 4    THR A OG1 1 
ATOM   30   C CG2 . THR A 1 4   ? -10.520 -3.285  13.048  1.00 34.53  ? 4    THR A CG2 1 
ATOM   31   N N   . LEU A 1 5   ? -9.391  -1.576  9.202   1.00 17.03  ? 5    LEU A N   1 
ATOM   32   C CA  . LEU A 1 5   ? -9.105  -0.925  7.923   1.00 20.80  ? 5    LEU A CA  1 
ATOM   33   C C   . LEU A 1 5   ? -10.321 -0.255  7.265   1.00 23.25  ? 5    LEU A C   1 
ATOM   34   O O   . LEU A 1 5   ? -10.316 0.031   6.060   1.00 15.00  ? 5    LEU A O   1 
ATOM   35   C CB  . LEU A 1 5   ? -8.438  -1.919  6.957   1.00 18.90  ? 5    LEU A CB  1 
ATOM   36   C CG  . LEU A 1 5   ? -7.067  -2.419  7.444   1.00 20.76  ? 5    LEU A CG  1 
ATOM   37   C CD1 . LEU A 1 5   ? -6.606  -3.615  6.633   1.00 22.48  ? 5    LEU A CD1 1 
ATOM   38   C CD2 . LEU A 1 5   ? -6.010  -1.282  7.408   1.00 15.76  ? 5    LEU A CD2 1 
ATOM   39   N N   . TRP A 1 6   ? -11.351 0.007   8.066   1.00 22.66  ? 6    TRP A N   1 
ATOM   40   C CA  . TRP A 1 6   ? -12.536 0.711   7.583   1.00 22.92  ? 6    TRP A CA  1 
ATOM   41   C C   . TRP A 1 6   ? -12.193 2.145   7.182   1.00 22.37  ? 6    TRP A C   1 
ATOM   42   O O   . TRP A 1 6   ? -12.859 2.744   6.345   1.00 24.29  ? 6    TRP A O   1 
ATOM   43   C CB  . TRP A 1 6   ? -13.642 0.664   8.645   1.00 23.44  ? 6    TRP A CB  1 
ATOM   44   C CG  . TRP A 1 6   ? -13.938 -0.755  9.050   1.00 18.62  ? 6    TRP A CG  1 
ATOM   45   C CD1 . TRP A 1 6   ? -13.360 -1.457  10.069  1.00 28.09  ? 6    TRP A CD1 1 
ATOM   46   C CD2 . TRP A 1 6   ? -14.847 -1.657  8.409   1.00 17.24  ? 6    TRP A CD2 1 
ATOM   47   N NE1 . TRP A 1 6   ? -13.865 -2.733  10.113  1.00 29.24  ? 6    TRP A NE1 1 
ATOM   48   C CE2 . TRP A 1 6   ? -14.779 -2.881  9.103   1.00 31.07  ? 6    TRP A CE2 1 
ATOM   49   C CE3 . TRP A 1 6   ? -15.713 -1.546  7.319   1.00 20.96  ? 6    TRP A CE3 1 
ATOM   50   C CZ2 . TRP A 1 6   ? -15.548 -3.988  8.741   1.00 37.40  ? 6    TRP A CZ2 1 
ATOM   51   C CZ3 . TRP A 1 6   ? -16.473 -2.641  6.961   1.00 23.93  ? 6    TRP A CZ3 1 
ATOM   52   C CH2 . TRP A 1 6   ? -16.385 -3.846  7.667   1.00 27.10  ? 6    TRP A CH2 1 
ATOM   53   N N   . GLN A 1 7   ? -11.120 2.678   7.761   1.00 17.23  ? 7    GLN A N   1 
ATOM   54   C CA  . GLN A 1 7   ? -10.584 3.976   7.363   1.00 11.53  ? 7    GLN A CA  1 
ATOM   55   C C   . GLN A 1 7   ? -9.093  3.839   7.049   1.00 16.30  ? 7    GLN A C   1 
ATOM   56   O O   . GLN A 1 7   ? -8.478  2.847   7.445   1.00 17.71  ? 7    GLN A O   1 
ATOM   57   C CB  . GLN A 1 7   ? -10.754 4.955   8.525   1.00 18.18  ? 7    GLN A CB  1 
ATOM   58   C CG  . GLN A 1 7   ? -12.196 5.106   8.993   1.00 27.58  ? 7    GLN A CG  1 
ATOM   59   C CD  . GLN A 1 7   ? -13.062 5.875   8.013   1.00 39.32  ? 7    GLN A CD  1 
ATOM   60   O OE1 . GLN A 1 7   ? -12.566 6.738   7.285   1.00 33.74  ? 7    GLN A OE1 1 
ATOM   61   N NE2 . GLN A 1 7   ? -14.371 5.573   7.993   1.00 27.46  ? 7    GLN A NE2 1 
ATOM   62   N N   . ARG A 1 8   ? -8.510  4.810   6.355   1.00 15.98  ? 8    ARG A N   1 
ATOM   63   C CA  . ARG A 1 8   ? -7.050  4.757   6.121   1.00 22.15  ? 8    ARG A CA  1 
ATOM   64   C C   . ARG A 1 8   ? -6.288  4.671   7.441   1.00 19.37  ? 8    ARG A C   1 
ATOM   65   O O   . ARG A 1 8   ? -6.588  5.400   8.384   1.00 17.47  ? 8    ARG A O   1 
ATOM   66   C CB  . ARG A 1 8   ? -6.555  5.958   5.319   1.00 16.63  ? 8    ARG A CB  1 
ATOM   67   C CG  . ARG A 1 8   ? -7.011  5.961   3.887   1.00 31.59  ? 8    ARG A CG  1 
ATOM   68   C CD  . ARG A 1 8   ? -6.466  7.143   3.118   1.00 27.31  ? 8    ARG A CD  1 
ATOM   69   N NE  . ARG A 1 8   ? -7.149  7.218   1.832   1.00 48.08  ? 8    ARG A NE  1 
ATOM   70   C CZ  . ARG A 1 8   ? -7.225  8.305   1.075   1.00 48.73  ? 8    ARG A CZ  1 
ATOM   71   N NH1 . ARG A 1 8   ? -6.661  9.442   1.469   1.00 49.00  ? 8    ARG A NH1 1 
ATOM   72   N NH2 . ARG A 1 8   ? -7.881  8.249   -0.075  1.00 27.83  ? 8    ARG A NH2 1 
ATOM   73   N N   . PRO A 1 9   ? -5.313  3.751   7.524   1.00 18.20  ? 9    PRO A N   1 
ATOM   74   C CA  . PRO A 1 9   ? -4.520  3.564   8.742   1.00 17.20  ? 9    PRO A CA  1 
ATOM   75   C C   . PRO A 1 9   ? -3.447  4.641   8.879   1.00 18.65  ? 9    PRO A C   1 
ATOM   76   O O   . PRO A 1 9   ? -2.288  4.464   8.495   1.00 13.73  ? 9    PRO A O   1 
ATOM   77   C CB  . PRO A 1 9   ? -3.912  2.167   8.546   1.00 14.11  ? 9    PRO A CB  1 
ATOM   78   C CG  . PRO A 1 9   ? -3.804  2.025   7.080   1.00 14.61  ? 9    PRO A CG  1 
ATOM   79   C CD  . PRO A 1 9   ? -5.051  2.686   6.533   1.00 17.99  ? 9    PRO A CD  1 
ATOM   80   N N   . LEU A 1 10  ? -3.850  5.786   9.418   1.00 13.38  ? 10   LEU A N   1 
ATOM   81   C CA  . LEU A 1 10  ? -2.930  6.916   9.570   1.00 17.50  ? 10   LEU A CA  1 
ATOM   82   C C   . LEU A 1 10  ? -2.290  6.913   10.948  1.00 21.86  ? 10   LEU A C   1 
ATOM   83   O O   . LEU A 1 10  ? -2.916  6.514   11.936  1.00 26.29  ? 10   LEU A O   1 
ATOM   84   C CB  . LEU A 1 10  ? -3.668  8.237   9.330   1.00 20.33  ? 10   LEU A CB  1 
ATOM   85   C CG  . LEU A 1 10  ? -4.249  8.426   7.930   1.00 18.97  ? 10   LEU A CG  1 
ATOM   86   C CD1 . LEU A 1 10  ? -5.068  9.707   7.826   1.00 33.73  ? 10   LEU A CD1 1 
ATOM   87   C CD2 . LEU A 1 10  ? -3.140  8.417   6.908   1.00 24.92  ? 10   LEU A CD2 1 
ATOM   88   N N   . VAL A 1 11  ? -1.034  7.348   11.006  1.00 14.65  ? 11   VAL A N   1 
ATOM   89   C CA  . VAL A 1 11  ? -0.333  7.488   12.261  1.00 11.51  ? 11   VAL A CA  1 
ATOM   90   C C   . VAL A 1 11  ? 0.393   8.821   12.262  1.00 14.82  ? 11   VAL A C   1 
ATOM   91   O O   . VAL A 1 11  ? 0.580   9.441   11.213  1.00 20.66  ? 11   VAL A O   1 
ATOM   92   C CB  . VAL A 1 11  ? 0.722   6.375   12.463  1.00 20.15  ? 11   VAL A CB  1 
ATOM   93   C CG1 . VAL A 1 11  ? 0.047   5.046   12.734  1.00 37.42  ? 11   VAL A CG1 1 
ATOM   94   C CG2 . VAL A 1 11  ? 1.641   6.270   11.241  1.00 17.61  ? 11   VAL A CG2 1 
ATOM   95   N N   . THR A 1 12  ? 0.808   9.245   13.447  1.00 15.93  ? 12   THR A N   1 
ATOM   96   C CA  . THR A 1 12  ? 1.643   10.432  13.586  1.00 11.58  ? 12   THR A CA  1 
ATOM   97   C C   . THR A 1 12  ? 3.113   10.013  13.549  1.00 17.46  ? 12   THR A C   1 
ATOM   98   O O   . THR A 1 12  ? 3.507   9.055   14.208  1.00 19.93  ? 12   THR A O   1 
ATOM   99   C CB  . THR A 1 12  ? 1.346   11.121  14.931  1.00 19.33  ? 12   THR A CB  1 
ATOM   100  O OG1 . THR A 1 12  ? -0.024  11.533  14.948  1.00 22.90  ? 12   THR A OG1 1 
ATOM   101  C CG2 . THR A 1 12  ? 2.228   12.327  15.122  1.00 30.43  ? 12   THR A CG2 1 
ATOM   102  N N   . ILE A 1 13  ? 3.921   10.748  12.798  1.00 17.06  ? 13   ILE A N   1 
ATOM   103  C CA  . ILE A 1 13  ? 5.348   10.490  12.757  1.00 17.80  ? 13   ILE A CA  1 
ATOM   104  C C   . ILE A 1 13  ? 6.106   11.746  13.182  1.00 15.06  ? 13   ILE A C   1 
ATOM   105  O O   . ILE A 1 13  ? 5.583   12.863  13.061  1.00 17.38  ? 13   ILE A O   1 
ATOM   106  C CB  . ILE A 1 13  ? 5.815   10.034  11.362  1.00 19.08  ? 13   ILE A CB  1 
ATOM   107  C CG1 . ILE A 1 13  ? 5.672   11.160  10.342  1.00 18.21  ? 13   ILE A CG1 1 
ATOM   108  C CG2 . ILE A 1 13  ? 5.025   8.780   10.908  1.00 18.25  ? 13   ILE A CG2 1 
ATOM   109  C CD1 . ILE A 1 13  ? 6.249   10.820  8.964   1.00 18.20  ? 13   ILE A CD1 1 
ATOM   110  N N   . LYS A 1 14  ? 7.302   11.563  13.722  1.00 15.77  ? 14   LYS A N   1 
ATOM   111  C CA  . LYS A 1 14  ? 8.194   12.703  13.953  1.00 12.86  ? 14   LYS A CA  1 
ATOM   112  C C   . LYS A 1 14  ? 9.489   12.402  13.230  1.00 20.60  ? 14   LYS A C   1 
ATOM   113  O O   . LYS A 1 14  ? 10.095  11.337  13.405  1.00 18.20  ? 14   LYS A O   1 
ATOM   114  C CB  . LYS A 1 14  ? 8.463   12.961  15.439  1.00 18.16  ? 14   LYS A CB  1 
ATOM   115  C CG  . LYS A 1 14  ? 9.309   14.255  15.681  1.00 13.50  ? 14   LYS A CG  1 
ATOM   116  C CD  . LYS A 1 14  ? 9.560   14.499  17.166  1.00 24.40  ? 14   LYS A CD  1 
ATOM   117  C CE  . LYS A 1 14  ? 10.358  15.783  17.400  1.00 33.28  ? 14   LYS A CE  1 
ATOM   118  N NZ  . LYS A 1 14  ? 10.651  15.966  18.860  1.00 23.54  ? 14   LYS A NZ  1 
ATOM   119  N N   . ILE A 1 15  ? 9.903   13.339  12.402  1.00 13.49  ? 15   ILE A N   1 
ATOM   120  C CA  . ILE A 1 15  ? 11.092  13.151  11.590  1.00 13.66  ? 15   ILE A CA  1 
ATOM   121  C C   . ILE A 1 15  ? 11.692  14.520  11.278  1.00 20.73  ? 15   ILE A C   1 
ATOM   122  O O   . ILE A 1 15  ? 10.973  15.470  10.921  1.00 18.40  ? 15   ILE A O   1 
ATOM   123  C CB  . ILE A 1 15  ? 10.772  12.370  10.295  1.00 18.26  ? 15   ILE A CB  1 
ATOM   124  C CG1 . ILE A 1 15  ? 12.046  12.222  9.435   1.00 26.21  ? 15   ILE A CG1 1 
ATOM   125  C CG2 . ILE A 1 15  ? 9.648   13.068  9.517   1.00 19.11  ? 15   ILE A CG2 1 
ATOM   126  C CD1 . ILE A 1 15  ? 11.896  11.321  8.224   1.00 20.41  ? 15   ILE A CD1 1 
ATOM   127  N N   . GLY A 1 16  ? 13.003  14.633  11.461  1.00 20.49  ? 16   GLY A N   1 
ATOM   128  C CA  . GLY A 1 16  ? 13.704  15.884  11.214  1.00 21.98  ? 16   GLY A CA  1 
ATOM   129  C C   . GLY A 1 16  ? 13.182  17.017  12.075  1.00 17.58  ? 16   GLY A C   1 
ATOM   130  O O   . GLY A 1 16  ? 13.173  18.169  11.643  1.00 20.77  ? 16   GLY A O   1 
ATOM   131  N N   . GLY A 1 17  ? 12.741  16.686  13.291  1.00 15.92  ? 17   GLY A N   1 
ATOM   132  C CA  . GLY A 1 17  ? 12.237  17.678  14.226  1.00 17.99  ? 17   GLY A CA  1 
ATOM   133  C C   . GLY A 1 17  ? 10.802  18.118  13.983  1.00 15.26  ? 17   GLY A C   1 
ATOM   134  O O   . GLY A 1 17  ? 10.308  19.035  14.650  1.00 15.94  ? 17   GLY A O   1 
ATOM   135  N N   . GLN A 1 18  ? 10.134  17.469  13.025  1.00 17.45  ? 18   GLN A N   1 
ATOM   136  C CA  . GLN A 1 18  ? 8.825   17.903  12.547  1.00 15.77  ? 18   GLN A CA  1 
ATOM   137  C C   . GLN A 1 18  ? 7.771   16.810  12.714  1.00 16.00  ? 18   GLN A C   1 
ATOM   138  O O   . GLN A 1 18  ? 8.080   15.633  12.611  1.00 15.13  ? 18   GLN A O   1 
ATOM   139  C CB  . GLN A 1 18  ? 8.924   18.277  11.071  1.00 18.27  ? 18   GLN A CB  1 
ATOM   140  C CG  . GLN A 1 18  ? 9.809   19.482  10.795  1.00 18.29  ? 18   GLN A CG  1 
ATOM   141  C CD  . GLN A 1 18  ? 10.290  19.512  9.363   1.00 25.43  ? 18   GLN A CD  1 
ATOM   142  O OE1 . GLN A 1 18  ? 9.514   19.745  8.448   1.00 24.92  ? 18   GLN A OE1 1 
ATOM   143  N NE2 . GLN A 1 18  ? 11.574  19.246  9.161   1.00 21.96  ? 18   GLN A NE2 1 
ATOM   144  N N   . LEU A 1 19  ? 6.528   17.212  12.958  1.00 14.11  ? 19   LEU A N   1 
ATOM   145  C CA  . LEU A 1 19  ? 5.428   16.263  13.067  1.00 12.15  ? 19   LEU A CA  1 
ATOM   146  C C   . LEU A 1 19  ? 4.631   16.215  11.773  1.00 15.01  ? 19   LEU A C   1 
ATOM   147  O O   . LEU A 1 19  ? 4.304   17.254  11.184  1.00 14.40  ? 19   LEU A O   1 
ATOM   148  C CB  . LEU A 1 19  ? 4.503   16.655  14.219  1.00 17.20  ? 19   LEU A CB  1 
ATOM   149  C CG  . LEU A 1 19  ? 5.196   16.922  15.561  1.00 19.48  ? 19   LEU A CG  1 
ATOM   150  C CD1 . LEU A 1 19  ? 4.211   17.544  16.565  1.00 24.40  ? 19   LEU A CD1 1 
ATOM   151  C CD2 . LEU A 1 19  ? 5.775   15.639  16.114  1.00 20.16  ? 19   LEU A CD2 1 
ATOM   152  N N   . LYS A 1 20  ? 4.307   14.999  11.348  1.00 15.43  ? 20   LYS A N   1 
ATOM   153  C CA  . LYS A 1 20  ? 3.541   14.756  10.122  1.00 14.05  ? 20   LYS A CA  1 
ATOM   154  C C   . LYS A 1 20  ? 2.607   13.575  10.337  1.00 12.81  ? 20   LYS A C   1 
ATOM   155  O O   . LYS A 1 20  ? 2.777   12.838  11.300  1.00 15.94  ? 20   LYS A O   1 
ATOM   156  C CB  . LYS A 1 20  ? 4.486   14.478  8.946   1.00 15.23  ? 20   LYS A CB  1 
ATOM   157  C CG  . LYS A 1 20  ? 5.292   15.703  8.570   1.00 17.56  ? 20   LYS A CG  1 
ATOM   158  C CD  . LYS A 1 20  ? 6.405   15.389  7.581   1.00 31.91  ? 20   LYS A CD  1 
ATOM   159  C CE  . LYS A 1 20  ? 7.016   16.689  7.061   1.00 33.89  ? 20   LYS A CE  1 
ATOM   160  N NZ  . LYS A 1 20  ? 5.983   17.561  6.436   1.00 47.63  ? 20   LYS A NZ  1 
ATOM   161  N N   . GLU A 1 21  ? 1.610   13.439  9.463   1.00 14.53  ? 21   GLU A N   1 
ATOM   162  C CA  . GLU A 1 21  ? 0.768   12.242  9.412   1.00 14.86  ? 21   GLU A CA  1 
ATOM   163  C C   . GLU A 1 21  ? 1.227   11.358  8.256   1.00 14.11  ? 21   GLU A C   1 
ATOM   164  O O   . GLU A 1 21  ? 1.659   11.867  7.221   1.00 17.88  ? 21   GLU A O   1 
ATOM   165  C CB  . GLU A 1 21  ? -0.702  12.618  9.191   1.00 18.26  ? 21   GLU A CB  1 
ATOM   166  C CG  . GLU A 1 21  ? -1.403  13.214  10.395  1.00 32.97  ? 21   GLU A CG  1 
ATOM   167  C CD  . GLU A 1 21  ? -2.893  12.893  10.396  1.00 41.59  ? 21   GLU A CD  1 
ATOM   168  O OE1 . GLU A 1 21  ? -3.505  12.897  9.309   1.00 35.54  ? 21   GLU A OE1 1 
ATOM   169  O OE2 . GLU A 1 21  ? -3.443  12.613  11.477  1.00 45.11  ? 21   GLU A OE2 1 
ATOM   170  N N   . ALA A 1 22  ? 1.123   10.043  8.426   1.00 13.42  ? 22   ALA A N   1 
ATOM   171  C CA  . ALA A 1 22  ? 1.521   9.128   7.360   1.00 16.88  ? 22   ALA A CA  1 
ATOM   172  C C   . ALA A 1 22  ? 0.651   7.893   7.345   1.00 14.53  ? 22   ALA A C   1 
ATOM   173  O O   . ALA A 1 22  ? -0.050  7.581   8.311   1.00 16.77  ? 22   ALA A O   1 
ATOM   174  C CB  . ALA A 1 22  ? 2.996   8.743   7.490   1.00 14.91  ? 22   ALA A CB  1 
ATOM   175  N N   . LEU A 1 23  ? 0.715   7.182   6.234   1.00 15.48  ? 23   LEU A N   1 
ATOM   176  C CA  . LEU A 1 23  ? -0.148  6.056   6.006   1.00 11.16  ? 23   LEU A CA  1 
ATOM   177  C C   . LEU A 1 23  ? 0.670   4.788   6.198   1.00 15.10  ? 23   LEU A C   1 
ATOM   178  O O   . LEU A 1 23  ? 1.741   4.654   5.585   1.00 15.22  ? 23   LEU A O   1 
ATOM   179  C CB  . LEU A 1 23  ? -0.654  6.171   4.567   1.00 13.10  ? 23   LEU A CB  1 
ATOM   180  C CG  . LEU A 1 23  ? -1.513  5.064   3.975   1.00 21.07  ? 23   LEU A CG  1 
ATOM   181  C CD1 . LEU A 1 23  ? -2.870  5.034   4.656   1.00 20.61  ? 23   LEU A CD1 1 
ATOM   182  C CD2 . LEU A 1 23  ? -1.660  5.294   2.485   1.00 18.69  ? 23   LEU A CD2 1 
ATOM   183  N N   . LEU A 1 24  ? 0.195   3.888   7.065   1.00 14.99  ? 24   LEU A N   1 
ATOM   184  C CA  . LEU A 1 24  ? 0.810   2.563   7.242   1.00 12.24  ? 24   LEU A CA  1 
ATOM   185  C C   . LEU A 1 24  ? 0.500   1.717   6.017   1.00 16.64  ? 24   LEU A C   1 
ATOM   186  O O   . LEU A 1 24  ? -0.659  1.350   5.769   1.00 17.54  ? 24   LEU A O   1 
ATOM   187  C CB  . LEU A 1 24  ? 0.292   1.873   8.507   1.00 17.04  ? 24   LEU A CB  1 
ATOM   188  C CG  . LEU A 1 24  ? 0.514   2.590   9.842   1.00 15.80  ? 24   LEU A CG  1 
ATOM   189  C CD1 . LEU A 1 24  ? -0.205  1.863   10.970  1.00 15.76  ? 24   LEU A CD1 1 
ATOM   190  C CD2 . LEU A 1 24  ? 1.990   2.714   10.150  1.00 14.41  ? 24   LEU A CD2 1 
ATOM   191  N N   . ASP A 1 25  ? 1.530   1.406   5.243   1.00 11.52  ? 25   ASP A N   1 
ATOM   192  C CA  . ASP A 1 25  ? 1.296   0.882   3.893   1.00 8.18   ? 25   ASP A CA  1 
ATOM   193  C C   . ASP A 1 25  ? 1.997   -0.452  3.656   1.00 15.83  ? 25   ASP A C   1 
ATOM   194  O O   . ASP A 1 25  ? 3.147   -0.459  3.264   1.00 11.82  ? 25   ASP A O   1 
ATOM   195  C CB  . ASP A 1 25  ? 1.779   1.912   2.874   1.00 11.50  ? 25   ASP A CB  1 
ATOM   196  C CG  . ASP A 1 25  ? 1.398   1.560   1.446   1.00 17.55  ? 25   ASP A CG  1 
ATOM   197  O OD1 . ASP A 1 25  ? 0.890   0.460   1.199   1.00 19.16  ? 25   ASP A OD1 1 
ATOM   198  O OD2 . ASP A 1 25  ? 1.604   2.404   0.580   1.00 22.01  ? 25   ASP A OD2 1 
ATOM   199  N N   . THR A 1 26  ? 1.289   -1.567  3.853   1.00 13.62  ? 26   THR A N   1 
ATOM   200  C CA  . THR A 1 26  ? 1.884   -2.913  3.680   1.00 13.38  ? 26   THR A CA  1 
ATOM   201  C C   . THR A 1 26  ? 2.273   -3.197  2.234   1.00 12.31  ? 26   THR A C   1 
ATOM   202  O O   . THR A 1 26  ? 3.087   -4.089  1.954   1.00 14.75  ? 26   THR A O   1 
ATOM   203  C CB  . THR A 1 26  ? 0.938   -4.024  4.180   1.00 16.58  ? 26   THR A CB  1 
ATOM   204  O OG1 . THR A 1 26  ? -0.309  -3.948  3.480   1.00 13.71  ? 26   THR A OG1 1 
ATOM   205  C CG2 . THR A 1 26  ? 0.669   -3.879  5.684   1.00 13.80  ? 26   THR A CG2 1 
ATOM   206  N N   . GLY A 1 27  ? 1.681   -2.446  1.311   1.00 12.69  ? 27   GLY A N   1 
ATOM   207  C CA  . GLY A 1 27  ? 1.927   -2.631  -0.101  1.00 11.46  ? 27   GLY A CA  1 
ATOM   208  C C   . GLY A 1 27  ? 3.151   -1.882  -0.597  1.00 18.36  ? 27   GLY A C   1 
ATOM   209  O O   . GLY A 1 27  ? 3.534   -2.002  -1.756  1.00 21.10  ? 27   GLY A O   1 
ATOM   210  N N   . ALA A 1 28  ? 3.763   -1.082  0.277   1.00 13.28  ? 28   ALA A N   1 
ATOM   211  C CA  . ALA A 1 28  ? 4.907   -0.263  -0.141  1.00 12.65  ? 28   ALA A CA  1 
ATOM   212  C C   . ALA A 1 28  ? 6.208   -0.873  0.357   1.00 15.06  ? 28   ALA A C   1 
ATOM   213  O O   . ALA A 1 28  ? 6.329   -1.190  1.538   1.00 14.88  ? 28   ALA A O   1 
ATOM   214  C CB  . ALA A 1 28  ? 4.766   1.176   0.391   1.00 15.77  ? 28   ALA A CB  1 
ATOM   215  N N   . ASP A 1 29  ? 7.178   -1.043  -0.545  1.00 18.18  ? 29   ASP A N   1 
ATOM   216  C CA  . ASP A 1 29  ? 8.461   -1.625  -0.154  1.00 16.21  ? 29   ASP A CA  1 
ATOM   217  C C   . ASP A 1 29  ? 9.251   -0.561  0.590   1.00 19.29  ? 29   ASP A C   1 
ATOM   218  O O   . ASP A 1 29  ? 10.000  -0.871  1.516   1.00 21.77  ? 29   ASP A O   1 
ATOM   219  C CB  . ASP A 1 29  ? 9.290   -2.056  -1.371  1.00 23.17  ? 29   ASP A CB  1 
ATOM   220  C CG  . ASP A 1 29  ? 8.642   -3.175  -2.175  1.00 31.67  ? 29   ASP A CG  1 
ATOM   221  O OD1 . ASP A 1 29  ? 7.815   -3.929  -1.618  1.00 25.19  ? 29   ASP A OD1 1 
ATOM   222  O OD2 . ASP A 1 29  ? 8.988   -3.304  -3.366  1.00 29.41  ? 29   ASP A OD2 1 
ATOM   223  N N   . ASN A 1 30  ? 9.065   0.690   0.176   1.00 17.53  ? 30   ASN A N   1 
ATOM   224  C CA  . ASN A 1 30  ? 9.826   1.814   0.721   1.00 18.17  ? 30   ASN A CA  1 
ATOM   225  C C   . ASN A 1 30  ? 8.954   2.817   1.473   1.00 20.55  ? 30   ASN A C   1 
ATOM   226  O O   . ASN A 1 30  ? 7.729   2.808   1.359   1.00 18.81  ? 30   ASN A O   1 
ATOM   227  C CB  . ASN A 1 30  ? 10.582  2.545   -0.392  1.00 15.87  ? 30   ASN A CB  1 
ATOM   228  C CG  . ASN A 1 30  ? 11.290  1.588   -1.348  1.00 20.98  ? 30   ASN A CG  1 
ATOM   229  O OD1 . ASN A 1 30  ? 12.194  0.853   -0.951  1.00 29.48  ? 30   ASN A OD1 1 
ATOM   230  N ND2 . ASN A 1 30  ? 10.867  1.584   -2.596  1.00 25.74  ? 30   ASN A ND2 1 
ATOM   231  N N   . THR A 1 31  ? 9.613   3.692   2.227   1.00 14.83  ? 31   THR A N   1 
ATOM   232  C CA  . THR A 1 31  ? 8.941   4.790   2.920   1.00 15.10  ? 31   THR A CA  1 
ATOM   233  C C   . THR A 1 31  ? 9.184   6.064   2.119   1.00 20.31  ? 31   THR A C   1 
ATOM   234  O O   . THR A 1 31  ? 10.336  6.399   1.812   1.00 21.90  ? 31   THR A O   1 
ATOM   235  C CB  . THR A 1 31  ? 9.482   4.909   4.361   1.00 18.13  ? 31   THR A CB  1 
ATOM   236  O OG1 . THR A 1 31  ? 9.034   3.782   5.115   1.00 15.58  ? 31   THR A OG1 1 
ATOM   237  C CG2 . THR A 1 31  ? 9.029   6.214   5.042   1.00 14.18  ? 31   THR A CG2 1 
ATOM   238  N N   . VAL A 1 32  ? 8.103   6.749   1.746   1.00 17.59  ? 32   VAL A N   1 
ATOM   239  C CA  . VAL A 1 32  ? 8.186   7.922   0.874   1.00 23.30  ? 32   VAL A CA  1 
ATOM   240  C C   . VAL A 1 32  ? 7.425   9.091   1.484   1.00 19.46  ? 32   VAL A C   1 
ATOM   241  O O   . VAL A 1 32  ? 6.221   8.988   1.749   1.00 16.87  ? 32   VAL A O   1 
ATOM   242  C CB  . VAL A 1 32  ? 7.594   7.651   -0.537  1.00 22.75  ? 32   VAL A CB  1 
ATOM   243  C CG1 . VAL A 1 32  ? 7.892   8.812   -1.474  1.00 28.68  ? 32   VAL A CG1 1 
ATOM   244  C CG2 . VAL A 1 32  ? 8.134   6.345   -1.102  1.00 20.56  ? 32   VAL A CG2 1 
ATOM   245  N N   . LEU A 1 33  ? 8.126   10.199  1.716   1.00 20.00  ? 33   LEU A N   1 
ATOM   246  C CA  . LEU A 1 33  ? 7.505   11.377  2.319   1.00 17.33  ? 33   LEU A CA  1 
ATOM   247  C C   . LEU A 1 33  ? 7.393   12.542  1.343   1.00 23.67  ? 33   LEU A C   1 
ATOM   248  O O   . LEU A 1 33  ? 8.238   12.700  0.452   1.00 20.75  ? 33   LEU A O   1 
ATOM   249  C CB  . LEU A 1 33  ? 8.285   11.813  3.577   1.00 16.21  ? 33   LEU A CB  1 
ATOM   250  C CG  . LEU A 1 33  ? 8.443   10.765  4.692   1.00 18.98  ? 33   LEU A CG  1 
ATOM   251  C CD1 . LEU A 1 33  ? 9.179   11.324  5.881   1.00 21.85  ? 33   LEU A CD1 1 
ATOM   252  C CD2 . LEU A 1 33  ? 7.092   10.212  5.126   1.00 18.75  ? 33   LEU A CD2 1 
ATOM   253  N N   . GLU A 1 34  ? 6.342   13.351  1.508   1.00 22.60  ? 34   GLU A N   1 
ATOM   254  C CA  . GLU A 1 34  ? 6.199   14.597  0.755   1.00 28.13  ? 34   GLU A CA  1 
ATOM   255  C C   . GLU A 1 34  ? 7.430   15.460  0.956   1.00 30.91  ? 34   GLU A C   1 
ATOM   256  O O   . GLU A 1 34  ? 8.150   15.291  1.939   1.00 23.65  ? 34   GLU A O   1 
ATOM   257  C CB  . GLU A 1 34  ? 4.985   15.387  1.238   1.00 28.98  ? 34   GLU A CB  1 
ATOM   258  C CG  . GLU A 1 34  ? 3.659   14.656  1.177   1.00 39.24  ? 34   GLU A CG  1 
ATOM   259  C CD  . GLU A 1 34  ? 2.517   15.529  1.675   1.00 50.41  ? 34   GLU A CD  1 
ATOM   260  O OE1 . GLU A 1 34  ? 2.682   16.174  2.734   1.00 56.47  ? 34   GLU A OE1 1 
ATOM   261  O OE2 . GLU A 1 34  ? 1.467   15.584  1.001   1.00 53.72  ? 34   GLU A OE2 1 
ATOM   262  N N   . GLU A 1 35  ? 7.661   16.396  0.041   1.00 32.25  ? 35   GLU A N   1 
ATOM   263  C CA  . GLU A 1 35  ? 8.837   17.254  0.126   1.00 31.15  ? 35   GLU A CA  1 
ATOM   264  C C   . GLU A 1 35  ? 8.930   17.920  1.495   1.00 21.28  ? 35   GLU A C   1 
ATOM   265  O O   . GLU A 1 35  ? 7.951   18.429  2.022   1.00 25.10  ? 35   GLU A O   1 
ATOM   266  C CB  . GLU A 1 35  ? 8.841   18.310  -0.987  1.00 38.96  ? 35   GLU A CB  1 
ATOM   267  C CG  . GLU A 1 35  ? 10.115  19.147  -1.024  1.00 35.96  ? 35   GLU A CG  1 
ATOM   268  C CD  . GLU A 1 35  ? 11.361  18.297  -1.216  1.00 52.97  ? 35   GLU A CD  1 
ATOM   269  O OE1 . GLU A 1 35  ? 11.523  17.712  -2.311  1.00 57.48  ? 35   GLU A OE1 1 
ATOM   270  O OE2 . GLU A 1 35  ? 12.171  18.201  -0.269  1.00 46.99  ? 35   GLU A OE2 1 
ATOM   271  N N   . MET A 1 36  ? 10.113  17.884  2.083   1.00 26.47  ? 36   MET A N   1 
ATOM   272  C CA  . MET A 1 36  ? 10.297  18.464  3.394   1.00 33.92  ? 36   MET A CA  1 
ATOM   273  C C   . MET A 1 36  ? 11.765  18.705  3.596   1.00 31.14  ? 36   MET A C   1 
ATOM   274  O O   . MET A 1 36  ? 12.585  18.267  2.789   1.00 31.89  ? 36   MET A O   1 
ATOM   275  C CB  . MET A 1 36  ? 9.806   17.513  4.478   1.00 33.13  ? 36   MET A CB  1 
ATOM   276  C CG  . MET A 1 36  ? 10.660  16.276  4.619   1.00 30.50  ? 36   MET A CG  1 
ATOM   277  S SD  . MET A 1 36  ? 10.082  15.245  5.973   1.00 31.76  ? 36   MET A SD  1 
ATOM   278  C CE  . MET A 1 36  ? 10.554  16.267  7.385   1.00 31.85  ? 36   MET A CE  1 
ATOM   279  N N   . SER A 1 37  ? 12.079  19.396  4.688   1.00 25.35  ? 37   SER A N   1 
ATOM   280  C CA  . SER A 1 37  ? 13.437  19.757  5.043   1.00 25.65  ? 37   SER A CA  1 
ATOM   281  C C   . SER A 1 37  ? 14.071  18.711  5.960   1.00 29.50  ? 37   SER A C   1 
ATOM   282  O O   . SER A 1 37  ? 13.674  18.575  7.114   1.00 31.81  ? 37   SER A O   1 
ATOM   283  C CB  . SER A 1 37  ? 13.415  21.121  5.746   1.00 30.73  ? 37   SER A CB  1 
ATOM   284  O OG  . SER A 1 37  ? 14.577  21.306  6.540   1.00 45.16  ? 37   SER A OG  1 
ATOM   285  N N   . LEU A 1 38  ? 15.046  17.969  5.441   1.00 26.31  ? 38   LEU A N   1 
ATOM   286  C CA  . LEU A 1 38  ? 15.864  17.092  6.264   1.00 22.55  ? 38   LEU A CA  1 
ATOM   287  C C   . LEU A 1 38  ? 17.323  17.519  6.131   1.00 35.43  ? 38   LEU A C   1 
ATOM   288  O O   . LEU A 1 38  ? 17.724  18.046  5.098   1.00 41.33  ? 38   LEU A O   1 
ATOM   289  C CB  . LEU A 1 38  ? 15.717  15.641  5.818   1.00 31.85  ? 38   LEU A CB  1 
ATOM   290  C CG  . LEU A 1 38  ? 14.351  14.978  6.001   1.00 36.65  ? 38   LEU A CG  1 
ATOM   291  C CD1 . LEU A 1 38  ? 14.405  13.551  5.480   1.00 26.08  ? 38   LEU A CD1 1 
ATOM   292  C CD2 . LEU A 1 38  ? 13.924  15.005  7.460   1.00 26.81  ? 38   LEU A CD2 1 
ATOM   293  N N   . PRO A 1 39  ? 18.122  17.295  7.182   1.00 33.83  ? 39   PRO A N   1 
ATOM   294  C CA  . PRO A 1 39  ? 19.541  17.647  7.123   1.00 41.07  ? 39   PRO A CA  1 
ATOM   295  C C   . PRO A 1 39  ? 20.374  16.507  6.547   1.00 42.09  ? 39   PRO A C   1 
ATOM   296  O O   . PRO A 1 39  ? 19.944  15.357  6.578   1.00 37.19  ? 39   PRO A O   1 
ATOM   297  C CB  . PRO A 1 39  ? 19.894  17.839  8.592   1.00 38.76  ? 39   PRO A CB  1 
ATOM   298  C CG  . PRO A 1 39  ? 19.021  16.846  9.301   1.00 42.41  ? 39   PRO A CG  1 
ATOM   299  C CD  . PRO A 1 39  ? 17.735  16.788  8.510   1.00 32.34  ? 39   PRO A CD  1 
ATOM   300  N N   . GLY A 1 40  ? 21.552  16.825  6.026   1.00 43.09  ? 40   GLY A N   1 
ATOM   301  C CA  . GLY A 1 40  ? 22.506  15.797  5.656   1.00 40.02  ? 40   GLY A CA  1 
ATOM   302  C C   . GLY A 1 40  ? 22.538  15.447  4.182   1.00 48.94  ? 40   GLY A C   1 
ATOM   303  O O   . GLY A 1 40  ? 21.791  16.004  3.370   1.00 40.91  ? 40   GLY A O   1 
ATOM   304  N N   . ARG A 1 41  ? 23.421  14.519  3.835   1.00 37.37  ? 41   ARG A N   1 
ATOM   305  C CA  . ARG A 1 41  ? 23.591  14.116  2.450   1.00 42.76  ? 41   ARG A CA  1 
ATOM   306  C C   . ARG A 1 41  ? 22.478  13.163  2.007   1.00 40.70  ? 41   ARG A C   1 
ATOM   307  O O   . ARG A 1 41  ? 21.842  12.509  2.832   1.00 39.62  ? 41   ARG A O   1 
ATOM   308  C CB  . ARG A 1 41  ? 24.969  13.489  2.255   1.00 39.60  ? 41   ARG A CB  1 
ATOM   309  C CG  . ARG A 1 41  ? 26.111  14.414  2.660   1.00 60.05  ? 41   ARG A CG  1 
ATOM   310  C CD  . ARG A 1 41  ? 27.472  13.811  2.340   1.00 70.79  ? 41   ARG A CD  1 
ATOM   311  N NE  . ARG A 1 41  ? 28.552  14.776  2.534   1.00 90.73  ? 41   ARG A NE  1 
ATOM   312  C CZ  . ARG A 1 41  ? 29.841  14.505  2.353   1.00 103.19 ? 41   ARG A CZ  1 
ATOM   313  N NH1 . ARG A 1 41  ? 30.219  13.290  1.975   1.00 87.86  ? 41   ARG A NH1 1 
ATOM   314  N NH2 . ARG A 1 41  ? 30.753  15.447  2.554   1.00 111.16 ? 41   ARG A NH2 1 
ATOM   315  N N   . TRP A 1 42  ? 22.238  13.117  0.703   1.00 41.27  ? 42   TRP A N   1 
ATOM   316  C CA  . TRP A 1 42  ? 21.222  12.250  0.123   1.00 37.61  ? 42   TRP A CA  1 
ATOM   317  C C   . TRP A 1 42  ? 21.688  11.777  -1.246  1.00 42.09  ? 42   TRP A C   1 
ATOM   318  O O   . TRP A 1 42  ? 22.692  12.265  -1.754  1.00 46.13  ? 42   TRP A O   1 
ATOM   319  C CB  . TRP A 1 42  ? 19.898  12.999  -0.002  1.00 38.74  ? 42   TRP A CB  1 
ATOM   320  C CG  . TRP A 1 42  ? 19.998  14.289  -0.764  1.00 53.09  ? 42   TRP A CG  1 
ATOM   321  C CD1 . TRP A 1 42  ? 20.260  15.529  -0.248  1.00 38.99  ? 42   TRP A CD1 1 
ATOM   322  C CD2 . TRP A 1 42  ? 19.837  14.469  -2.175  1.00 50.97  ? 42   TRP A CD2 1 
ATOM   323  N NE1 . TRP A 1 42  ? 20.265  16.465  -1.251  1.00 51.69  ? 42   TRP A NE1 1 
ATOM   324  C CE2 . TRP A 1 42  ? 20.012  15.841  -2.444  1.00 56.83  ? 42   TRP A CE2 1 
ATOM   325  C CE3 . TRP A 1 42  ? 19.561  13.603  -3.238  1.00 48.92  ? 42   TRP A CE3 1 
ATOM   326  C CZ2 . TRP A 1 42  ? 19.921  16.367  -3.732  1.00 47.19  ? 42   TRP A CZ2 1 
ATOM   327  C CZ3 . TRP A 1 42  ? 19.469  14.128  -4.515  1.00 51.02  ? 42   TRP A CZ3 1 
ATOM   328  C CH2 . TRP A 1 42  ? 19.649  15.497  -4.751  1.00 56.05  ? 42   TRP A CH2 1 
ATOM   329  N N   . LYS A 1 43  ? 20.971  10.823  -1.834  1.00 36.84  ? 43   LYS A N   1 
ATOM   330  C CA  . LYS A 1 43  ? 21.301  10.314  -3.170  1.00 37.61  ? 43   LYS A CA  1 
ATOM   331  C C   . LYS A 1 43  ? 20.070  10.292  -4.068  1.00 47.40  ? 43   LYS A C   1 
ATOM   332  O O   . LYS A 1 43  ? 18.966  9.988   -3.605  1.00 41.08  ? 43   LYS A O   1 
ATOM   333  C CB  . LYS A 1 43  ? 21.907  8.913   -3.090  1.00 39.04  ? 43   LYS A CB  1 
ATOM   334  C CG  . LYS A 1 43  ? 23.200  8.859   -2.309  1.00 50.43  ? 43   LYS A CG  1 
ATOM   335  C CD  . LYS A 1 43  ? 23.701  7.439   -2.143  1.00 52.14  ? 43   LYS A CD  1 
ATOM   336  C CE  . LYS A 1 43  ? 25.051  7.447   -1.445  1.00 68.88  ? 43   LYS A CE  1 
ATOM   337  N NZ  . LYS A 1 43  ? 25.570  6.086   -1.167  1.00 56.43  ? 43   LYS A NZ  1 
ATOM   338  N N   . PRO A 1 44  ? 20.251  10.630  -5.354  1.00 47.82  ? 44   PRO A N   1 
ATOM   339  C CA  . PRO A 1 44  ? 19.142  10.586  -6.309  1.00 34.46  ? 44   PRO A CA  1 
ATOM   340  C C   . PRO A 1 44  ? 18.671  9.153   -6.488  1.00 45.40  ? 44   PRO A C   1 
ATOM   341  O O   . PRO A 1 44  ? 19.470  8.216   -6.367  1.00 49.95  ? 44   PRO A O   1 
ATOM   342  C CB  . PRO A 1 44  ? 19.776  11.094  -7.609  1.00 50.86  ? 44   PRO A CB  1 
ATOM   343  C CG  . PRO A 1 44  ? 20.984  11.843  -7.182  1.00 49.67  ? 44   PRO A CG  1 
ATOM   344  C CD  . PRO A 1 44  ? 21.491  11.117  -5.979  1.00 43.99  ? 44   PRO A CD  1 
ATOM   345  N N   . LYS A 1 45  ? 17.381  8.984   -6.750  1.00 30.17  ? 45   LYS A N   1 
ATOM   346  C CA  . LYS A 1 45  ? 16.813  7.655   -6.927  1.00 34.61  ? 45   LYS A CA  1 
ATOM   347  C C   . LYS A 1 45  ? 15.468  7.770   -7.621  1.00 33.34  ? 45   LYS A C   1 
ATOM   348  O O   . LYS A 1 45  ? 14.783  8.792   -7.514  1.00 42.05  ? 45   LYS A O   1 
ATOM   349  C CB  . LYS A 1 45  ? 16.674  6.941   -5.578  1.00 39.07  ? 45   LYS A CB  1 
ATOM   350  C CG  . LYS A 1 45  ? 16.333  5.455   -5.673  1.00 50.67  ? 45   LYS A CG  1 
ATOM   351  C CD  . LYS A 1 45  ? 16.252  4.821   -4.294  1.00 52.99  ? 45   LYS A CD  1 
ATOM   352  C CE  . LYS A 1 45  ? 15.865  3.350   -4.358  1.00 53.56  ? 45   LYS A CE  1 
ATOM   353  N NZ  . LYS A 1 45  ? 15.765  2.754   -2.994  1.00 59.62  ? 45   LYS A NZ  1 
ATOM   354  N N   . MET A 1 46  ? 15.107  6.726   -8.355  1.00 38.76  ? 46   MET A N   1 
ATOM   355  C CA  . MET A 1 46  ? 13.841  6.674   -9.064  1.00 35.07  ? 46   MET A CA  1 
ATOM   356  C C   . MET A 1 46  ? 13.040  5.553   -8.425  1.00 24.29  ? 46   MET A C   1 
ATOM   357  O O   . MET A 1 46  ? 13.604  4.500   -8.113  1.00 34.28  ? 46   MET A O   1 
ATOM   358  C CB  . MET A 1 46  ? 14.088  6.351   -10.537 1.00 35.73  ? 46   MET A CB  1 
ATOM   359  C CG  . MET A 1 46  ? 12.974  6.776   -11.483 1.00 53.08  ? 46   MET A CG  1 
ATOM   360  S SD  . MET A 1 46  ? 13.288  8.378   -12.255 1.00 65.64  ? 46   MET A SD  1 
ATOM   361  C CE  . MET A 1 46  ? 14.615  7.973   -13.379 1.00 36.50  ? 46   MET A CE  1 
ATOM   362  N N   . ILE A 1 47  ? 11.748  5.772   -8.186  1.00 30.01  ? 47   ILE A N   1 
ATOM   363  C CA  . ILE A 1 47  ? 10.902  4.700   -7.654  1.00 25.66  ? 47   ILE A CA  1 
ATOM   364  C C   . ILE A 1 47  ? 9.573   4.635   -8.380  1.00 23.38  ? 47   ILE A C   1 
ATOM   365  O O   . ILE A 1 47  ? 9.057   5.652   -8.845  1.00 25.07  ? 47   ILE A O   1 
ATOM   366  C CB  . ILE A 1 47  ? 10.635  4.823   -6.126  1.00 30.57  ? 47   ILE A CB  1 
ATOM   367  C CG1 . ILE A 1 47  ? 9.896   6.119   -5.808  1.00 24.32  ? 47   ILE A CG1 1 
ATOM   368  C CG2 . ILE A 1 47  ? 11.931  4.707   -5.332  1.00 36.09  ? 47   ILE A CG2 1 
ATOM   369  C CD1 . ILE A 1 47  ? 9.489   6.226   -4.369  1.00 33.18  ? 47   ILE A CD1 1 
ATOM   370  N N   . GLY A 1 48  ? 9.011   3.435   -8.471  1.00 26.60  ? 48   GLY A N   1 
ATOM   371  C CA  . GLY A 1 48  ? 7.797   3.241   -9.239  1.00 25.85  ? 48   GLY A CA  1 
ATOM   372  C C   . GLY A 1 48  ? 6.577   2.943   -8.377  1.00 20.10  ? 48   GLY A C   1 
ATOM   373  O O   . GLY A 1 48  ? 6.685   2.567   -7.218  1.00 22.82  ? 48   GLY A O   1 
ATOM   374  N N   . GLY A 1 49  ? 5.409   3.149   -8.958  1.00 20.70  ? 49   GLY A N   1 
ATOM   375  C CA  . GLY A 1 49  ? 4.158   2.745   -8.343  1.00 33.84  ? 49   GLY A CA  1 
ATOM   376  C C   . GLY A 1 49  ? 3.141   2.710   -9.455  1.00 30.91  ? 49   GLY A C   1 
ATOM   377  O O   . GLY A 1 49  ? 3.511   2.668   -10.625 1.00 29.90  ? 49   GLY A O   1 
ATOM   378  N N   . ILE A 1 50  ? 1.866   2.721   -9.102  1.00 23.95  ? 50   ILE A N   1 
ATOM   379  C CA  . ILE A 1 50  ? 0.827   2.866   -10.094 1.00 20.82  ? 50   ILE A CA  1 
ATOM   380  C C   . ILE A 1 50  ? 0.961   4.285   -10.663 1.00 33.59  ? 50   ILE A C   1 
ATOM   381  O O   . ILE A 1 50  ? 1.307   5.227   -9.937  1.00 35.76  ? 50   ILE A O   1 
ATOM   382  C CB  . ILE A 1 50  ? -0.565  2.590   -9.484  1.00 20.64  ? 50   ILE A CB  1 
ATOM   383  C CG1 . ILE A 1 50  ? -0.952  1.130   -9.735  1.00 36.52  ? 50   ILE A CG1 1 
ATOM   384  C CG2 . ILE A 1 50  ? -1.613  3.510   -10.068 1.00 42.27  ? 50   ILE A CG2 1 
ATOM   385  C CD1 . ILE A 1 50  ? -2.372  0.791   -9.359  1.00 34.04  ? 50   ILE A CD1 1 
ATOM   386  N N   . GLY A 1 51  ? 0.757   4.418   -11.967 1.00 36.23  ? 51   GLY A N   1 
ATOM   387  C CA  . GLY A 1 51  ? 0.821   5.709   -12.623 1.00 29.76  ? 51   GLY A CA  1 
ATOM   388  C C   . GLY A 1 51  ? 2.157   5.990   -13.285 1.00 34.09  ? 51   GLY A C   1 
ATOM   389  O O   . GLY A 1 51  ? 2.243   6.747   -14.250 1.00 43.80  ? 51   GLY A O   1 
ATOM   390  N N   . GLY A 1 52  ? 3.210   5.382   -12.763 1.00 22.09  ? 52   GLY A N   1 
ATOM   391  C CA  . GLY A 1 52  ? 4.533   5.555   -13.329 1.00 23.48  ? 52   GLY A CA  1 
ATOM   392  C C   . GLY A 1 52  ? 5.615   5.655   -12.270 1.00 30.99  ? 52   GLY A C   1 
ATOM   393  O O   . GLY A 1 52  ? 5.602   4.922   -11.286 1.00 32.17  ? 52   GLY A O   1 
ATOM   394  N N   . PHE A 1 53  ? 6.553   6.572   -12.470 1.00 27.87  ? 53   PHE A N   1 
ATOM   395  C CA  . PHE A 1 53  ? 7.686   6.705   -11.569 1.00 30.72  ? 53   PHE A CA  1 
ATOM   396  C C   . PHE A 1 53  ? 7.878   8.142   -11.117 1.00 36.06  ? 53   PHE A C   1 
ATOM   397  O O   . PHE A 1 53  ? 7.393   9.069   -11.761 1.00 37.48  ? 53   PHE A O   1 
ATOM   398  C CB  . PHE A 1 53  ? 8.964   6.230   -12.256 1.00 37.43  ? 53   PHE A CB  1 
ATOM   399  C CG  . PHE A 1 53  ? 9.320   7.010   -13.489 1.00 42.41  ? 53   PHE A CG  1 
ATOM   400  C CD1 . PHE A 1 53  ? 10.127  8.137   -13.408 1.00 57.25  ? 53   PHE A CD1 1 
ATOM   401  C CD2 . PHE A 1 53  ? 8.859   6.615   -14.734 1.00 44.23  ? 53   PHE A CD2 1 
ATOM   402  C CE1 . PHE A 1 53  ? 10.463  8.858   -14.542 1.00 53.56  ? 53   PHE A CE1 1 
ATOM   403  C CE2 . PHE A 1 53  ? 9.192   7.330   -15.875 1.00 52.18  ? 53   PHE A CE2 1 
ATOM   404  C CZ  . PHE A 1 53  ? 9.994   8.451   -15.780 1.00 52.88  ? 53   PHE A CZ  1 
ATOM   405  N N   . ILE A 1 54  ? 8.599   8.315   -10.014 1.00 25.76  ? 54   ILE A N   1 
ATOM   406  C CA  . ILE A 1 54  ? 8.959   9.646   -9.538  1.00 21.83  ? 54   ILE A CA  1 
ATOM   407  C C   . ILE A 1 54  ? 10.402  9.676   -9.070  1.00 21.77  ? 54   ILE A C   1 
ATOM   408  O O   . ILE A 1 54  ? 10.954  8.660   -8.637  1.00 28.77  ? 54   ILE A O   1 
ATOM   409  C CB  . ILE A 1 54  ? 8.047   10.120  -8.388  1.00 26.68  ? 54   ILE A CB  1 
ATOM   410  C CG1 . ILE A 1 54  ? 8.112   9.147   -7.204  1.00 32.69  ? 54   ILE A CG1 1 
ATOM   411  C CG2 . ILE A 1 54  ? 6.614   10.316  -8.878  1.00 32.28  ? 54   ILE A CG2 1 
ATOM   412  C CD1 . ILE A 1 54  ? 7.567   9.736   -5.916  1.00 33.09  ? 54   ILE A CD1 1 
ATOM   413  N N   . LYS A 1 55  ? 11.019  10.851  -9.159  1.00 29.47  ? 55   LYS A N   1 
ATOM   414  C CA  . LYS A 1 55  ? 12.361  11.045  -8.639  1.00 29.06  ? 55   LYS A CA  1 
ATOM   415  C C   . LYS A 1 55  ? 12.270  11.481  -7.181  1.00 20.81  ? 55   LYS A C   1 
ATOM   416  O O   . LYS A 1 55  ? 11.465  12.344  -6.831  1.00 29.27  ? 55   LYS A O   1 
ATOM   417  C CB  . LYS A 1 55  ? 13.118  12.104  -9.449  1.00 38.78  ? 55   LYS A CB  1 
ATOM   418  C CG  . LYS A 1 55  ? 13.565  11.639  -10.834 1.00 47.74  ? 55   LYS A CG  1 
ATOM   419  C CD  . LYS A 1 55  ? 14.472  12.666  -11.508 1.00 59.18  ? 55   LYS A CD  1 
ATOM   420  C CE  . LYS A 1 55  ? 14.941  12.192  -12.882 1.00 62.69  ? 55   LYS A CE  1 
ATOM   421  N NZ  . LYS A 1 55  ? 15.920  13.132  -13.506 1.00 63.74  ? 55   LYS A NZ  1 
ATOM   422  N N   . VAL A 1 56  ? 13.104  10.884  -6.345  1.00 29.50  ? 56   VAL A N   1 
ATOM   423  C CA  . VAL A 1 56  ? 13.108  11.205  -4.931  1.00 42.83  ? 56   VAL A CA  1 
ATOM   424  C C   . VAL A 1 56  ? 14.535  11.358  -4.440  1.00 36.56  ? 56   VAL A C   1 
ATOM   425  O O   . VAL A 1 56  ? 15.485  10.964  -5.120  1.00 35.24  ? 56   VAL A O   1 
ATOM   426  C CB  . VAL A 1 56  ? 12.425  10.094  -4.098  1.00 30.08  ? 56   VAL A CB  1 
ATOM   427  C CG1 . VAL A 1 56  ? 10.943  9.982   -4.459  1.00 25.51  ? 56   VAL A CG1 1 
ATOM   428  C CG2 . VAL A 1 56  ? 13.148  8.773   -4.292  1.00 24.70  ? 56   VAL A CG2 1 
ATOM   429  N N   . ARG A 1 57  ? 14.686  11.937  -3.256  1.00 36.10  ? 57   ARG A N   1 
ATOM   430  C CA  . ARG A 1 57  ? 15.986  11.982  -2.612  1.00 29.82  ? 57   ARG A CA  1 
ATOM   431  C C   . ARG A 1 57  ? 16.050  10.906  -1.538  1.00 32.93  ? 57   ARG A C   1 
ATOM   432  O O   . ARG A 1 57  ? 15.159  10.797  -0.695  1.00 36.01  ? 57   ARG A O   1 
ATOM   433  C CB  . ARG A 1 57  ? 16.246  13.382  -2.044  1.00 38.54  ? 57   ARG A CB  1 
ATOM   434  C CG  . ARG A 1 57  ? 16.098  14.462  -3.112  1.00 33.70  ? 57   ARG A CG  1 
ATOM   435  C CD  . ARG A 1 57  ? 16.623  15.819  -2.672  1.00 56.10  ? 57   ARG A CD  1 
ATOM   436  N NE  . ARG A 1 57  ? 15.563  16.667  -2.143  1.00 42.46  ? 57   ARG A NE  1 
ATOM   437  C CZ  . ARG A 1 57  ? 15.311  16.815  -0.850  1.00 45.98  ? 57   ARG A CZ  1 
ATOM   438  N NH1 . ARG A 1 57  ? 16.056  16.181  0.039   1.00 56.72  ? 57   ARG A NH1 1 
ATOM   439  N NH2 . ARG A 1 57  ? 14.324  17.601  -0.447  1.00 51.45  ? 57   ARG A NH2 1 
ATOM   440  N N   . GLN A 1 58  ? 17.090  10.089  -1.585  1.00 25.23  ? 58   GLN A N   1 
ATOM   441  C CA  . GLN A 1 58  ? 17.235  9.012   -0.615  1.00 28.44  ? 58   GLN A CA  1 
ATOM   442  C C   . GLN A 1 58  ? 18.098  9.380   0.583   1.00 42.16  ? 58   GLN A C   1 
ATOM   443  O O   . GLN A 1 58  ? 19.289  9.660   0.453   1.00 40.27  ? 58   GLN A O   1 
ATOM   444  C CB  . GLN A 1 58  ? 17.785  7.745   -1.268  1.00 28.71  ? 58   GLN A CB  1 
ATOM   445  C CG  . GLN A 1 58  ? 18.114  6.660   -0.261  1.00 31.77  ? 58   GLN A CG  1 
ATOM   446  C CD  . GLN A 1 58  ? 18.602  5.391   -0.920  1.00 35.21  ? 58   GLN A CD  1 
ATOM   447  O OE1 . GLN A 1 58  ? 18.362  5.168   -2.099  1.00 38.66  ? 58   GLN A OE1 1 
ATOM   448  N NE2 . GLN A 1 58  ? 19.298  4.557   -0.161  1.00 38.45  ? 58   GLN A NE2 1 
ATOM   449  N N   . TYR A 1 59  ? 17.485  9.365   1.758   1.00 26.50  ? 59   TYR A N   1 
ATOM   450  C CA  . TYR A 1 59  ? 18.203  9.581   3.001   1.00 27.27  ? 59   TYR A CA  1 
ATOM   451  C C   . TYR A 1 59  ? 18.337  8.268   3.738   1.00 34.04  ? 59   TYR A C   1 
ATOM   452  O O   . TYR A 1 59  ? 17.340  7.601   4.017   1.00 30.13  ? 59   TYR A O   1 
ATOM   453  C CB  . TYR A 1 59  ? 17.444  10.580  3.875   1.00 26.44  ? 59   TYR A CB  1 
ATOM   454  C CG  . TYR A 1 59  ? 17.401  11.992  3.339   1.00 33.46  ? 59   TYR A CG  1 
ATOM   455  C CD1 . TYR A 1 59  ? 16.454  12.375  2.400   1.00 27.66  ? 59   TYR A CD1 1 
ATOM   456  C CD2 . TYR A 1 59  ? 18.305  12.951  3.789   1.00 41.70  ? 59   TYR A CD2 1 
ATOM   457  C CE1 . TYR A 1 59  ? 16.410  13.665  1.914   1.00 24.59  ? 59   TYR A CE1 1 
ATOM   458  C CE2 . TYR A 1 59  ? 18.270  14.247  3.305   1.00 25.94  ? 59   TYR A CE2 1 
ATOM   459  C CZ  . TYR A 1 59  ? 17.324  14.598  2.378   1.00 34.82  ? 59   TYR A CZ  1 
ATOM   460  O OH  . TYR A 1 59  ? 17.292  15.888  1.909   1.00 34.99  ? 59   TYR A OH  1 
ATOM   461  N N   . ASP A 1 60  ? 19.566  7.880   4.058   1.00 27.68  ? 60   ASP A N   1 
ATOM   462  C CA  . ASP A 1 60  ? 19.774  6.663   4.836   1.00 25.11  ? 60   ASP A CA  1 
ATOM   463  C C   . ASP A 1 60  ? 20.022  6.961   6.309   1.00 31.54  ? 60   ASP A C   1 
ATOM   464  O O   . ASP A 1 60  ? 20.391  8.079   6.672   1.00 38.22  ? 60   ASP A O   1 
ATOM   465  C CB  . ASP A 1 60  ? 20.917  5.823   4.246   1.00 35.55  ? 60   ASP A CB  1 
ATOM   466  C CG  . ASP A 1 60  ? 20.752  5.580   2.751   1.00 52.10  ? 60   ASP A CG  1 
ATOM   467  O OD1 . ASP A 1 60  ? 19.785  4.890   2.356   1.00 38.18  ? 60   ASP A OD1 1 
ATOM   468  O OD2 . ASP A 1 60  ? 21.591  6.076   1.968   1.00 40.55  ? 60   ASP A OD2 1 
ATOM   469  N N   . GLN A 1 61  ? 19.782  5.964   7.154   1.00 32.23  ? 61   GLN A N   1 
ATOM   470  C CA  . GLN A 1 61  ? 20.005  6.081   8.594   1.00 33.41  ? 61   GLN A CA  1 
ATOM   471  C C   . GLN A 1 61  ? 19.276  7.260   9.230   1.00 40.81  ? 61   GLN A C   1 
ATOM   472  O O   . GLN A 1 61  ? 19.842  7.963   10.068  1.00 32.12  ? 61   GLN A O   1 
ATOM   473  C CB  . GLN A 1 61  ? 21.503  6.173   8.905   1.00 49.78  ? 61   GLN A CB  1 
ATOM   474  C CG  . GLN A 1 61  ? 22.223  4.837   8.895   1.00 58.04  ? 61   GLN A CG  1 
ATOM   475  C CD  . GLN A 1 61  ? 21.873  3.983   10.100  1.00 74.41  ? 61   GLN A CD  1 
ATOM   476  O OE1 . GLN A 1 61  ? 22.117  4.369   11.248  1.00 66.79  ? 61   GLN A OE1 1 
ATOM   477  N NE2 . GLN A 1 61  ? 21.292  2.815   9.845   1.00 68.37  ? 61   GLN A NE2 1 
ATOM   478  N N   . ILE A 1 62  ? 18.028  7.473   8.823   1.00 31.80  ? 62   ILE A N   1 
ATOM   479  C CA  . ILE A 1 62  ? 17.197  8.529   9.402   1.00 28.28  ? 62   ILE A CA  1 
ATOM   480  C C   . ILE A 1 62  ? 16.409  8.004   10.594  1.00 29.84  ? 62   ILE A C   1 
ATOM   481  O O   . ILE A 1 62  ? 15.766  6.961   10.503  1.00 22.62  ? 62   ILE A O   1 
ATOM   482  C CB  . ILE A 1 62  ? 16.193  9.085   8.381   1.00 29.52  ? 62   ILE A CB  1 
ATOM   483  C CG1 . ILE A 1 62  ? 16.921  9.696   7.194   1.00 34.02  ? 62   ILE A CG1 1 
ATOM   484  C CG2 . ILE A 1 62  ? 15.313  10.148  9.027   1.00 34.39  ? 62   ILE A CG2 1 
ATOM   485  C CD1 . ILE A 1 62  ? 17.758  10.904  7.550   1.00 49.78  ? 62   ILE A CD1 1 
ATOM   486  N N   . LEU A 1 63  ? 16.453  8.728   11.710  1.00 26.02  ? 63   LEU A N   1 
ATOM   487  C CA  . LEU A 1 63  ? 15.615  8.391   12.854  1.00 21.33  ? 63   LEU A CA  1 
ATOM   488  C C   . LEU A 1 63  ? 14.201  8.883   12.602  1.00 23.06  ? 63   LEU A C   1 
ATOM   489  O O   . LEU A 1 63  ? 13.992  10.049  12.238  1.00 21.10  ? 63   LEU A O   1 
ATOM   490  C CB  . LEU A 1 63  ? 16.162  9.029   14.135  1.00 25.52  ? 63   LEU A CB  1 
ATOM   491  C CG  . LEU A 1 63  ? 15.296  8.870   15.391  1.00 21.14  ? 63   LEU A CG  1 
ATOM   492  C CD1 . LEU A 1 63  ? 15.193  7.411   15.842  1.00 27.84  ? 63   LEU A CD1 1 
ATOM   493  C CD2 . LEU A 1 63  ? 15.817  9.736   16.522  1.00 23.00  ? 63   LEU A CD2 1 
ATOM   494  N N   . ILE A 1 64  ? 13.229  7.995   12.783  1.00 14.17  ? 64   ILE A N   1 
ATOM   495  C CA  . ILE A 1 64  ? 11.824  8.369   12.659  1.00 19.94  ? 64   ILE A CA  1 
ATOM   496  C C   . ILE A 1 64  ? 11.021  7.755   13.806  1.00 19.17  ? 64   ILE A C   1 
ATOM   497  O O   . ILE A 1 64  ? 11.274  6.625   14.213  1.00 23.59  ? 64   ILE A O   1 
ATOM   498  C CB  . ILE A 1 64  ? 11.283  7.978   11.249  1.00 29.04  ? 64   ILE A CB  1 
ATOM   499  C CG1 . ILE A 1 64  ? 9.791   8.280   11.097  1.00 21.08  ? 64   ILE A CG1 1 
ATOM   500  C CG2 . ILE A 1 64  ? 11.587  6.514   10.925  1.00 30.09  ? 64   ILE A CG2 1 
ATOM   501  C CD1 . ILE A 1 64  ? 9.335   8.091   9.629   1.00 23.87  ? 64   ILE A CD1 1 
ATOM   502  N N   . GLU A 1 65  ? 10.108  8.521   14.389  1.00 18.72  ? 65   GLU A N   1 
ATOM   503  C CA  . GLU A 1 65  ? 9.232   7.983   15.411  1.00 20.08  ? 65   GLU A CA  1 
ATOM   504  C C   . GLU A 1 65  ? 7.859   7.769   14.809  1.00 25.55  ? 65   GLU A C   1 
ATOM   505  O O   . GLU A 1 65  ? 7.248   8.708   14.298  1.00 23.09  ? 65   GLU A O   1 
ATOM   506  C CB  . GLU A 1 65  ? 9.112   8.916   16.618  1.00 28.67  ? 65   GLU A CB  1 
ATOM   507  C CG  . GLU A 1 65  ? 10.407  9.209   17.314  1.00 36.10  ? 65   GLU A CG  1 
ATOM   508  C CD  . GLU A 1 65  ? 10.190  9.806   18.692  1.00 44.69  ? 65   GLU A CD  1 
ATOM   509  O OE1 . GLU A 1 65  ? 9.407   9.219   19.473  1.00 54.29  ? 65   GLU A OE1 1 
ATOM   510  O OE2 . GLU A 1 65  ? 10.798  10.858  18.986  1.00 47.57  ? 65   GLU A OE2 1 
ATOM   511  N N   . ILE A 1 66  ? 7.382   6.533   14.849  1.00 22.54  ? 66   ILE A N   1 
ATOM   512  C CA  . ILE A 1 66  ? 6.111   6.198   14.230  1.00 20.29  ? 66   ILE A CA  1 
ATOM   513  C C   . ILE A 1 66  ? 5.121   5.850   15.325  1.00 23.72  ? 66   ILE A C   1 
ATOM   514  O O   . ILE A 1 66  ? 5.217   4.785   15.935  1.00 32.50  ? 66   ILE A O   1 
ATOM   515  C CB  . ILE A 1 66  ? 6.266   5.007   13.263  1.00 24.07  ? 66   ILE A CB  1 
ATOM   516  C CG1 . ILE A 1 66  ? 7.239   5.371   12.145  1.00 28.65  ? 66   ILE A CG1 1 
ATOM   517  C CG2 . ILE A 1 66  ? 4.912   4.585   12.685  1.00 25.04  ? 66   ILE A CG2 1 
ATOM   518  C CD1 . ILE A 1 66  ? 7.824   4.173   11.448  1.00 31.35  ? 66   ILE A CD1 1 
ATOM   519  N N   . CYS A 1 67  ? 4.184   6.765   15.578  1.00 26.28  ? 67   CYS A N   1 
ATOM   520  C CA  . CYS A 1 67  ? 3.223   6.626   16.675  1.00 27.78  ? 67   CYS A CA  1 
ATOM   521  C C   . CYS A 1 67  ? 3.951   6.285   17.985  1.00 35.65  ? 67   CYS A C   1 
ATOM   522  O O   . CYS A 1 67  ? 3.522   5.408   18.728  1.00 35.75  ? 67   CYS A O   1 
ATOM   523  C CB  . CYS A 1 67  ? 2.165   5.560   16.343  1.00 32.66  ? 67   CYS A CB  1 
ATOM   524  S SG  . CYS A 1 67  ? 0.436   6.056   16.666  1.00 47.65  ? 67   CYS A SG  1 
ATOM   525  N N   . GLY A 1 68  ? 5.070   6.964   18.243  1.00 27.13  ? 68   GLY A N   1 
ATOM   526  C CA  . GLY A 1 68  ? 5.834   6.751   19.465  1.00 33.73  ? 68   GLY A CA  1 
ATOM   527  C C   . GLY A 1 68  ? 6.925   5.689   19.398  1.00 39.46  ? 68   GLY A C   1 
ATOM   528  O O   . GLY A 1 68  ? 7.793   5.627   20.269  1.00 49.00  ? 68   GLY A O   1 
ATOM   529  N N   . HIS A 1 69  ? 6.884   4.843   18.374  1.00 27.10  ? 69   HIS A N   1 
ATOM   530  C CA  . HIS A 1 69  ? 7.901   3.813   18.200  1.00 26.37  ? 69   HIS A CA  1 
ATOM   531  C C   . HIS A 1 69  ? 9.044   4.313   17.336  1.00 32.35  ? 69   HIS A C   1 
ATOM   532  O O   . HIS A 1 69  ? 8.827   4.793   16.220  1.00 26.56  ? 69   HIS A O   1 
ATOM   533  C CB  . HIS A 1 69  ? 7.299   2.568   17.556  1.00 25.72  ? 69   HIS A CB  1 
ATOM   534  C CG  . HIS A 1 69  ? 6.283   1.878   18.415  1.00 30.02  ? 69   HIS A CG  1 
ATOM   535  N ND1 . HIS A 1 69  ? 5.172   2.519   18.911  1.00 40.02  ? 69   HIS A ND1 1 
ATOM   536  C CD2 . HIS A 1 69  ? 6.219   0.601   18.862  1.00 41.33  ? 69   HIS A CD2 1 
ATOM   537  C CE1 . HIS A 1 69  ? 4.460   1.667   19.632  1.00 32.02  ? 69   HIS A CE1 1 
ATOM   538  N NE2 . HIS A 1 69  ? 5.073   0.499   19.615  1.00 49.08  ? 69   HIS A NE2 1 
ATOM   539  N N   . LYS A 1 70  ? 10.267  4.170   17.835  1.00 25.38  ? 70   LYS A N   1 
ATOM   540  C CA  . LYS A 1 70  ? 11.435  4.650   17.110  1.00 21.02  ? 70   LYS A CA  1 
ATOM   541  C C   . LYS A 1 70  ? 12.000  3.613   16.147  1.00 23.71  ? 70   LYS A C   1 
ATOM   542  O O   . LYS A 1 70  ? 12.057  2.427   16.465  1.00 25.74  ? 70   LYS A O   1 
ATOM   543  C CB  . LYS A 1 70  ? 12.510  5.117   18.091  1.00 22.54  ? 70   LYS A CB  1 
ATOM   544  C CG  . LYS A 1 70  ? 12.080  6.316   18.916  1.00 32.22  ? 70   LYS A CG  1 
ATOM   545  C CD  . LYS A 1 70  ? 13.139  6.703   19.931  1.00 41.06  ? 70   LYS A CD  1 
ATOM   546  C CE  . LYS A 1 70  ? 12.616  7.759   20.897  1.00 42.16  ? 70   LYS A CE  1 
ATOM   547  N NZ  . LYS A 1 70  ? 13.441  7.786   22.143  1.00 72.47  ? 70   LYS A NZ  1 
ATOM   548  N N   . ALA A 1 71  ? 12.393  4.083   14.965  1.00 23.26  ? 71   ALA A N   1 
ATOM   549  C CA  . ALA A 1 71  ? 13.064  3.272   13.959  1.00 28.02  ? 71   ALA A CA  1 
ATOM   550  C C   . ALA A 1 71  ? 14.121  4.113   13.243  1.00 27.76  ? 71   ALA A C   1 
ATOM   551  O O   . ALA A 1 71  ? 14.005  5.338   13.149  1.00 24.12  ? 71   ALA A O   1 
ATOM   552  C CB  . ALA A 1 71  ? 12.052  2.728   12.951  1.00 24.66  ? 71   ALA A CB  1 
ATOM   553  N N   . ILE A 1 72  ? 15.159  3.452   12.742  1.00 20.21  ? 72   ILE A N   1 
ATOM   554  C CA  . ILE A 1 72  ? 16.152  4.119   11.920  1.00 22.47  ? 72   ILE A CA  1 
ATOM   555  C C   . ILE A 1 72  ? 16.228  3.384   10.604  1.00 23.86  ? 72   ILE A C   1 
ATOM   556  O O   . ILE A 1 72  ? 16.409  2.161   10.585  1.00 29.78  ? 72   ILE A O   1 
ATOM   557  C CB  . ILE A 1 72  ? 17.538  4.095   12.551  1.00 28.46  ? 72   ILE A CB  1 
ATOM   558  C CG1 . ILE A 1 72  ? 17.592  5.010   13.771  1.00 34.55  ? 72   ILE A CG1 1 
ATOM   559  C CG2 . ILE A 1 72  ? 18.567  4.560   11.547  1.00 27.60  ? 72   ILE A CG2 1 
ATOM   560  C CD1 . ILE A 1 72  ? 18.968  5.061   14.412  1.00 48.27  ? 72   ILE A CD1 1 
ATOM   561  N N   . GLY A 1 73  ? 16.074  4.105   9.503   1.00 24.44  ? 73   GLY A N   1 
ATOM   562  C CA  . GLY A 1 73  ? 16.110  3.462   8.208   1.00 28.16  ? 73   GLY A CA  1 
ATOM   563  C C   . GLY A 1 73  ? 16.163  4.462   7.084   1.00 27.54  ? 73   GLY A C   1 
ATOM   564  O O   . GLY A 1 73  ? 16.411  5.647   7.296   1.00 25.72  ? 73   GLY A O   1 
ATOM   565  N N   . THR A 1 74  ? 15.930  3.970   5.873   1.00 19.80  ? 74   THR A N   1 
ATOM   566  C CA  . THR A 1 74  ? 15.945  4.795   4.690   1.00 16.90  ? 74   THR A CA  1 
ATOM   567  C C   . THR A 1 74  ? 14.602  5.470   4.465   1.00 23.91  ? 74   THR A C   1 
ATOM   568  O O   . THR A 1 74  ? 13.545  4.839   4.529   1.00 18.98  ? 74   THR A O   1 
ATOM   569  C CB  . THR A 1 74  ? 16.317  3.958   3.447   1.00 21.80  ? 74   THR A CB  1 
ATOM   570  O OG1 . THR A 1 74  ? 17.657  3.468   3.601   1.00 32.24  ? 74   THR A OG1 1 
ATOM   571  C CG2 . THR A 1 74  ? 16.212  4.788   2.177   1.00 27.82  ? 74   THR A CG2 1 
ATOM   572  N N   . VAL A 1 75  ? 14.651  6.762   4.194   1.00 23.93  ? 75   VAL A N   1 
ATOM   573  C CA  . VAL A 1 75  ? 13.456  7.520   3.878   1.00 22.70  ? 75   VAL A CA  1 
ATOM   574  C C   . VAL A 1 75  ? 13.652  8.193   2.530   1.00 28.20  ? 75   VAL A C   1 
ATOM   575  O O   . VAL A 1 75  ? 14.690  8.788   2.282   1.00 28.95  ? 75   VAL A O   1 
ATOM   576  C CB  . VAL A 1 75  ? 13.174  8.564   4.975   1.00 23.36  ? 75   VAL A CB  1 
ATOM   577  C CG1 . VAL A 1 75  ? 12.119  9.549   4.524   1.00 28.26  ? 75   VAL A CG1 1 
ATOM   578  C CG2 . VAL A 1 75  ? 12.771  7.864   6.277   1.00 21.90  ? 75   VAL A CG2 1 
ATOM   579  N N   . LEU A 1 76  ? 12.672  8.064   1.645   1.00 19.36  ? 76   LEU A N   1 
ATOM   580  C CA  . LEU A 1 76  ? 12.730  8.712   0.350   1.00 26.51  ? 76   LEU A CA  1 
ATOM   581  C C   . LEU A 1 76  ? 11.864  9.964   0.415   1.00 22.46  ? 76   LEU A C   1 
ATOM   582  O O   . LEU A 1 76  ? 10.791  9.965   1.017   1.00 24.13  ? 76   LEU A O   1 
ATOM   583  C CB  . LEU A 1 76  ? 12.268  7.760   -0.772  1.00 23.68  ? 76   LEU A CB  1 
ATOM   584  C CG  . LEU A 1 76  ? 12.893  6.361   -0.685  1.00 24.52  ? 76   LEU A CG  1 
ATOM   585  C CD1 . LEU A 1 76  ? 12.334  5.427   -1.773  1.00 25.11  ? 76   LEU A CD1 1 
ATOM   586  C CD2 . LEU A 1 76  ? 14.414  6.434   -0.777  1.00 24.77  ? 76   LEU A CD2 1 
ATOM   587  N N   . VAL A 1 77  ? 12.357  11.046  -0.168  1.00 21.75  ? 77   VAL A N   1 
ATOM   588  C CA  . VAL A 1 77  ? 11.639  12.307  -0.154  1.00 20.11  ? 77   VAL A CA  1 
ATOM   589  C C   . VAL A 1 77  ? 11.498  12.864  -1.561  1.00 25.78  ? 77   VAL A C   1 
ATOM   590  O O   . VAL A 1 77  ? 12.471  12.931  -2.316  1.00 27.81  ? 77   VAL A O   1 
ATOM   591  C CB  . VAL A 1 77  ? 12.352  13.356  0.744   1.00 25.26  ? 77   VAL A CB  1 
ATOM   592  C CG1 . VAL A 1 77  ? 11.560  14.642  0.775   1.00 22.21  ? 77   VAL A CG1 1 
ATOM   593  C CG2 . VAL A 1 77  ? 12.551  12.813  2.152   1.00 27.97  ? 77   VAL A CG2 1 
ATOM   594  N N   . GLY A 1 78  ? 10.280  13.251  -1.904  1.00 22.08  ? 78   GLY A N   1 
ATOM   595  C CA  . GLY A 1 78  ? 9.948   13.682  -3.249  1.00 31.83  ? 78   GLY A CA  1 
ATOM   596  C C   . GLY A 1 78  ? 8.452   13.875  -3.438  1.00 30.47  ? 78   GLY A C   1 
ATOM   597  O O   . GLY A 1 78  ? 7.696   13.918  -2.469  1.00 31.94  ? 78   GLY A O   1 
ATOM   598  N N   . PRO A 1 79  ? 8.009   13.978  -4.702  1.00 40.35  ? 79   PRO A N   1 
ATOM   599  C CA  . PRO A 1 79  ? 6.630   14.348  -5.043  1.00 24.65  ? 79   PRO A CA  1 
ATOM   600  C C   . PRO A 1 79  ? 5.581   13.239  -4.886  1.00 23.37  ? 79   PRO A C   1 
ATOM   601  O O   . PRO A 1 79  ? 4.897   12.905  -5.858  1.00 33.50  ? 79   PRO A O   1 
ATOM   602  C CB  . PRO A 1 79  ? 6.744   14.762  -6.517  1.00 28.61  ? 79   PRO A CB  1 
ATOM   603  C CG  . PRO A 1 79  ? 7.854   13.953  -7.035  1.00 34.80  ? 79   PRO A CG  1 
ATOM   604  C CD  . PRO A 1 79  ? 8.841   13.801  -5.906  1.00 31.10  ? 79   PRO A CD  1 
ATOM   605  N N   . THR A 1 80  ? 5.435   12.694  -3.681  1.00 31.18  ? 80   THR A N   1 
ATOM   606  C CA  . THR A 1 80  ? 4.307   11.819  -3.393  1.00 28.87  ? 80   THR A CA  1 
ATOM   607  C C   . THR A 1 80  ? 3.141   12.639  -2.869  1.00 31.13  ? 80   THR A C   1 
ATOM   608  O O   . THR A 1 80  ? 3.335   13.603  -2.129  1.00 38.48  ? 80   THR A O   1 
ATOM   609  C CB  . THR A 1 80  ? 4.655   10.727  -2.356  1.00 27.13  ? 80   THR A CB  1 
ATOM   610  O OG1 . THR A 1 80  ? 3.458   10.015  -2.012  1.00 24.45  ? 80   THR A OG1 1 
ATOM   611  C CG2 . THR A 1 80  ? 5.238   11.347  -1.090  1.00 19.48  ? 80   THR A CG2 1 
ATOM   612  N N   . PRO A 1 81  ? 1.917   12.270  -3.256  1.00 30.19  ? 81   PRO A N   1 
ATOM   613  C CA  . PRO A 1 81  ? 0.750   12.983  -2.728  1.00 27.50  ? 81   PRO A CA  1 
ATOM   614  C C   . PRO A 1 81  ? 0.469   12.694  -1.252  1.00 39.21  ? 81   PRO A C   1 
ATOM   615  O O   . PRO A 1 81  ? -0.148  13.509  -0.573  1.00 33.79  ? 81   PRO A O   1 
ATOM   616  C CB  . PRO A 1 81  ? -0.404  12.483  -3.603  1.00 30.19  ? 81   PRO A CB  1 
ATOM   617  C CG  . PRO A 1 81  ? 0.091   11.259  -4.258  1.00 40.95  ? 81   PRO A CG  1 
ATOM   618  C CD  . PRO A 1 81  ? 1.574   11.341  -4.344  1.00 34.58  ? 81   PRO A CD  1 
ATOM   619  N N   . VAL A 1 82  ? 0.928   11.546  -0.762  1.00 26.27  ? 82   VAL A N   1 
ATOM   620  C CA  . VAL A 1 82  ? 0.650   11.118  0.609   1.00 24.01  ? 82   VAL A CA  1 
ATOM   621  C C   . VAL A 1 82  ? 1.933   10.578  1.232   1.00 24.05  ? 82   VAL A C   1 
ATOM   622  O O   . VAL A 1 82  ? 2.700   9.888   0.558   1.00 18.83  ? 82   VAL A O   1 
ATOM   623  C CB  . VAL A 1 82  ? -0.400  9.984   0.625   1.00 28.74  ? 82   VAL A CB  1 
ATOM   624  C CG1 . VAL A 1 82  ? -0.690  9.524   2.049   1.00 24.31  ? 82   VAL A CG1 1 
ATOM   625  C CG2 . VAL A 1 82  ? -1.695  10.413  -0.087  1.00 29.16  ? 82   VAL A CG2 1 
ATOM   626  N N   . ASN A 1 83  ? 2.175   10.888  2.506   1.00 19.08  ? 83   ASN A N   1 
ATOM   627  C CA  . ASN A 1 83  ? 3.302   10.300  3.225   1.00 17.21  ? 83   ASN A CA  1 
ATOM   628  C C   . ASN A 1 83  ? 3.012   8.829   3.474   1.00 13.94  ? 83   ASN A C   1 
ATOM   629  O O   . ASN A 1 83  ? 1.959   8.491   4.012   1.00 16.15  ? 83   ASN A O   1 
ATOM   630  C CB  . ASN A 1 83  ? 3.510   10.989  4.577   1.00 20.96  ? 83   ASN A CB  1 
ATOM   631  C CG  . ASN A 1 83  ? 3.900   12.449  4.441   1.00 25.90  ? 83   ASN A CG  1 
ATOM   632  O OD1 . ASN A 1 83  ? 4.741   12.805  3.611   1.00 20.32  ? 83   ASN A OD1 1 
ATOM   633  N ND2 . ASN A 1 83  ? 3.312   13.301  5.279   1.00 19.90  ? 83   ASN A ND2 1 
ATOM   634  N N   A ILE A 1 84  ? 3.968   7.966   3.136   0.45 15.57  ? 84   ILE A N   1 
ATOM   635  N N   B ILE A 1 84  ? 3.922   7.947   3.059   0.55 15.60  ? 84   ILE A N   1 
ATOM   636  C CA  A ILE A 1 84  ? 3.774   6.526   3.212   0.45 11.63  ? 84   ILE A CA  1 
ATOM   637  C CA  B ILE A 1 84  ? 3.714   6.517   3.250   0.55 11.44  ? 84   ILE A CA  1 
ATOM   638  C C   A ILE A 1 84  ? 4.861   5.836   4.042   0.45 12.88  ? 84   ILE A C   1 
ATOM   639  C C   B ILE A 1 84  ? 4.838   5.859   4.056   0.55 12.86  ? 84   ILE A C   1 
ATOM   640  O O   A ILE A 1 84  ? 6.050   6.005   3.777   0.45 16.52  ? 84   ILE A O   1 
ATOM   641  O O   B ILE A 1 84  ? 6.023   6.081   3.800   0.55 16.57  ? 84   ILE A O   1 
ATOM   642  C CB  A ILE A 1 84  ? 3.791   5.913   1.804   0.45 16.66  ? 84   ILE A CB  1 
ATOM   643  C CB  B ILE A 1 84  ? 3.523   5.757   1.909   0.55 16.87  ? 84   ILE A CB  1 
ATOM   644  C CG1 A ILE A 1 84  ? 2.539   6.323   1.034   0.45 17.66  ? 84   ILE A CG1 1 
ATOM   645  C CG1 B ILE A 1 84  ? 4.775   5.860   1.031   0.55 16.46  ? 84   ILE A CG1 1 
ATOM   646  C CG2 A ILE A 1 84  ? 3.904   4.405   1.881   0.45 13.66  ? 84   ILE A CG2 1 
ATOM   647  C CG2 B ILE A 1 84  ? 2.283   6.257   1.180   0.55 17.50  ? 84   ILE A CG2 1 
ATOM   648  C CD1 A ILE A 1 84  ? 2.711   6.251   -0.462  0.45 27.09  ? 84   ILE A CD1 1 
ATOM   649  C CD1 B ILE A 1 84  ? 4.797   4.875   -0.119  0.55 20.83  ? 84   ILE A CD1 1 
ATOM   650  N N   . ILE A 1 85  ? 4.454   5.049   5.031   1.00 15.41  ? 85   ILE A N   1 
ATOM   651  C CA  . ILE A 1 85  ? 5.407   4.234   5.790   1.00 11.48  ? 85   ILE A CA  1 
ATOM   652  C C   . ILE A 1 85  ? 5.375   2.832   5.214   1.00 14.23  ? 85   ILE A C   1 
ATOM   653  O O   . ILE A 1 85  ? 4.387   2.105   5.375   1.00 15.71  ? 85   ILE A O   1 
ATOM   654  C CB  . ILE A 1 85  ? 5.054   4.168   7.273   1.00 14.29  ? 85   ILE A CB  1 
ATOM   655  C CG1 . ILE A 1 85  ? 4.786   5.586   7.817   1.00 18.53  ? 85   ILE A CG1 1 
ATOM   656  C CG2 . ILE A 1 85  ? 6.183   3.494   8.065   1.00 17.74  ? 85   ILE A CG2 1 
ATOM   657  C CD1 . ILE A 1 85  ? 5.953   6.559   7.633   1.00 16.52  ? 85   ILE A CD1 1 
ATOM   658  N N   . GLY A 1 86  ? 6.450   2.459   4.536   1.00 14.40  ? 86   GLY A N   1 
ATOM   659  C CA  . GLY A 1 86  ? 6.520   1.155   3.877   1.00 11.25  ? 86   GLY A CA  1 
ATOM   660  C C   . GLY A 1 86  ? 7.168   0.072   4.739   1.00 14.67  ? 86   GLY A C   1 
ATOM   661  O O   . GLY A 1 86  ? 7.530   0.298   5.893   1.00 13.63  ? 86   GLY A O   1 
ATOM   662  N N   . ARG A 1 87  ? 7.294   -1.129  4.179   1.00 14.85  ? 87   ARG A N   1 
ATOM   663  C CA  . ARG A 1 87  ? 7.668   -2.283  4.980   1.00 13.62  ? 87   ARG A CA  1 
ATOM   664  C C   . ARG A 1 87  ? 9.058   -2.160  5.579   1.00 16.05  ? 87   ARG A C   1 
ATOM   665  O O   . ARG A 1 87  ? 9.339   -2.761  6.620   1.00 19.71  ? 87   ARG A O   1 
ATOM   666  C CB  . ARG A 1 87  ? 7.546   -3.589  4.177   1.00 18.38  ? 87   ARG A CB  1 
ATOM   667  C CG  . ARG A 1 87  ? 6.111   -4.009  3.803   1.00 18.53  ? 87   ARG A CG  1 
ATOM   668  C CD  . ARG A 1 87  ? 6.122   -5.394  3.091   1.00 13.82  ? 87   ARG A CD  1 
ATOM   669  N NE  . ARG A 1 87  ? 6.843   -5.344  1.813   1.00 15.51  ? 87   ARG A NE  1 
ATOM   670  C CZ  . ARG A 1 87  ? 8.098   -5.750  1.638   1.00 23.32  ? 87   ARG A CZ  1 
ATOM   671  N NH1 . ARG A 1 87  ? 8.785   -6.271  2.650   1.00 21.22  ? 87   ARG A NH1 1 
ATOM   672  N NH2 . ARG A 1 87  ? 8.662   -5.641  0.444   1.00 27.56  ? 87   ARG A NH2 1 
ATOM   673  N N   . ASN A 1 88  ? 9.931   -1.397  4.935   1.00 17.35  ? 88   ASN A N   1 
ATOM   674  C CA  . ASN A 1 88  ? 11.261  -1.190  5.517   1.00 23.16  ? 88   ASN A CA  1 
ATOM   675  C C   . ASN A 1 88  ? 11.240  -0.643  6.948   1.00 26.31  ? 88   ASN A C   1 
ATOM   676  O O   . ASN A 1 88  ? 12.097  -0.993  7.762   1.00 21.30  ? 88   ASN A O   1 
ATOM   677  C CB  . ASN A 1 88  ? 12.128  -0.328  4.604   1.00 18.19  ? 88   ASN A CB  1 
ATOM   678  C CG  . ASN A 1 88  ? 11.757  1.129   4.655   1.00 28.13  ? 88   ASN A CG  1 
ATOM   679  O OD1 . ASN A 1 88  ? 10.642  1.518   4.293   1.00 22.17  ? 88   ASN A OD1 1 
ATOM   680  N ND2 . ASN A 1 88  ? 12.699  1.954   5.090   1.00 21.87  ? 88   ASN A ND2 1 
ATOM   681  N N   . LEU A 1 89  ? 10.249  0.195   7.268   1.00 22.38  ? 89   LEU A N   1 
ATOM   682  C CA  . LEU A 1 89  ? 10.083  0.697   8.636   1.00 16.21  ? 89   LEU A CA  1 
ATOM   683  C C   . LEU A 1 89  ? 9.042   -0.074  9.459   1.00 16.73  ? 89   LEU A C   1 
ATOM   684  O O   . LEU A 1 89  ? 9.171   -0.205  10.686  1.00 17.93  ? 89   LEU A O   1 
ATOM   685  C CB  . LEU A 1 89  ? 9.760   2.207   8.631   1.00 13.31  ? 89   LEU A CB  1 
ATOM   686  C CG  . LEU A 1 89  ? 10.898  3.098   8.129   1.00 24.47  ? 89   LEU A CG  1 
ATOM   687  C CD1 . LEU A 1 89  ? 10.462  4.575   8.075   1.00 23.93  ? 89   LEU A CD1 1 
ATOM   688  C CD2 . LEU A 1 89  ? 12.117  2.918   9.010   1.00 23.59  ? 89   LEU A CD2 1 
ATOM   689  N N   . LEU A 1 90  ? 8.015   -0.597  8.789   1.00 15.33  ? 90   LEU A N   1 
ATOM   690  C CA  . LEU A 1 90  ? 6.972   -1.354  9.473   1.00 15.94  ? 90   LEU A CA  1 
ATOM   691  C C   . LEU A 1 90  ? 7.559   -2.540  10.255  1.00 15.01  ? 90   LEU A C   1 
ATOM   692  O O   . LEU A 1 90  ? 7.107   -2.855  11.357  1.00 17.44  ? 90   LEU A O   1 
ATOM   693  C CB  . LEU A 1 90  ? 5.905   -1.840  8.470   1.00 16.32  ? 90   LEU A CB  1 
ATOM   694  C CG  . LEU A 1 90  ? 5.114   -0.761  7.711   1.00 17.25  ? 90   LEU A CG  1 
ATOM   695  C CD1 . LEU A 1 90  ? 4.142   -1.395  6.700   1.00 17.49  ? 90   LEU A CD1 1 
ATOM   696  C CD2 . LEU A 1 90  ? 4.338   0.130   8.692   1.00 16.96  ? 90   LEU A CD2 1 
ATOM   697  N N   . THR A 1 91  ? 8.581   -3.180  9.697   1.00 16.55  ? 91   THR A N   1 
ATOM   698  C CA  . THR A 1 91  ? 9.175   -4.348  10.359  1.00 17.91  ? 91   THR A CA  1 
ATOM   699  C C   . THR A 1 91  ? 9.830   -3.948  11.692  1.00 24.96  ? 91   THR A C   1 
ATOM   700  O O   . THR A 1 91  ? 9.885   -4.744  12.630  1.00 26.62  ? 91   THR A O   1 
ATOM   701  C CB  . THR A 1 91  ? 10.198  -5.065  9.449   1.00 23.21  ? 91   THR A CB  1 
ATOM   702  O OG1 . THR A 1 91  ? 11.082  -4.110  8.855   1.00 20.92  ? 91   THR A OG1 1 
ATOM   703  C CG2 . THR A 1 91  ? 9.495   -5.824  8.322   1.00 19.37  ? 91   THR A CG2 1 
ATOM   704  N N   . GLN A 1 92  ? 10.280  -2.696  11.778  1.00 22.24  ? 92   GLN A N   1 
ATOM   705  C CA  . GLN A 1 92  ? 11.029  -2.222  12.948  1.00 20.10  ? 92   GLN A CA  1 
ATOM   706  C C   . GLN A 1 92  ? 10.132  -1.864  14.114  1.00 31.60  ? 92   GLN A C   1 
ATOM   707  O O   . GLN A 1 92  ? 10.584  -1.753  15.257  1.00 39.03  ? 92   GLN A O   1 
ATOM   708  C CB  . GLN A 1 92  ? 11.854  -0.993  12.596  1.00 21.83  ? 92   GLN A CB  1 
ATOM   709  C CG  . GLN A 1 92  ? 12.891  -1.175  11.525  1.00 31.00  ? 92   GLN A CG  1 
ATOM   710  C CD  . GLN A 1 92  ? 13.924  -0.056  11.589  1.00 56.41  ? 92   GLN A CD  1 
ATOM   711  O OE1 . GLN A 1 92  ? 14.364  0.337   12.680  1.00 31.56  ? 92   GLN A OE1 1 
ATOM   712  N NE2 . GLN A 1 92  ? 14.305  0.472   10.429  1.00 42.44  ? 92   GLN A NE2 1 
ATOM   713  N N   . ILE A 1 93  ? 8.858   -1.663  13.827  1.00 20.11  ? 93   ILE A N   1 
ATOM   714  C CA  . ILE A 1 93  ? 7.915   -1.346  14.873  1.00 22.75  ? 93   ILE A CA  1 
ATOM   715  C C   . ILE A 1 93  ? 7.018   -2.555  15.108  1.00 25.26  ? 93   ILE A C   1 
ATOM   716  O O   . ILE A 1 93  ? 5.952   -2.449  15.734  1.00 30.81  ? 93   ILE A O   1 
ATOM   717  C CB  . ILE A 1 93  ? 7.122   -0.081  14.551  1.00 24.34  ? 93   ILE A CB  1 
ATOM   718  C CG1 . ILE A 1 93  ? 6.224   -0.294  13.334  1.00 21.74  ? 93   ILE A CG1 1 
ATOM   719  C CG2 . ILE A 1 93  ? 8.078   1.085   14.305  1.00 26.91  ? 93   ILE A CG2 1 
ATOM   720  C CD1 . ILE A 1 93  ? 5.427   0.943   12.979  1.00 32.33  ? 93   ILE A CD1 1 
ATOM   721  N N   . GLY A 1 94  ? 7.482   -3.702  14.608  1.00 29.68  ? 94   GLY A N   1 
ATOM   722  C CA  . GLY A 1 94  ? 6.830   -4.988  14.822  1.00 23.48  ? 94   GLY A CA  1 
ATOM   723  C C   . GLY A 1 94  ? 5.414   -5.061  14.287  1.00 31.89  ? 94   GLY A C   1 
ATOM   724  O O   . GLY A 1 94  ? 4.522   -5.647  14.903  1.00 31.66  ? 94   GLY A O   1 
ATOM   725  N N   . MET A 1 95  ? 5.200   -4.465  13.124  1.00 24.19  ? 95   MET A N   1 
ATOM   726  C CA  . MET A 1 95  ? 3.870   -4.440  12.540  1.00 19.93  ? 95   MET A CA  1 
ATOM   727  C C   . MET A 1 95  ? 3.506   -5.806  11.967  1.00 20.95  ? 95   MET A C   1 
ATOM   728  O O   . MET A 1 95  ? 4.299   -6.402  11.233  1.00 22.44  ? 95   MET A O   1 
ATOM   729  C CB  . MET A 1 95  ? 3.825   -3.402  11.426  1.00 23.92  ? 95   MET A CB  1 
ATOM   730  C CG  . MET A 1 95  ? 2.454   -3.150  10.886  1.00 35.88  ? 95   MET A CG  1 
ATOM   731  S SD  . MET A 1 95  ? 1.492   -2.110  11.985  1.00 49.70  ? 95   MET A SD  1 
ATOM   732  C CE  . MET A 1 95  ? 2.383   -0.563  11.838  1.00 52.31  ? 95   MET A CE  1 
ATOM   733  N N   . THR A 1 96  ? 2.305   -6.293  12.282  1.00 23.03  ? 96   THR A N   1 
ATOM   734  C CA  . THR A 1 96  ? 1.816   -7.525  11.661  1.00 23.12  ? 96   THR A CA  1 
ATOM   735  C C   . THR A 1 96  ? 0.441   -7.346  11.019  1.00 23.62  ? 96   THR A C   1 
ATOM   736  O O   . THR A 1 96  ? -0.369  -6.518  11.435  1.00 25.56  ? 96   THR A O   1 
ATOM   737  C CB  . THR A 1 96  ? 1.730   -8.696  12.665  1.00 27.00  ? 96   THR A CB  1 
ATOM   738  O OG1 . THR A 1 96  ? 0.743   -8.392  13.658  1.00 29.59  ? 96   THR A OG1 1 
ATOM   739  C CG2 . THR A 1 96  ? 3.074   -8.949  13.331  1.00 30.50  ? 96   THR A CG2 1 
ATOM   740  N N   . LEU A 1 97  ? 0.179   -8.145  9.993   1.00 20.49  ? 97   LEU A N   1 
ATOM   741  C CA  . LEU A 1 97  ? -1.114  -8.150  9.337   1.00 22.74  ? 97   LEU A CA  1 
ATOM   742  C C   . LEU A 1 97  ? -1.842  -9.438  9.769   1.00 19.85  ? 97   LEU A C   1 
ATOM   743  O O   . LEU A 1 97  ? -1.288  -10.525 9.655   1.00 31.36  ? 97   LEU A O   1 
ATOM   744  C CB  . LEU A 1 97  ? -0.863  -8.109  7.831   1.00 29.93  ? 97   LEU A CB  1 
ATOM   745  C CG  . LEU A 1 97  ? -1.941  -7.765  6.819   1.00 32.56  ? 97   LEU A CG  1 
ATOM   746  C CD1 . LEU A 1 97  ? -2.621  -6.444  7.153   1.00 23.58  ? 97   LEU A CD1 1 
ATOM   747  C CD2 . LEU A 1 97  ? -1.304  -7.735  5.428   1.00 19.59  ? 97   LEU A CD2 1 
ATOM   748  N N   . ASN A 1 98  ? -3.059  -9.311  10.286  1.00 27.36  ? 98   ASN A N   1 
ATOM   749  C CA  . ASN A 1 98  ? -3.815  -10.462 10.778  1.00 32.64  ? 98   ASN A CA  1 
ATOM   750  C C   . ASN A 1 98  ? -5.191  -10.560 10.126  1.00 48.28  ? 98   ASN A C   1 
ATOM   751  O O   . ASN A 1 98  ? -5.919  -9.573  10.063  1.00 32.92  ? 98   ASN A O   1 
ATOM   752  C CB  . ASN A 1 98  ? -4.016  -10.364 12.294  1.00 32.81  ? 98   ASN A CB  1 
ATOM   753  C CG  . ASN A 1 98  ? -2.807  -9.795  13.017  1.00 49.79  ? 98   ASN A CG  1 
ATOM   754  O OD1 . ASN A 1 98  ? -2.538  -8.588  12.956  1.00 41.02  ? 98   ASN A OD1 1 
ATOM   755  N ND2 . ASN A 1 98  ? -2.081  -10.657 13.727  1.00 34.89  ? 98   ASN A ND2 1 
ATOM   756  N N   . PHE A 1 99  ? -5.561  -11.752 9.663   1.00 44.45  ? 99   PHE A N   1 
ATOM   757  C CA  . PHE A 1 99  ? -6.881  -11.945 9.066   1.00 34.93  ? 99   PHE A CA  1 
ATOM   758  C C   . PHE A 1 99  ? -7.359  -13.391 9.186   1.00 50.08  ? 99   PHE A C   1 
ATOM   759  O O   . PHE A 1 99  ? -6.563  -14.272 9.522   1.00 37.08  ? 99   PHE A O   1 
ATOM   760  C CB  . PHE A 1 99  ? -6.902  -11.468 7.605   1.00 36.01  ? 99   PHE A CB  1 
ATOM   761  C CG  . PHE A 1 99  ? -6.146  -12.361 6.649   1.00 39.91  ? 99   PHE A CG  1 
ATOM   762  C CD1 . PHE A 1 99  ? -6.814  -13.302 5.880   1.00 38.67  ? 99   PHE A CD1 1 
ATOM   763  C CD2 . PHE A 1 99  ? -4.779  -12.247 6.505   1.00 40.55  ? 99   PHE A CD2 1 
ATOM   764  C CE1 . PHE A 1 99  ? -6.128  -14.118 5.000   1.00 33.85  ? 99   PHE A CE1 1 
ATOM   765  C CE2 . PHE A 1 99  ? -4.089  -13.059 5.621   1.00 34.45  ? 99   PHE A CE2 1 
ATOM   766  C CZ  . PHE A 1 99  ? -4.767  -13.995 4.868   1.00 39.41  ? 99   PHE A CZ  1 
ATOM   767  N N   . PRO A 1 105 ? -4.594  -16.336 9.532   1.00 32.71  ? 1001 PRO A N   1 
ATOM   768  C CA  . PRO A 1 105 ? -3.224  -16.308 10.038  1.00 38.31  ? 1001 PRO A CA  1 
ATOM   769  C C   . PRO A 1 105 ? -2.753  -14.900 10.391  1.00 38.88  ? 1001 PRO A C   1 
ATOM   770  O O   . PRO A 1 105 ? -3.424  -13.905 10.108  1.00 29.03  ? 1001 PRO A O   1 
ATOM   771  C CB  . PRO A 1 105 ? -2.420  -16.793 8.836   1.00 47.56  ? 1001 PRO A CB  1 
ATOM   772  C CG  . PRO A 1 105 ? -3.170  -16.235 7.678   1.00 46.69  ? 1001 PRO A CG  1 
ATOM   773  C CD  . PRO A 1 105 ? -4.627  -16.377 8.058   1.00 35.07  ? 1001 PRO A CD  1 
ATOM   774  N N   . GLN A 1 106 ? -1.589  -14.840 11.023  1.00 39.80  ? 1002 GLN A N   1 
ATOM   775  C CA  . GLN A 1 106 ? -0.894  -13.589 11.259  1.00 38.35  ? 1002 GLN A CA  1 
ATOM   776  C C   . GLN A 1 106 ? 0.198   -13.519 10.207  1.00 39.09  ? 1002 GLN A C   1 
ATOM   777  O O   . GLN A 1 106 ? 0.711   -14.549 9.772   1.00 41.06  ? 1002 GLN A O   1 
ATOM   778  C CB  . GLN A 1 106 ? -0.306  -13.557 12.673  1.00 35.54  ? 1002 GLN A CB  1 
ATOM   779  C CG  . GLN A 1 106 ? 0.608   -12.358 12.936  1.00 41.66  ? 1002 GLN A CG  1 
ATOM   780  C CD  . GLN A 1 106 ? 0.909   -12.139 14.412  1.00 51.74  ? 1002 GLN A CD  1 
ATOM   781  O OE1 . GLN A 1 106 ? 0.204   -11.392 15.100  1.00 46.03  ? 1002 GLN A OE1 1 
ATOM   782  N NE2 . GLN A 1 106 ? 1.971   -12.771 14.899  1.00 42.07  ? 1002 GLN A NE2 1 
ATOM   783  N N   . VAL A 1 107 ? 0.530   -12.309 9.770   1.00 37.06  ? 1003 VAL A N   1 
ATOM   784  C CA  . VAL A 1 107 ? 1.521   -12.118 8.721   1.00 28.98  ? 1003 VAL A CA  1 
ATOM   785  C C   . VAL A 1 107 ? 2.527   -11.031 9.108   1.00 38.42  ? 1003 VAL A C   1 
ATOM   786  O O   . VAL A 1 107 ? 2.134   -9.894  9.370   1.00 28.54  ? 1003 VAL A O   1 
ATOM   787  C CB  . VAL A 1 107 ? 0.833   -11.642 7.428   1.00 34.74  ? 1003 VAL A CB  1 
ATOM   788  C CG1 . VAL A 1 107 ? 1.863   -11.364 6.349   1.00 26.73  ? 1003 VAL A CG1 1 
ATOM   789  C CG2 . VAL A 1 107 ? -0.205  -12.655 6.964   1.00 46.34  ? 1003 VAL A CG2 1 
ATOM   790  N N   . THR A 1 108 ? 3.815   -11.362 9.135   1.00 33.83  ? 1004 THR A N   1 
ATOM   791  C CA  . THR A 1 108 ? 4.850   -10.345 9.330   1.00 32.92  ? 1004 THR A CA  1 
ATOM   792  C C   . THR A 1 108 ? 5.225   -9.710  7.980   1.00 32.65  ? 1004 THR A C   1 
ATOM   793  O O   . THR A 1 108 ? 4.790   -10.170 6.925   1.00 22.47  ? 1004 THR A O   1 
ATOM   794  C CB  . THR A 1 108 ? 6.110   -10.910 10.017  1.00 42.43  ? 1004 THR A CB  1 
ATOM   795  O OG1 . THR A 1 108 ? 6.577   -12.054 9.293   1.00 37.69  ? 1004 THR A OG1 1 
ATOM   796  C CG2 . THR A 1 108 ? 5.804   -11.314 11.461  1.00 38.13  ? 1004 THR A CG2 1 
ATOM   797  N N   . LEU A 1 109 ? 6.037   -8.659  8.013   1.00 16.37  ? 1005 LEU A N   1 
ATOM   798  C CA  . LEU A 1 109 ? 6.229   -7.828  6.816   1.00 22.12  ? 1005 LEU A CA  1 
ATOM   799  C C   . LEU A 1 109 ? 7.671   -7.789  6.292   1.00 21.19  ? 1005 LEU A C   1 
ATOM   800  O O   . LEU A 1 109 ? 8.061   -6.884  5.520   1.00 15.22  ? 1005 LEU A O   1 
ATOM   801  C CB  . LEU A 1 109 ? 5.686   -6.411  7.071   1.00 20.75  ? 1005 LEU A CB  1 
ATOM   802  C CG  . LEU A 1 109 ? 4.174   -6.385  7.362   1.00 17.88  ? 1005 LEU A CG  1 
ATOM   803  C CD1 . LEU A 1 109 ? 3.753   -5.051  7.956   1.00 22.58  ? 1005 LEU A CD1 1 
ATOM   804  C CD2 . LEU A 1 109 ? 3.357   -6.726  6.095   1.00 17.06  ? 1005 LEU A CD2 1 
ATOM   805  N N   . TRP A 1 110 ? 8.462   -8.780  6.698   1.00 24.66  ? 1006 TRP A N   1 
ATOM   806  C CA  . TRP A 1 110 ? 9.829   -8.901  6.206   1.00 21.09  ? 1006 TRP A CA  1 
ATOM   807  C C   . TRP A 1 110 ? 9.847   -9.215  4.711   1.00 19.28  ? 1006 TRP A C   1 
ATOM   808  O O   . TRP A 1 110 ? 10.807  -8.910  4.012   1.00 26.38  ? 1006 TRP A O   1 
ATOM   809  C CB  . TRP A 1 110 ? 10.602  -9.946  7.015   1.00 23.78  ? 1006 TRP A CB  1 
ATOM   810  C CG  . TRP A 1 110 ? 10.541  -9.672  8.495   1.00 20.06  ? 1006 TRP A CG  1 
ATOM   811  C CD1 . TRP A 1 110 ? 9.629   -10.158 9.380   1.00 29.55  ? 1006 TRP A CD1 1 
ATOM   812  C CD2 . TRP A 1 110 ? 11.408  -8.813  9.240   1.00 19.30  ? 1006 TRP A CD2 1 
ATOM   813  N NE1 . TRP A 1 110 ? 9.883   -9.668  10.636  1.00 31.13  ? 1006 TRP A NE1 1 
ATOM   814  C CE2 . TRP A 1 110 ? 10.974  -8.840  10.575  1.00 28.97  ? 1006 TRP A CE2 1 
ATOM   815  C CE3 . TRP A 1 110 ? 12.517  -8.032  8.904   1.00 26.26  ? 1006 TRP A CE3 1 
ATOM   816  C CZ2 . TRP A 1 110 ? 11.607  -8.109  11.581  1.00 38.86  ? 1006 TRP A CZ2 1 
ATOM   817  C CZ3 . TRP A 1 110 ? 13.150  -7.311  9.901   1.00 23.36  ? 1006 TRP A CZ3 1 
ATOM   818  C CH2 . TRP A 1 110 ? 12.692  -7.349  11.220  1.00 21.88  ? 1006 TRP A CH2 1 
ATOM   819  N N   . GLN A 1 111 ? 8.759   -9.799  4.215   1.00 17.59  ? 1007 GLN A N   1 
ATOM   820  C CA  . GLN A 1 111 ? 8.589   -10.013 2.783   1.00 13.81  ? 1007 GLN A CA  1 
ATOM   821  C C   . GLN A 1 111 ? 7.248   -9.433  2.348   1.00 19.86  ? 1007 GLN A C   1 
ATOM   822  O O   . GLN A 1 111 ? 6.380   -9.200  3.199   1.00 19.62  ? 1007 GLN A O   1 
ATOM   823  C CB  . GLN A 1 111 ? 8.597   -11.517 2.482   1.00 20.70  ? 1007 GLN A CB  1 
ATOM   824  C CG  . GLN A 1 111 ? 9.853   -12.242 2.946   1.00 27.64  ? 1007 GLN A CG  1 
ATOM   825  C CD  . GLN A 1 111 ? 11.085  -11.893 2.127   1.00 47.04  ? 1007 GLN A CD  1 
ATOM   826  O OE1 . GLN A 1 111 ? 10.976  -11.507 0.964   1.00 42.20  ? 1007 GLN A OE1 1 
ATOM   827  N NE2 . GLN A 1 111 ? 12.271  -12.037 2.732   1.00 32.04  ? 1007 GLN A NE2 1 
ATOM   828  N N   . ARG A 1 112 ? 7.061   -9.223  1.046   1.00 19.17  ? 1008 ARG A N   1 
ATOM   829  C CA  . ARG A 1 112 ? 5.735   -8.785  0.567   1.00 24.89  ? 1008 ARG A CA  1 
ATOM   830  C C   . ARG A 1 112 ? 4.617   -9.718  1.032   1.00 22.55  ? 1008 ARG A C   1 
ATOM   831  O O   . ARG A 1 112 ? 4.733   -10.946 0.953   1.00 17.31  ? 1008 ARG A O   1 
ATOM   832  C CB  . ARG A 1 112 ? 5.698   -8.648  -0.953  1.00 19.75  ? 1008 ARG A CB  1 
ATOM   833  C CG  . ARG A 1 112 ? 6.556   -7.527  -1.484  1.00 34.01  ? 1008 ARG A CG  1 
ATOM   834  C CD  . ARG A 1 112 ? 6.437   -7.375  -2.988  1.00 30.87  ? 1008 ARG A CD  1 
ATOM   835  N NE  . ARG A 1 112 ? 7.439   -6.421  -3.453  1.00 52.47  ? 1008 ARG A NE  1 
ATOM   836  C CZ  . ARG A 1 112 ? 7.817   -6.266  -4.717  1.00 60.11  ? 1008 ARG A CZ  1 
ATOM   837  N NH1 . ARG A 1 112 ? 7.279   -7.007  -5.678  1.00 63.89  ? 1008 ARG A NH1 1 
ATOM   838  N NH2 . ARG A 1 112 ? 8.744   -5.363  -5.017  1.00 39.21  ? 1008 ARG A NH2 1 
ATOM   839  N N   . PRO A 1 113 ? 3.529   -9.140  1.553   1.00 19.00  ? 1009 PRO A N   1 
ATOM   840  C CA  . PRO A 1 113 ? 2.405   -9.956  2.013   1.00 15.38  ? 1009 PRO A CA  1 
ATOM   841  C C   . PRO A 1 113 ? 1.521   -10.433 0.868   1.00 17.01  ? 1009 PRO A C   1 
ATOM   842  O O   . PRO A 1 113 ? 0.458   -9.870  0.609   1.00 14.41  ? 1009 PRO A O   1 
ATOM   843  C CB  . PRO A 1 113 ? 1.645   -8.998  2.931   1.00 13.72  ? 1009 PRO A CB  1 
ATOM   844  C CG  . PRO A 1 113 ? 1.921   -7.667  2.366   1.00 16.75  ? 1009 PRO A CG  1 
ATOM   845  C CD  . PRO A 1 113 ? 3.371   -7.727  1.935   1.00 14.19  ? 1009 PRO A CD  1 
ATOM   846  N N   . LEU A 1 114 ? 1.963   -11.485 0.187   1.00 16.17  ? 1010 LEU A N   1 
ATOM   847  C CA  . LEU A 1 114 ? 1.230   -12.033 -0.963  1.00 15.12  ? 1010 LEU A CA  1 
ATOM   848  C C   . LEU A 1 114 ? 0.233   -13.097 -0.535  1.00 22.91  ? 1010 LEU A C   1 
ATOM   849  O O   . LEU A 1 114 ? 0.461   -13.822 0.431   1.00 25.74  ? 1010 LEU A O   1 
ATOM   850  C CB  . LEU A 1 114 ? 2.207   -12.606 -1.991  1.00 15.56  ? 1010 LEU A CB  1 
ATOM   851  C CG  . LEU A 1 114 ? 3.253   -11.652 -2.549  1.00 20.14  ? 1010 LEU A CG  1 
ATOM   852  C CD1 . LEU A 1 114 ? 4.199   -12.364 -3.503  1.00 33.35  ? 1010 LEU A CD1 1 
ATOM   853  C CD2 . LEU A 1 114 ? 2.561   -10.490 -3.231  1.00 25.85  ? 1010 LEU A CD2 1 
ATOM   854  N N   . VAL A 1 115 ? -0.892  -13.174 -1.250  1.00 15.46  ? 1011 VAL A N   1 
ATOM   855  C CA  . VAL A 1 115 ? -1.880  -14.199 -1.010  1.00 11.72  ? 1011 VAL A CA  1 
ATOM   856  C C   . VAL A 1 115 ? -2.334  -14.760 -2.350  1.00 13.71  ? 1011 VAL A C   1 
ATOM   857  O O   . VAL A 1 115 ? -2.069  -14.169 -3.409  1.00 16.46  ? 1011 VAL A O   1 
ATOM   858  C CB  . VAL A 1 115 ? -3.132  -13.630 -0.293  1.00 19.42  ? 1011 VAL A CB  1 
ATOM   859  C CG1 . VAL A 1 115 ? -2.808  -13.276 1.149   1.00 30.40  ? 1011 VAL A CG1 1 
ATOM   860  C CG2 . VAL A 1 115 ? -3.659  -12.415 -1.026  1.00 16.81  ? 1011 VAL A CG2 1 
ATOM   861  N N   . THR A 1 116 ? -3.036  -15.886 -2.314  1.00 16.88  ? 1012 THR A N   1 
ATOM   862  C CA  . THR A 1 116 ? -3.634  -16.397 -3.545  1.00 10.77  ? 1012 THR A CA  1 
ATOM   863  C C   . THR A 1 116 ? -5.081  -15.935 -3.591  1.00 15.52  ? 1012 THR A C   1 
ATOM   864  O O   . THR A 1 116 ? -5.789  -15.977 -2.582  1.00 19.53  ? 1012 THR A O   1 
ATOM   865  C CB  . THR A 1 116 ? -3.608  -17.933 -3.607  1.00 20.98  ? 1012 THR A CB  1 
ATOM   866  O OG1 . THR A 1 116 ? -4.515  -18.463 -2.636  1.00 48.59  ? 1012 THR A OG1 1 
ATOM   867  C CG2 . THR A 1 116 ? -2.222  -18.453 -3.336  1.00 14.92  ? 1012 THR A CG2 1 
ATOM   868  N N   . ILE A 1 117 ? -5.527  -15.518 -4.766  1.00 17.68  ? 1013 ILE A N   1 
ATOM   869  C CA  . ILE A 1 117 ? -6.913  -15.149 -4.942  1.00 15.08  ? 1013 ILE A CA  1 
ATOM   870  C C   . ILE A 1 117 ? -7.519  -16.020 -6.033  1.00 18.02  ? 1013 ILE A C   1 
ATOM   871  O O   . ILE A 1 117 ? -6.799  -16.564 -6.876  1.00 18.31  ? 1013 ILE A O   1 
ATOM   872  C CB  . ILE A 1 117 ? -7.060  -13.671 -5.300  1.00 15.13  ? 1013 ILE A CB  1 
ATOM   873  C CG1 . ILE A 1 117 ? -6.333  -13.367 -6.611  1.00 15.41  ? 1013 ILE A CG1 1 
ATOM   874  C CG2 . ILE A 1 117 ? -6.496  -12.790 -4.136  1.00 17.72  ? 1013 ILE A CG2 1 
ATOM   875  C CD1 . ILE A 1 117 ? -6.614  -11.985 -7.172  1.00 16.81  ? 1013 ILE A CD1 1 
ATOM   876  N N   . LYS A 1 118 ? -8.828  -16.211 -5.970  1.00 15.27  ? 1014 LYS A N   1 
ATOM   877  C CA  . LYS A 1 118 ? -9.541  -16.816 -7.087  1.00 13.14  ? 1014 LYS A CA  1 
ATOM   878  C C   . LYS A 1 118 ? -10.623 -15.847 -7.492  1.00 17.64  ? 1014 LYS A C   1 
ATOM   879  O O   . LYS A 1 118 ? -11.428 -15.417 -6.659  1.00 18.90  ? 1014 LYS A O   1 
ATOM   880  C CB  . LYS A 1 118 ? -10.171 -18.155 -6.715  1.00 17.22  ? 1014 LYS A CB  1 
ATOM   881  C CG  . LYS A 1 118 ? -10.859 -18.850 -7.924  1.00 15.24  ? 1014 LYS A CG  1 
ATOM   882  C CD  . LYS A 1 118 ? -11.449 -20.194 -7.537  1.00 29.24  ? 1014 LYS A CD  1 
ATOM   883  C CE  . LYS A 1 118 ? -12.190 -20.818 -8.710  1.00 38.21  ? 1014 LYS A CE  1 
ATOM   884  N NZ  . LYS A 1 118 ? -12.691 -22.176 -8.367  1.00 31.56  ? 1014 LYS A NZ  1 
ATOM   885  N N   . ILE A 1 119 ? -10.642 -15.511 -8.771  1.00 13.35  ? 1015 ILE A N   1 
ATOM   886  C CA  . ILE A 1 119 ? -11.588 -14.542 -9.283  1.00 13.96  ? 1015 ILE A CA  1 
ATOM   887  C C   . ILE A 1 119 ? -11.841 -14.833 -10.761 1.00 18.96  ? 1015 ILE A C   1 
ATOM   888  O O   . ILE A 1 119 ? -10.911 -15.159 -11.516 1.00 21.44  ? 1015 ILE A O   1 
ATOM   889  C CB  . ILE A 1 119 ? -11.073 -13.098 -9.077  1.00 20.07  ? 1015 ILE A CB  1 
ATOM   890  C CG1 . ILE A 1 119 ? -12.134 -12.086 -9.526  1.00 27.32  ? 1015 ILE A CG1 1 
ATOM   891  C CG2 . ILE A 1 119 ? -9.731  -12.888 -9.808  1.00 19.17  ? 1015 ILE A CG2 1 
ATOM   892  C CD1 . ILE A 1 119 ? -11.644 -10.652 -9.540  1.00 23.48  ? 1015 ILE A CD1 1 
ATOM   893  N N   . GLY A 1 120 ? -13.108 -14.765 -11.157 1.00 24.64  ? 1016 GLY A N   1 
ATOM   894  C CA  . GLY A 1 120 ? -13.507 -15.092 -12.521 1.00 24.25  ? 1016 GLY A CA  1 
ATOM   895  C C   . GLY A 1 120 ? -13.047 -16.463 -12.980 1.00 15.64  ? 1016 GLY A C   1 
ATOM   896  O O   . GLY A 1 120 ? -12.697 -16.637 -14.148 1.00 22.73  ? 1016 GLY A O   1 
ATOM   897  N N   . GLY A 1 121 ? -13.027 -17.434 -12.061 1.00 18.84  ? 1017 GLY A N   1 
ATOM   898  C CA  . GLY A 1 121 ? -12.612 -18.796 -12.376 1.00 18.40  ? 1017 GLY A CA  1 
ATOM   899  C C   . GLY A 1 121 ? -11.106 -19.045 -12.434 1.00 18.11  ? 1017 GLY A C   1 
ATOM   900  O O   . GLY A 1 121 ? -10.661 -20.153 -12.747 1.00 14.94  ? 1017 GLY A O   1 
ATOM   901  N N   . GLN A 1 122 ? -10.321 -18.022 -12.120 1.00 16.92  ? 1018 GLN A N   1 
ATOM   902  C CA  . GLN A 1 122 ? -8.875  -18.041 -12.326 1.00 14.14  ? 1018 GLN A CA  1 
ATOM   903  C C   . GLN A 1 122 ? -8.112  -17.823 -11.024 1.00 13.77  ? 1018 GLN A C   1 
ATOM   904  O O   . GLN A 1 122 ? -8.531  -17.039 -10.185 1.00 15.45  ? 1018 GLN A O   1 
ATOM   905  C CB  . GLN A 1 122 ? -8.489  -16.938 -13.303 1.00 20.96  ? 1018 GLN A CB  1 
ATOM   906  C CG  . GLN A 1 122 ? -9.039  -17.136 -14.707 1.00 19.61  ? 1018 GLN A CG  1 
ATOM   907  C CD  . GLN A 1 122 ? -9.077  -15.839 -15.466 1.00 19.99  ? 1018 GLN A CD  1 
ATOM   908  O OE1 . GLN A 1 122 ? -8.042  -15.315 -15.852 1.00 26.19  ? 1018 GLN A OE1 1 
ATOM   909  N NE2 . GLN A 1 122 ? -10.273 -15.289 -15.654 1.00 24.65  ? 1018 GLN A NE2 1 
ATOM   910  N N   . LEU A 1 123 ? -6.972  -18.494 -10.888 1.00 10.52  ? 1019 LEU A N   1 
ATOM   911  C CA  . LEU A 1 123 ? -6.092  -18.300 -9.748  1.00 9.98   ? 1019 LEU A CA  1 
ATOM   912  C C   . LEU A 1 123 ? -4.999  -17.279 -10.052 1.00 15.17  ? 1019 LEU A C   1 
ATOM   913  O O   . LEU A 1 123 ? -4.351  -17.332 -11.104 1.00 14.22  ? 1019 LEU A O   1 
ATOM   914  C CB  . LEU A 1 123 ? -5.421  -19.626 -9.385  1.00 12.62  ? 1019 LEU A CB  1 
ATOM   915  C CG  . LEU A 1 123 ? -6.427  -20.758 -9.196  1.00 17.33  ? 1019 LEU A CG  1 
ATOM   916  C CD1 . LEU A 1 123 ? -5.696  -22.093 -8.940  1.00 24.94  ? 1019 LEU A CD1 1 
ATOM   917  C CD2 . LEU A 1 123 ? -7.368  -20.418 -8.048  1.00 23.40  ? 1019 LEU A CD2 1 
ATOM   918  N N   . LYS A 1 124 ? -4.781  -16.364 -9.118  1.00 12.59  ? 1020 LYS A N   1 
ATOM   919  C CA  . LYS A 1 124 ? -3.723  -15.357 -9.248  1.00 14.73  ? 1020 LYS A CA  1 
ATOM   920  C C   . LYS A 1 124 ? -3.087  -15.089 -7.895  1.00 12.24  ? 1020 LYS A C   1 
ATOM   921  O O   . LYS A 1 124 ? -3.620  -15.496 -6.875  1.00 14.51  ? 1020 LYS A O   1 
ATOM   922  C CB  . LYS A 1 124 ? -4.290  -14.045 -9.815  1.00 16.03  ? 1020 LYS A CB  1 
ATOM   923  C CG  . LYS A 1 124 ? -4.785  -14.185 -11.230 1.00 18.09  ? 1020 LYS A CG  1 
ATOM   924  C CD  . LYS A 1 124 ? -5.647  -12.993 -11.661 1.00 34.90  ? 1020 LYS A CD  1 
ATOM   925  C CE  . LYS A 1 124 ? -5.929  -13.062 -13.159 1.00 26.43  ? 1020 LYS A CE  1 
ATOM   926  N NZ  . LYS A 1 124 ? -4.664  -13.042 -13.948 1.00 32.70  ? 1020 LYS A NZ  1 
ATOM   927  N N   . GLU A 1 125 ? -1.943  -14.405 -7.896  1.00 12.49  ? 1021 GLU A N   1 
ATOM   928  C CA  . GLU A 1 125 ? -1.362  -13.919 -6.646  1.00 15.55  ? 1021 GLU A CA  1 
ATOM   929  C C   . GLU A 1 125 ? -1.583  -12.413 -6.518  1.00 13.62  ? 1021 GLU A C   1 
ATOM   930  O O   . GLU A 1 125 ? -1.586  -11.692 -7.514  1.00 19.59  ? 1021 GLU A O   1 
ATOM   931  C CB  . GLU A 1 125 ? 0.140   -14.195 -6.594  1.00 21.22  ? 1021 GLU A CB  1 
ATOM   932  C CG  . GLU A 1 125 ? 0.510   -15.565 -6.075  1.00 38.57  ? 1021 GLU A CG  1 
ATOM   933  C CD  . GLU A 1 125 ? 1.961   -15.625 -5.625  1.00 43.74  ? 1021 GLU A CD  1 
ATOM   934  O OE1 . GLU A 1 125 ? 2.790   -14.887 -6.200  1.00 40.29  ? 1021 GLU A OE1 1 
ATOM   935  O OE2 . GLU A 1 125 ? 2.265   -16.388 -4.687  1.00 43.05  ? 1021 GLU A OE2 1 
ATOM   936  N N   . ALA A 1 126 ? -1.722  -11.937 -5.288  1.00 12.67  ? 1022 ALA A N   1 
ATOM   937  C CA  . ALA A 1 126 ? -1.969  -10.517 -5.086  1.00 17.07  ? 1022 ALA A CA  1 
ATOM   938  C C   . ALA A 1 126 ? -1.386  -10.048 -3.767  1.00 16.51  ? 1022 ALA A C   1 
ATOM   939  O O   . ALA A 1 126 ? -1.088  -10.842 -2.873  1.00 16.93  ? 1022 ALA A O   1 
ATOM   940  C CB  . ALA A 1 126 ? -3.463  -10.206 -5.170  1.00 13.62  ? 1022 ALA A CB  1 
ATOM   941  N N   . LEU A 1 127 ? -1.242  -8.741  -3.657  1.00 15.91  ? 1023 LEU A N   1 
ATOM   942  C CA  . LEU A 1 127 ? -0.559  -8.137  -2.538  1.00 10.68  ? 1023 LEU A CA  1 
ATOM   943  C C   . LEU A 1 127 ? -1.588  -7.534  -1.597  1.00 18.15  ? 1023 LEU A C   1 
ATOM   944  O O   . LEU A 1 127 ? -2.420  -6.741  -2.044  1.00 16.86  ? 1023 LEU A O   1 
ATOM   945  C CB  . LEU A 1 127 ? 0.347   -7.039  -3.115  1.00 16.73  ? 1023 LEU A CB  1 
ATOM   946  C CG  . LEU A 1 127 ? 1.170   -6.158  -2.177  1.00 24.58  ? 1023 LEU A CG  1 
ATOM   947  C CD1 . LEU A 1 127 ? 2.280   -6.963  -1.513  1.00 21.59  ? 1023 LEU A CD1 1 
ATOM   948  C CD2 . LEU A 1 127 ? 1.754   -4.986  -2.952  1.00 20.22  ? 1023 LEU A CD2 1 
ATOM   949  N N   . LEU A 1 128 ? -1.539  -7.912  -0.311  1.00 13.03  ? 1024 LEU A N   1 
ATOM   950  C CA  . LEU A 1 128 ? -2.415  -7.331  0.714   1.00 12.26  ? 1024 LEU A CA  1 
ATOM   951  C C   . LEU A 1 128 ? -1.913  -5.932  1.020   1.00 19.43  ? 1024 LEU A C   1 
ATOM   952  O O   . LEU A 1 128 ? -0.821  -5.753  1.563   1.00 19.13  ? 1024 LEU A O   1 
ATOM   953  C CB  . LEU A 1 128 ? -2.394  -8.160  1.992   1.00 15.04  ? 1024 LEU A CB  1 
ATOM   954  C CG  . LEU A 1 128 ? -2.873  -9.612  1.893   1.00 14.82  ? 1024 LEU A CG  1 
ATOM   955  C CD1 . LEU A 1 128 ? -2.678  -10.299 3.229   1.00 15.91  ? 1024 LEU A CD1 1 
ATOM   956  C CD2 . LEU A 1 128 ? -4.314  -9.668  1.469   1.00 18.79  ? 1024 LEU A CD2 1 
ATOM   957  N N   . ASP A 1 129 ? -2.707  -4.933  0.669   1.00 11.56  ? 1025 ASP A N   1 
ATOM   958  C CA  . ASP A 1 129 ? -2.178  -3.570  0.631   1.00 11.44  ? 1025 ASP A CA  1 
ATOM   959  C C   . ASP A 1 129 ? -3.002  -2.594  1.462   1.00 16.84  ? 1025 ASP A C   1 
ATOM   960  O O   . ASP A 1 129 ? -3.988  -2.056  0.981   1.00 13.96  ? 1025 ASP A O   1 
ATOM   961  C CB  . ASP A 1 129 ? -2.138  -3.094  -0.815  1.00 14.26  ? 1025 ASP A CB  1 
ATOM   962  C CG  . ASP A 1 129 ? -1.418  -1.755  -0.980  1.00 18.68  ? 1025 ASP A CG  1 
ATOM   963  O OD1 . ASP A 1 129 ? -0.973  -1.165  0.012   1.00 20.81  ? 1025 ASP A OD1 1 
ATOM   964  O OD2 . ASP A 1 129 ? -1.301  -1.325  -2.127  1.00 20.54  ? 1025 ASP A OD2 1 
ATOM   965  N N   . THR A 1 130 ? -2.550  -2.318  2.682   1.00 14.51  ? 1026 THR A N   1 
ATOM   966  C CA  . THR A 1 130 ? -3.281  -1.407  3.580   1.00 14.01  ? 1026 THR A CA  1 
ATOM   967  C C   . THR A 1 130 ? -3.264  0.029   3.074   1.00 13.68  ? 1026 THR A C   1 
ATOM   968  O O   . THR A 1 130 ? -4.069  0.854   3.492   1.00 15.54  ? 1026 THR A O   1 
ATOM   969  C CB  . THR A 1 130 ? -2.736  -1.460  5.026   1.00 15.38  ? 1026 THR A CB  1 
ATOM   970  O OG1 . THR A 1 130 ? -1.341  -1.102  5.042   1.00 12.89  ? 1026 THR A OG1 1 
ATOM   971  C CG2 . THR A 1 130 ? -2.905  -2.874  5.616   1.00 17.12  ? 1026 THR A CG2 1 
ATOM   972  N N   . GLY A 1 131 ? -2.342  0.328   2.165   1.00 14.94  ? 1027 GLY A N   1 
ATOM   973  C CA  . GLY A 1 131 ? -2.191  1.667   1.639   1.00 16.93  ? 1027 GLY A CA  1 
ATOM   974  C C   . GLY A 1 131 ? -3.083  1.952   0.447   1.00 21.50  ? 1027 GLY A C   1 
ATOM   975  O O   . GLY A 1 131 ? -3.114  3.079   -0.048  1.00 21.62  ? 1027 GLY A O   1 
ATOM   976  N N   . ALA A 1 132 ? -3.805  0.935   -0.027  1.00 12.28  ? 1028 ALA A N   1 
ATOM   977  C CA  . ALA A 1 132 ? -4.637  1.081   -1.223  1.00 12.61  ? 1028 ALA A CA  1 
ATOM   978  C C   . ALA A 1 132 ? -6.119  1.177   -0.861  1.00 14.00  ? 1028 ALA A C   1 
ATOM   979  O O   . ALA A 1 132 ? -6.628  0.323   -0.143  1.00 14.19  ? 1028 ALA A O   1 
ATOM   980  C CB  . ALA A 1 132 ? -4.406  -0.111  -2.185  1.00 13.62  ? 1028 ALA A CB  1 
ATOM   981  N N   . ASP A 1 133 ? -6.804  2.209   -1.359  1.00 19.15  ? 1029 ASP A N   1 
ATOM   982  C CA  . ASP A 1 133 ? -8.226  2.373   -1.062  1.00 15.31  ? 1029 ASP A CA  1 
ATOM   983  C C   . ASP A 1 133 ? -9.014  1.329   -1.840  1.00 16.74  ? 1029 ASP A C   1 
ATOM   984  O O   . ASP A 1 133 ? -10.021 0.808   -1.347  1.00 22.30  ? 1029 ASP A O   1 
ATOM   985  C CB  . ASP A 1 133 ? -8.737  3.756   -1.475  1.00 21.56  ? 1029 ASP A CB  1 
ATOM   986  C CG  . ASP A 1 133 ? -8.093  4.880   -0.684  1.00 27.66  ? 1029 ASP A CG  1 
ATOM   987  O OD1 . ASP A 1 133 ? -8.111  6.024   -1.178  1.00 27.60  ? 1029 ASP A OD1 1 
ATOM   988  O OD2 . ASP A 1 133 ? -7.577  4.613   0.419   1.00 22.25  ? 1029 ASP A OD2 1 
ATOM   989  N N   . ASN A 1 134 ? -8.522  1.020   -3.037  1.00 14.99  ? 1030 ASN A N   1 
ATOM   990  C CA  . ASN A 1 134 ? -9.220  0.131   -3.974  1.00 16.89  ? 1030 ASN A CA  1 
ATOM   991  C C   . ASN A 1 134 ? -8.463  -1.152  -4.270  1.00 17.46  ? 1030 ASN A C   1 
ATOM   992  O O   . ASN A 1 134 ? -7.288  -1.277  -3.951  1.00 16.62  ? 1030 ASN A O   1 
ATOM   993  C CB  . ASN A 1 134 ? -9.437  0.836   -5.299  1.00 20.33  ? 1030 ASN A CB  1 
ATOM   994  C CG  . ASN A 1 134 ? -10.052 2.205   -5.137  1.00 25.31  ? 1030 ASN A CG  1 
ATOM   995  O OD1 . ASN A 1 134 ? -11.209 2.325   -4.745  1.00 25.80  ? 1030 ASN A OD1 1 
ATOM   996  N ND2 . ASN A 1 134 ? -9.281  3.238   -5.430  1.00 27.67  ? 1030 ASN A ND2 1 
ATOM   997  N N   . THR A 1 135 ? -9.144  -2.084  -4.928  1.00 16.17  ? 1031 THR A N   1 
ATOM   998  C CA  . THR A 1 135 ? -8.516  -3.337  -5.358  1.00 15.52  ? 1031 THR A CA  1 
ATOM   999  C C   . THR A 1 135 ? -8.285  -3.265  -6.868  1.00 19.64  ? 1031 THR A C   1 
ATOM   1000 O O   . THR A 1 135 ? -9.215  -2.991  -7.629  1.00 19.56  ? 1031 THR A O   1 
ATOM   1001 C CB  . THR A 1 135 ? -9.398  -4.524  -4.963  1.00 18.94  ? 1031 THR A CB  1 
ATOM   1002 O OG1 . THR A 1 135 ? -9.385  -4.654  -3.534  1.00 14.55  ? 1031 THR A OG1 1 
ATOM   1003 C CG2 . THR A 1 135 ? -8.913  -5.843  -5.629  1.00 15.30  ? 1031 THR A CG2 1 
ATOM   1004 N N   . VAL A 1 136 ? -7.038  -3.456  -7.293  1.00 16.46  ? 1032 VAL A N   1 
ATOM   1005 C CA  . VAL A 1 136 ? -6.654  -3.238  -8.688  1.00 20.93  ? 1032 VAL A CA  1 
ATOM   1006 C C   . VAL A 1 136 ? -5.907  -4.448  -9.234  1.00 20.10  ? 1032 VAL A C   1 
ATOM   1007 O O   . VAL A 1 136 ? -4.855  -4.828  -8.707  1.00 17.39  ? 1032 VAL A O   1 
ATOM   1008 C CB  . VAL A 1 136 ? -5.746  -1.982  -8.878  1.00 23.22  ? 1032 VAL A CB  1 
ATOM   1009 C CG1 . VAL A 1 136 ? -5.594  -1.662  -10.352 1.00 22.45  ? 1032 VAL A CG1 1 
ATOM   1010 C CG2 . VAL A 1 136 ? -6.310  -0.778  -8.130  1.00 19.80  ? 1032 VAL A CG2 1 
ATOM   1011 N N   . LEU A 1 137 ? -6.457  -5.057  -10.282 1.00 20.52  ? 1033 LEU A N   1 
ATOM   1012 C CA  . LEU A 1 137 ? -5.885  -6.279  -10.846 1.00 20.88  ? 1033 LEU A CA  1 
ATOM   1013 C C   . LEU A 1 137 ? -5.335  -6.050  -12.238 1.00 23.22  ? 1033 LEU A C   1 
ATOM   1014 O O   . LEU A 1 137 ? -5.872  -5.234  -12.993 1.00 21.98  ? 1033 LEU A O   1 
ATOM   1015 C CB  . LEU A 1 137 ? -6.943  -7.397  -10.919 1.00 18.80  ? 1033 LEU A CB  1 
ATOM   1016 C CG  . LEU A 1 137 ? -7.605  -7.846  -9.614  1.00 22.27  ? 1033 LEU A CG  1 
ATOM   1017 C CD1 . LEU A 1 137 ? -8.521  -9.011  -9.888  1.00 27.26  ? 1033 LEU A CD1 1 
ATOM   1018 C CD2 . LEU A 1 137 ? -6.558  -8.226  -8.577  1.00 22.18  ? 1033 LEU A CD2 1 
ATOM   1019 N N   . GLU A 1 138 ? -4.265  -6.775  -12.570 1.00 23.23  ? 1034 GLU A N   1 
ATOM   1020 C CA  . GLU A 1 138 ? -3.706  -6.771  -13.925 1.00 25.69  ? 1034 GLU A CA  1 
ATOM   1021 C C   . GLU A 1 138 ? -4.784  -7.148  -14.924 1.00 34.20  ? 1034 GLU A C   1 
ATOM   1022 O O   . GLU A 1 138 ? -5.802  -7.730  -14.549 1.00 22.88  ? 1034 GLU A O   1 
ATOM   1023 C CB  . GLU A 1 138 ? -2.562  -7.780  -14.047 1.00 26.47  ? 1034 GLU A CB  1 
ATOM   1024 C CG  . GLU A 1 138 ? -1.316  -7.482  -13.231 1.00 33.10  ? 1034 GLU A CG  1 
ATOM   1025 C CD  . GLU A 1 138 ? -0.188  -8.474  -13.517 1.00 44.07  ? 1034 GLU A CD  1 
ATOM   1026 O OE1 . GLU A 1 138 ? -0.253  -9.612  -13.006 1.00 44.62  ? 1034 GLU A OE1 1 
ATOM   1027 O OE2 . GLU A 1 138 ? 0.753   -8.123  -14.262 1.00 43.30  ? 1034 GLU A OE2 1 
ATOM   1028 N N   . GLU A 1 139 ? -4.560  -6.825  -16.196 1.00 31.33  ? 1035 GLU A N   1 
ATOM   1029 C CA  . GLU A 1 139 ? -5.532  -7.157  -17.231 1.00 28.55  ? 1035 GLU A CA  1 
ATOM   1030 C C   . GLU A 1 139 ? -5.897  -8.637  -17.198 1.00 23.14  ? 1035 GLU A C   1 
ATOM   1031 O O   . GLU A 1 139 ? -5.034  -9.502  -17.149 1.00 27.44  ? 1035 GLU A O   1 
ATOM   1032 C CB  . GLU A 1 139 ? -5.016  -6.777  -18.622 1.00 36.24  ? 1035 GLU A CB  1 
ATOM   1033 C CG  . GLU A 1 139 ? -5.430  -5.389  -19.076 1.00 49.03  ? 1035 GLU A CG  1 
ATOM   1034 C CD  . GLU A 1 139 ? -6.939  -5.241  -19.191 1.00 66.72  ? 1035 GLU A CD  1 
ATOM   1035 O OE1 . GLU A 1 139 ? -7.640  -6.268  -19.366 1.00 50.76  ? 1035 GLU A OE1 1 
ATOM   1036 O OE2 . GLU A 1 139 ? -7.428  -4.093  -19.097 1.00 63.55  ? 1035 GLU A OE2 1 
ATOM   1037 N N   . MET A 1 140 ? -7.190  -8.915  -17.197 1.00 28.66  ? 1036 MET A N   1 
ATOM   1038 C CA  . MET A 1 140 ? -7.644  -10.290 -17.146 1.00 31.76  ? 1036 MET A CA  1 
ATOM   1039 C C   . MET A 1 140 ? -9.047  -10.368 -17.700 1.00 28.68  ? 1036 MET A C   1 
ATOM   1040 O O   . MET A 1 140 ? -9.708  -9.347  -17.890 1.00 33.51  ? 1036 MET A O   1 
ATOM   1041 C CB  . MET A 1 140 ? -7.646  -10.799 -15.710 1.00 24.23  ? 1036 MET A CB  1 
ATOM   1042 C CG  . MET A 1 140 ? -8.658  -10.100 -14.833 1.00 36.99  ? 1036 MET A CG  1 
ATOM   1043 S SD  . MET A 1 140 ? -8.774  -10.874 -13.215 1.00 32.38  ? 1036 MET A SD  1 
ATOM   1044 C CE  . MET A 1 140 ? -9.395  -12.497 -13.667 1.00 38.17  ? 1036 MET A CE  1 
ATOM   1045 N N   . SER A 1 141 ? -9.494  -11.593 -17.950 1.00 31.54  ? 1037 SER A N   1 
ATOM   1046 C CA  . SER A 1 141 ? -10.820 -11.834 -18.477 1.00 26.32  ? 1037 SER A CA  1 
ATOM   1047 C C   . SER A 1 141 ? -11.824 -11.959 -17.339 1.00 31.16  ? 1037 SER A C   1 
ATOM   1048 O O   . SER A 1 141 ? -11.760 -12.903 -16.563 1.00 33.14  ? 1037 SER A O   1 
ATOM   1049 C CB  . SER A 1 141 ? -10.810 -13.113 -19.323 1.00 40.13  ? 1037 SER A CB  1 
ATOM   1050 O OG  . SER A 1 141 ? -12.130 -13.536 -19.623 1.00 43.46  ? 1037 SER A OG  1 
ATOM   1051 N N   . LEU A 1 142 ? -12.732 -10.993 -17.223 1.00 32.13  ? 1038 LEU A N   1 
ATOM   1052 C CA  . LEU A 1 142 ? -13.853 -11.111 -16.300 1.00 24.27  ? 1038 LEU A CA  1 
ATOM   1053 C C   . LEU A 1 142 ? -15.160 -11.009 -17.073 1.00 42.94  ? 1038 LEU A C   1 
ATOM   1054 O O   . LEU A 1 142 ? -15.228 -10.323 -18.090 1.00 43.66  ? 1038 LEU A O   1 
ATOM   1055 C CB  . LEU A 1 142 ? -13.808 -10.018 -15.233 1.00 35.26  ? 1038 LEU A CB  1 
ATOM   1056 C CG  . LEU A 1 142 ? -12.710 -10.093 -14.171 1.00 34.80  ? 1038 LEU A CG  1 
ATOM   1057 C CD1 . LEU A 1 142 ? -12.777 -8.861  -13.275 1.00 28.75  ? 1038 LEU A CD1 1 
ATOM   1058 C CD2 . LEU A 1 142 ? -12.826 -11.369 -13.345 1.00 26.05  ? 1038 LEU A CD2 1 
ATOM   1059 N N   . PRO A 1 143 ? -16.205 -11.700 -16.596 1.00 38.28  ? 1039 PRO A N   1 
ATOM   1060 C CA  . PRO A 1 143 ? -17.508 -11.592 -17.257 1.00 47.76  ? 1039 PRO A CA  1 
ATOM   1061 C C   . PRO A 1 143 ? -18.267 -10.350 -16.796 1.00 53.41  ? 1039 PRO A C   1 
ATOM   1062 O O   . PRO A 1 143 ? -18.056 -9.881  -15.677 1.00 44.29  ? 1039 PRO A O   1 
ATOM   1063 C CB  . PRO A 1 143 ? -18.235 -12.845 -16.774 1.00 48.51  ? 1039 PRO A CB  1 
ATOM   1064 C CG  . PRO A 1 143 ? -17.667 -13.095 -15.406 1.00 44.82  ? 1039 PRO A CG  1 
ATOM   1065 C CD  . PRO A 1 143 ? -16.224 -12.656 -15.472 1.00 42.27  ? 1039 PRO A CD  1 
ATOM   1066 N N   . GLY A 1 144 ? -19.132 -9.817  -17.652 1.00 46.25  ? 1040 GLY A N   1 
ATOM   1067 C CA  . GLY A 1 144 ? -20.090 -8.817  -17.219 1.00 50.57  ? 1040 GLY A CA  1 
ATOM   1068 C C   . GLY A 1 144 ? -19.867 -7.381  -17.657 1.00 54.09  ? 1040 GLY A C   1 
ATOM   1069 O O   . GLY A 1 144 ? -18.933 -7.061  -18.400 1.00 39.71  ? 1040 GLY A O   1 
ATOM   1070 N N   . ARG A 1 145 ? -20.755 -6.510  -17.189 1.00 50.03  ? 1041 ARG A N   1 
ATOM   1071 C CA  . ARG A 1 145 ? -20.699 -5.094  -17.517 1.00 49.00  ? 1041 ARG A CA  1 
ATOM   1072 C C   . ARG A 1 145 ? -19.618 -4.417  -16.671 1.00 41.27  ? 1041 ARG A C   1 
ATOM   1073 O O   . ARG A 1 145 ? -19.234 -4.932  -15.623 1.00 39.91  ? 1041 ARG A O   1 
ATOM   1074 C CB  . ARG A 1 145 ? -22.067 -4.465  -17.250 1.00 44.11  ? 1041 ARG A CB  1 
ATOM   1075 C CG  . ARG A 1 145 ? -22.302 -3.100  -17.876 1.00 73.69  ? 1041 ARG A CG  1 
ATOM   1076 C CD  . ARG A 1 145 ? -23.731 -2.637  -17.603 1.00 77.48  ? 1041 ARG A CD  1 
ATOM   1077 N NE  . ARG A 1 145 ? -23.986 -1.277  -18.072 1.00 71.31  ? 1041 ARG A NE  1 
ATOM   1078 C CZ  . ARG A 1 145 ? -25.103 -0.599  -17.822 1.00 88.43  ? 1041 ARG A CZ  1 
ATOM   1079 N NH1 . ARG A 1 145 ? -26.069 -1.157  -17.102 1.00 91.70  ? 1041 ARG A NH1 1 
ATOM   1080 N NH2 . ARG A 1 145 ? -25.255 0.636   -18.285 1.00 85.02  ? 1041 ARG A NH2 1 
ATOM   1081 N N   . TRP A 1 146 ? -19.114 -3.279  -17.139 1.00 45.70  ? 1042 TRP A N   1 
ATOM   1082 C CA  . TRP A 1 146 ? -18.173 -2.480  -16.362 1.00 41.19  ? 1042 TRP A CA  1 
ATOM   1083 C C   . TRP A 1 146 ? -18.259 -1.016  -16.760 1.00 46.18  ? 1042 TRP A C   1 
ATOM   1084 O O   . TRP A 1 146 ? -18.833 -0.685  -17.791 1.00 40.88  ? 1042 TRP A O   1 
ATOM   1085 C CB  . TRP A 1 146 ? -16.750 -2.977  -16.560 1.00 37.56  ? 1042 TRP A CB  1 
ATOM   1086 C CG  . TRP A 1 146 ? -16.349 -3.051  -17.988 1.00 48.89  ? 1042 TRP A CG  1 
ATOM   1087 C CD1 . TRP A 1 146 ? -16.427 -4.141  -18.800 1.00 46.18  ? 1042 TRP A CD1 1 
ATOM   1088 C CD2 . TRP A 1 146 ? -15.810 -1.991  -18.786 1.00 49.12  ? 1042 TRP A CD2 1 
ATOM   1089 N NE1 . TRP A 1 146 ? -15.963 -3.831  -20.051 1.00 42.42  ? 1042 TRP A NE1 1 
ATOM   1090 C CE2 . TRP A 1 146 ? -15.579 -2.518  -20.072 1.00 44.14  ? 1042 TRP A CE2 1 
ATOM   1091 C CE3 . TRP A 1 146 ? -15.497 -0.650  -18.538 1.00 43.20  ? 1042 TRP A CE3 1 
ATOM   1092 C CZ2 . TRP A 1 146 ? -15.051 -1.751  -21.110 1.00 42.07  ? 1042 TRP A CZ2 1 
ATOM   1093 C CZ3 . TRP A 1 146 ? -14.970 0.110   -19.570 1.00 53.55  ? 1042 TRP A CZ3 1 
ATOM   1094 C CH2 . TRP A 1 146 ? -14.753 -0.444  -20.840 1.00 53.22  ? 1042 TRP A CH2 1 
ATOM   1095 N N   . LYS A 1 147 ? -17.677 -0.148  -15.933 1.00 34.75  ? 1043 LYS A N   1 
ATOM   1096 C CA  . LYS A 1 147 ? -17.681 1.299   -16.166 1.00 43.39  ? 1043 LYS A CA  1 
ATOM   1097 C C   . LYS A 1 147 ? -16.251 1.828   -16.144 1.00 44.89  ? 1043 LYS A C   1 
ATOM   1098 O O   . LYS A 1 147 ? -15.449 1.417   -15.303 1.00 46.78  ? 1043 LYS A O   1 
ATOM   1099 C CB  . LYS A 1 147 ? -18.506 2.015   -15.092 1.00 31.71  ? 1043 LYS A CB  1 
ATOM   1100 C CG  . LYS A 1 147 ? -19.935 1.506   -14.966 1.00 50.47  ? 1043 LYS A CG  1 
ATOM   1101 C CD  . LYS A 1 147 ? -20.689 2.199   -13.840 1.00 49.21  ? 1043 LYS A CD  1 
ATOM   1102 C CE  . LYS A 1 147 ? -22.147 1.762   -13.823 1.00 61.56  ? 1043 LYS A CE  1 
ATOM   1103 N NZ  . LYS A 1 147 ? -22.940 2.423   -12.752 1.00 66.38  ? 1043 LYS A NZ  1 
ATOM   1104 N N   . PRO A 1 148 ? -15.918 2.728   -17.082 1.00 50.21  ? 1044 PRO A N   1 
ATOM   1105 C CA  . PRO A 1 148 ? -14.582 3.330   -17.156 1.00 44.03  ? 1044 PRO A CA  1 
ATOM   1106 C C   . PRO A 1 148 ? -14.301 4.169   -15.920 1.00 41.94  ? 1044 PRO A C   1 
ATOM   1107 O O   . PRO A 1 148 ? -15.240 4.638   -15.267 1.00 51.25  ? 1044 PRO A O   1 
ATOM   1108 C CB  . PRO A 1 148 ? -14.671 4.229   -18.394 1.00 49.49  ? 1044 PRO A CB  1 
ATOM   1109 C CG  . PRO A 1 148 ? -15.780 3.655   -19.198 1.00 48.15  ? 1044 PRO A CG  1 
ATOM   1110 C CD  . PRO A 1 148 ? -16.776 3.174   -18.192 1.00 43.53  ? 1044 PRO A CD  1 
ATOM   1111 N N   . LYS A 1 149 ? -13.027 4.344   -15.592 1.00 32.50  ? 1045 LYS A N   1 
ATOM   1112 C CA  . LYS A 1 149 ? -12.643 5.051   -14.372 1.00 34.53  ? 1045 LYS A CA  1 
ATOM   1113 C C   . LYS A 1 149 ? -11.139 5.286   -14.375 1.00 34.68  ? 1045 LYS A C   1 
ATOM   1114 O O   . LYS A 1 149 ? -10.384 4.550   -15.020 1.00 37.89  ? 1045 LYS A O   1 
ATOM   1115 C CB  . LYS A 1 149 ? -13.061 4.253   -13.128 1.00 40.14  ? 1045 LYS A CB  1 
ATOM   1116 C CG  . LYS A 1 149 ? -12.945 5.009   -11.802 1.00 51.64  ? 1045 LYS A CG  1 
ATOM   1117 C CD  . LYS A 1 149 ? -13.196 4.102   -10.604 1.00 55.46  ? 1045 LYS A CD  1 
ATOM   1118 C CE  . LYS A 1 149 ? -13.105 4.852   -9.277  1.00 57.46  ? 1045 LYS A CE  1 
ATOM   1119 N NZ  . LYS A 1 149 ? -13.294 3.950   -8.095  1.00 52.73  ? 1045 LYS A NZ  1 
ATOM   1120 N N   . MET A 1 150 ? -10.708 6.338   -13.687 1.00 36.55  ? 1046 MET A N   1 
ATOM   1121 C CA  . MET A 1 150 ? -9.288  6.631   -13.543 1.00 31.73  ? 1046 MET A CA  1 
ATOM   1122 C C   . MET A 1 150 ? -8.945  6.658   -12.064 1.00 26.98  ? 1046 MET A C   1 
ATOM   1123 O O   . MET A 1 150 ? -9.742  7.139   -11.253 1.00 36.05  ? 1046 MET A O   1 
ATOM   1124 C CB  . MET A 1 150 ? -8.927  7.964   -14.201 1.00 36.09  ? 1046 MET A CB  1 
ATOM   1125 C CG  . MET A 1 150 ? -8.666  7.855   -15.697 1.00 41.94  ? 1046 MET A CG  1 
ATOM   1126 S SD  . MET A 1 150 ? -8.451  9.453   -16.496 1.00 64.95  ? 1046 MET A SD  1 
ATOM   1127 C CE  . MET A 1 150 ? -10.109 10.121  -16.330 1.00 45.50  ? 1046 MET A CE  1 
ATOM   1128 N N   . ILE A 1 151 ? -7.779  6.114   -11.715 1.00 26.35  ? 1047 ILE A N   1 
ATOM   1129 C CA  . ILE A 1 151 ? -7.334  6.059   -10.325 1.00 23.30  ? 1047 ILE A CA  1 
ATOM   1130 C C   . ILE A 1 151 ? -5.883  6.487   -10.239 1.00 20.75  ? 1047 ILE A C   1 
ATOM   1131 O O   . ILE A 1 151 ? -5.103  6.241   -11.161 1.00 24.89  ? 1047 ILE A O   1 
ATOM   1132 C CB  . ILE A 1 151 ? -7.488  4.643   -9.719  1.00 32.13  ? 1047 ILE A CB  1 
ATOM   1133 C CG1 . ILE A 1 151 ? -6.621  3.640   -10.477 1.00 22.14  ? 1047 ILE A CG1 1 
ATOM   1134 C CG2 . ILE A 1 151 ? -8.941  4.207   -9.750  1.00 32.61  ? 1047 ILE A CG2 1 
ATOM   1135 C CD1 . ILE A 1 151 ? -6.663  2.266   -9.889  1.00 26.57  ? 1047 ILE A CD1 1 
ATOM   1136 N N   . GLY A 1 152 ? -5.514  7.143   -9.143  1.00 26.69  ? 1048 GLY A N   1 
ATOM   1137 C CA  . GLY A 1 152 ? -4.171  7.680   -9.022  1.00 25.44  ? 1048 GLY A CA  1 
ATOM   1138 C C   . GLY A 1 152 ? -3.286  6.841   -8.114  1.00 19.51  ? 1048 GLY A C   1 
ATOM   1139 O O   . GLY A 1 152 ? -3.777  6.101   -7.272  1.00 22.44  ? 1048 GLY A O   1 
ATOM   1140 N N   . GLY A 1 153 ? -1.980  6.951   -8.321  1.00 22.40  ? 1049 GLY A N   1 
ATOM   1141 C CA  . GLY A 1 153 ? -0.987  6.300   -7.491  1.00 24.45  ? 1049 GLY A CA  1 
ATOM   1142 C C   . GLY A 1 153 ? 0.207   7.220   -7.389  1.00 30.41  ? 1049 GLY A C   1 
ATOM   1143 O O   . GLY A 1 153 ? 0.102   8.407   -7.689  1.00 30.42  ? 1049 GLY A O   1 
ATOM   1144 N N   . ILE A 1 154 ? 1.350   6.675   -7.000  1.00 23.14  ? 1050 ILE A N   1 
ATOM   1145 C CA  . ILE A 1 154 ? 2.526   7.487   -6.754  1.00 17.99  ? 1050 ILE A CA  1 
ATOM   1146 C C   . ILE A 1 154 ? 3.154   8.152   -7.988  1.00 44.34  ? 1050 ILE A C   1 
ATOM   1147 O O   . ILE A 1 154 ? 3.803   9.190   -7.858  1.00 41.60  ? 1050 ILE A O   1 
ATOM   1148 C CB  . ILE A 1 154 ? 3.599   6.723   -5.953  1.00 21.38  ? 1050 ILE A CB  1 
ATOM   1149 C CG1 . ILE A 1 154 ? 4.426   7.709   -5.125  1.00 37.44  ? 1050 ILE A CG1 1 
ATOM   1150 C CG2 . ILE A 1 154 ? 4.458   5.892   -6.873  1.00 36.65  ? 1050 ILE A CG2 1 
ATOM   1151 C CD1 . ILE A 1 154 ? 5.397   7.061   -4.174  1.00 34.35  ? 1050 ILE A CD1 1 
ATOM   1152 N N   . GLY A 1 155 ? 2.952   7.581   -9.172  1.00 31.09  ? 1051 GLY A N   1 
ATOM   1153 C CA  . GLY A 1 155 ? 3.553   8.137   -10.377 1.00 27.41  ? 1051 GLY A CA  1 
ATOM   1154 C C   . GLY A 1 155 ? 2.571   8.793   -11.334 1.00 31.92  ? 1051 GLY A C   1 
ATOM   1155 O O   . GLY A 1 155 ? 2.941   9.263   -12.409 1.00 39.81  ? 1051 GLY A O   1 
ATOM   1156 N N   . GLY A 1 156 ? 1.305   8.821   -10.949 1.00 24.99  ? 1052 GLY A N   1 
ATOM   1157 C CA  . GLY A 1 156 ? 0.286   9.463   -11.757 1.00 25.98  ? 1052 GLY A CA  1 
ATOM   1158 C C   . GLY A 1 156 ? -1.000  8.667   -11.740 1.00 29.58  ? 1052 GLY A C   1 
ATOM   1159 O O   . GLY A 1 156 ? -1.368  8.089   -10.717 1.00 32.89  ? 1052 GLY A O   1 
ATOM   1160 N N   . PHE A 1 157 ? -1.685  8.627   -12.878 1.00 27.68  ? 1053 PHE A N   1 
ATOM   1161 C CA  . PHE A 1 157 ? -2.996  7.994   -12.957 1.00 25.44  ? 1053 PHE A CA  1 
ATOM   1162 C C   . PHE A 1 157 ? -3.006  6.867   -13.983 1.00 37.74  ? 1053 PHE A C   1 
ATOM   1163 O O   . PHE A 1 157 ? -2.144  6.812   -14.856 1.00 37.86  ? 1053 PHE A O   1 
ATOM   1164 C CB  . PHE A 1 157 ? -4.058  9.028   -13.340 1.00 33.05  ? 1053 PHE A CB  1 
ATOM   1165 C CG  . PHE A 1 157 ? -4.401  9.993   -12.232 1.00 45.49  ? 1053 PHE A CG  1 
ATOM   1166 C CD1 . PHE A 1 157 ? -3.543  11.036  -11.906 1.00 46.09  ? 1053 PHE A CD1 1 
ATOM   1167 C CD2 . PHE A 1 157 ? -5.589  9.865   -11.525 1.00 36.60  ? 1053 PHE A CD2 1 
ATOM   1168 C CE1 . PHE A 1 157 ? -3.860  11.928  -10.887 1.00 36.40  ? 1053 PHE A CE1 1 
ATOM   1169 C CE2 . PHE A 1 157 ? -5.915  10.747  -10.504 1.00 39.45  ? 1053 PHE A CE2 1 
ATOM   1170 C CZ  . PHE A 1 157 ? -5.049  11.786  -10.187 1.00 42.41  ? 1053 PHE A CZ  1 
ATOM   1171 N N   . ILE A 1 158 ? -3.979  5.966   -13.866 1.00 27.92  ? 1054 ILE A N   1 
ATOM   1172 C CA  . ILE A 1 158 ? -4.218  4.951   -14.893 1.00 22.20  ? 1054 ILE A CA  1 
ATOM   1173 C C   . ILE A 1 158 ? -5.706  4.751   -15.140 1.00 24.84  ? 1054 ILE A C   1 
ATOM   1174 O O   . ILE A 1 158 ? -6.538  4.935   -14.242 1.00 28.52  ? 1054 ILE A O   1 
ATOM   1175 C CB  . ILE A 1 158 ? -3.602  3.567   -14.539 1.00 23.43  ? 1054 ILE A CB  1 
ATOM   1176 C CG1 . ILE A 1 158 ? -4.134  3.060   -13.191 1.00 24.29  ? 1054 ILE A CG1 1 
ATOM   1177 C CG2 . ILE A 1 158 ? -2.081  3.610   -14.581 1.00 25.77  ? 1054 ILE A CG2 1 
ATOM   1178 C CD1 . ILE A 1 158 ? -3.958  1.555   -12.997 1.00 29.85  ? 1054 ILE A CD1 1 
ATOM   1179 N N   . LYS A 1 159 ? -6.038  4.356   -16.366 1.00 30.27  ? 1055 LYS A N   1 
ATOM   1180 C CA  . LYS A 1 159 ? -7.412  4.049   -16.722 1.00 32.81  ? 1055 LYS A CA  1 
ATOM   1181 C C   . LYS A 1 159 ? -7.689  2.587   -16.414 1.00 22.29  ? 1055 LYS A C   1 
ATOM   1182 O O   . LYS A 1 159 ? -6.896  1.714   -16.757 1.00 31.51  ? 1055 LYS A O   1 
ATOM   1183 C CB  . LYS A 1 159 ? -7.657  4.327   -18.212 1.00 38.46  ? 1055 LYS A CB  1 
ATOM   1184 C CG  . LYS A 1 159 ? -7.297  5.743   -18.652 1.00 47.99  ? 1055 LYS A CG  1 
ATOM   1185 C CD  . LYS A 1 159 ? -7.828  6.057   -20.048 1.00 48.40  ? 1055 LYS A CD  1 
ATOM   1186 C CE  . LYS A 1 159 ? -7.680  7.543   -20.371 1.00 61.90  ? 1055 LYS A CE  1 
ATOM   1187 N NZ  . LYS A 1 159 ? -8.579  7.992   -21.477 1.00 57.53  ? 1055 LYS A NZ  1 
ATOM   1188 N N   . VAL A 1 160 ? -8.814  2.322   -15.766 1.00 28.81  ? 1056 VAL A N   1 
ATOM   1189 C CA  . VAL A 1 160 ? -9.160  0.955   -15.409 1.00 42.75  ? 1056 VAL A CA  1 
ATOM   1190 C C   . VAL A 1 160 ? -10.624 0.681   -15.714 1.00 46.80  ? 1056 VAL A C   1 
ATOM   1191 O O   . VAL A 1 160 ? -11.410 1.608   -15.919 1.00 37.53  ? 1056 VAL A O   1 
ATOM   1192 C CB  . VAL A 1 160 ? -8.914  0.689   -13.909 1.00 27.99  ? 1056 VAL A CB  1 
ATOM   1193 C CG1 . VAL A 1 160 ? -7.433  0.852   -13.581 1.00 25.81  ? 1056 VAL A CG1 1 
ATOM   1194 C CG2 . VAL A 1 160 ? -9.770  1.617   -13.066 1.00 23.09  ? 1056 VAL A CG2 1 
ATOM   1195 N N   . ARG A 1 161 ? -10.991 -0.592  -15.753 1.00 33.09  ? 1057 ARG A N   1 
ATOM   1196 C CA  . ARG A 1 161 ? -12.392 -0.947  -15.856 1.00 26.07  ? 1057 ARG A CA  1 
ATOM   1197 C C   . ARG A 1 161 ? -12.944 -1.284  -14.476 1.00 27.29  ? 1057 ARG A C   1 
ATOM   1198 O O   . ARG A 1 161 ? -12.344 -2.050  -13.721 1.00 35.92  ? 1057 ARG A O   1 
ATOM   1199 C CB  . ARG A 1 161 ? -12.568 -2.112  -16.832 1.00 40.52  ? 1057 ARG A CB  1 
ATOM   1200 C CG  . ARG A 1 161 ? -11.820 -1.892  -18.139 1.00 37.08  ? 1057 ARG A CG  1 
ATOM   1201 C CD  . ARG A 1 161 ? -12.277 -2.835  -19.248 1.00 50.61  ? 1057 ARG A CD  1 
ATOM   1202 N NE  . ARG A 1 161 ? -12.112 -4.239  -18.889 1.00 44.32  ? 1057 ARG A NE  1 
ATOM   1203 C CZ  . ARG A 1 161 ? -10.985 -4.922  -19.057 1.00 46.16  ? 1057 ARG A CZ  1 
ATOM   1204 N NH1 . ARG A 1 161 ? -9.921  -4.325  -19.575 1.00 57.32  ? 1057 ARG A NH1 1 
ATOM   1205 N NH2 . ARG A 1 161 ? -10.918 -6.202  -18.704 1.00 48.22  ? 1057 ARG A NH2 1 
ATOM   1206 N N   . GLN A 1 162 ? -14.085 -0.705  -14.134 1.00 28.87  ? 1058 GLN A N   1 
ATOM   1207 C CA  . GLN A 1 162 ? -14.694 -0.978  -12.836 1.00 22.49  ? 1058 GLN A CA  1 
ATOM   1208 C C   . GLN A 1 162 ? -15.790 -2.049  -12.819 1.00 41.69  ? 1058 GLN A C   1 
ATOM   1209 O O   . GLN A 1 162 ? -16.902 -1.845  -13.303 1.00 31.79  ? 1058 GLN A O   1 
ATOM   1210 C CB  . GLN A 1 162 ? -15.209 0.303   -12.196 1.00 25.12  ? 1058 GLN A CB  1 
ATOM   1211 C CG  . GLN A 1 162 ? -15.959 0.053   -10.913 1.00 33.75  ? 1058 GLN A CG  1 
ATOM   1212 C CD  . GLN A 1 162 ? -16.313 1.335   -10.203 1.00 32.36  ? 1058 GLN A CD  1 
ATOM   1213 O OE1 . GLN A 1 162 ? -15.737 2.383   -10.484 1.00 40.21  ? 1058 GLN A OE1 1 
ATOM   1214 N NE2 . GLN A 1 162 ? -17.270 1.263   -9.289  1.00 28.59  ? 1058 GLN A NE2 1 
ATOM   1215 N N   . TYR A 1 163 ? -15.468 -3.194  -12.234 1.00 29.97  ? 1059 TYR A N   1 
ATOM   1216 C CA  . TYR A 1 163 ? -16.455 -4.249  -12.047 1.00 30.61  ? 1059 TYR A CA  1 
ATOM   1217 C C   . TYR A 1 163 ? -16.984 -4.223  -10.623 1.00 39.28  ? 1059 TYR A C   1 
ATOM   1218 O O   . TYR A 1 163 ? -16.208 -4.325  -9.665  1.00 29.95  ? 1059 TYR A O   1 
ATOM   1219 C CB  . TYR A 1 163 ? -15.831 -5.615  -12.341 1.00 29.45  ? 1059 TYR A CB  1 
ATOM   1220 C CG  . TYR A 1 163 ? -15.357 -5.807  -13.760 1.00 44.81  ? 1059 TYR A CG  1 
ATOM   1221 C CD1 . TYR A 1 163 ? -14.130 -5.311  -14.179 1.00 32.94  ? 1059 TYR A CD1 1 
ATOM   1222 C CD2 . TYR A 1 163 ? -16.129 -6.509  -14.680 1.00 42.12  ? 1059 TYR A CD2 1 
ATOM   1223 C CE1 . TYR A 1 163 ? -13.689 -5.497  -15.482 1.00 33.79  ? 1059 TYR A CE1 1 
ATOM   1224 C CE2 . TYR A 1 163 ? -15.699 -6.695  -15.977 1.00 26.47  ? 1059 TYR A CE2 1 
ATOM   1225 C CZ  . TYR A 1 163 ? -14.484 -6.193  -16.374 1.00 36.02  ? 1059 TYR A CZ  1 
ATOM   1226 O OH  . TYR A 1 163 ? -14.056 -6.388  -17.665 1.00 37.97  ? 1059 TYR A OH  1 
ATOM   1227 N N   . ASP A 1 164 ? -18.302 -4.094  -10.475 1.00 33.59  ? 1060 ASP A N   1 
ATOM   1228 C CA  . ASP A 1 164 ? -18.918 -4.126  -9.149  1.00 27.28  ? 1060 ASP A CA  1 
ATOM   1229 C C   . ASP A 1 164 ? -19.513 -5.489  -8.828  1.00 38.22  ? 1060 ASP A C   1 
ATOM   1230 O O   . ASP A 1 164 ? -19.780 -6.286  -9.732  1.00 41.36  ? 1060 ASP A O   1 
ATOM   1231 C CB  . ASP A 1 164 ? -20.007 -3.057  -9.029  1.00 38.09  ? 1060 ASP A CB  1 
ATOM   1232 C CG  . ASP A 1 164 ? -19.503 -1.675  -9.365  1.00 51.31  ? 1060 ASP A CG  1 
ATOM   1233 O OD1 . ASP A 1 164 ? -18.447 -1.272  -8.831  1.00 43.28  ? 1060 ASP A OD1 1 
ATOM   1234 O OD2 . ASP A 1 164 ? -20.161 -0.992  -10.177 1.00 36.55  ? 1060 ASP A OD2 1 
ATOM   1235 N N   . GLN A 1 165 ? -19.704 -5.748  -7.536  1.00 29.37  ? 1061 GLN A N   1 
ATOM   1236 C CA  . GLN A 1 165 ? -20.339 -6.970  -7.057  1.00 33.30  ? 1061 GLN A CA  1 
ATOM   1237 C C   . GLN A 1 165 ? -19.640 -8.223  -7.584  1.00 41.07  ? 1061 GLN A C   1 
ATOM   1238 O O   . GLN A 1 165 ? -20.289 -9.193  -7.967  1.00 35.19  ? 1061 GLN A O   1 
ATOM   1239 C CB  . GLN A 1 165 ? -21.819 -6.979  -7.449  1.00 50.09  ? 1061 GLN A CB  1 
ATOM   1240 C CG  . GLN A 1 165 ? -22.558 -5.690  -7.097  1.00 56.52  ? 1061 GLN A CG  1 
ATOM   1241 C CD  . GLN A 1 165 ? -23.963 -5.639  -7.676  1.00 70.33  ? 1061 GLN A CD  1 
ATOM   1242 O OE1 . GLN A 1 165 ? -24.145 -5.504  -8.888  1.00 76.33  ? 1061 GLN A OE1 1 
ATOM   1243 N NE2 . GLN A 1 165 ? -24.965 -5.749  -6.810  1.00 80.96  ? 1061 GLN A NE2 1 
ATOM   1244 N N   . ILE A 1 166 ? -18.312 -8.183  -7.612  1.00 31.89  ? 1062 ILE A N   1 
ATOM   1245 C CA  . ILE A 1 166 ? -17.497 -9.312  -8.062  1.00 29.39  ? 1062 ILE A CA  1 
ATOM   1246 C C   . ILE A 1 166 ? -17.149 -10.217 -6.887  1.00 25.23  ? 1062 ILE A C   1 
ATOM   1247 O O   . ILE A 1 166 ? -16.716 -9.744  -5.848  1.00 23.30  ? 1062 ILE A O   1 
ATOM   1248 C CB  . ILE A 1 166 ? -16.185 -8.821  -8.702  1.00 32.83  ? 1062 ILE A CB  1 
ATOM   1249 C CG1 . ILE A 1 166 ? -16.470 -8.074  -10.003 1.00 40.18  ? 1062 ILE A CG1 1 
ATOM   1250 C CG2 . ILE A 1 166 ? -15.258 -9.991  -9.001  1.00 40.47  ? 1062 ILE A CG2 1 
ATOM   1251 C CD1 . ILE A 1 166 ? -16.893 -8.973  -11.145 1.00 46.71  ? 1062 ILE A CD1 1 
ATOM   1252 N N   . LEU A 1 167 ? -17.335 -11.522 -7.049  1.00 20.56  ? 1063 LEU A N   1 
ATOM   1253 C CA  . LEU A 1 167 ? -16.951 -12.464 -6.010  1.00 19.57  ? 1063 LEU A CA  1 
ATOM   1254 C C   . LEU A 1 167 ? -15.468 -12.778 -6.114  1.00 25.89  ? 1063 LEU A C   1 
ATOM   1255 O O   . LEU A 1 167 ? -14.978 -13.153 -7.180  1.00 22.36  ? 1063 LEU A O   1 
ATOM   1256 C CB  . LEU A 1 167 ? -17.761 -13.757 -6.147  1.00 24.21  ? 1063 LEU A CB  1 
ATOM   1257 C CG  . LEU A 1 167 ? -17.341 -14.933 -5.266  1.00 25.44  ? 1063 LEU A CG  1 
ATOM   1258 C CD1 . LEU A 1 167 ? -17.555 -14.618 -3.776  1.00 25.31  ? 1063 LEU A CD1 1 
ATOM   1259 C CD2 . LEU A 1 167 ? -18.109 -16.191 -5.666  1.00 22.61  ? 1063 LEU A CD2 1 
ATOM   1260 N N   . ILE A 1 168 ? -14.751 -12.639 -5.006  1.00 20.10  ? 1064 ILE A N   1 
ATOM   1261 C CA  . ILE A 1 168 ? -13.334 -12.985 -4.993  1.00 20.05  ? 1064 ILE A CA  1 
ATOM   1262 C C   . ILE A 1 168 ? -12.990 -13.775 -3.744  1.00 24.00  ? 1064 ILE A C   1 
ATOM   1263 O O   . ILE A 1 168 ? -13.511 -13.510 -2.664  1.00 23.87  ? 1064 ILE A O   1 
ATOM   1264 C CB  . ILE A 1 168 ? -12.457 -11.716 -5.163  1.00 25.85  ? 1064 ILE A CB  1 
ATOM   1265 C CG1 . ILE A 1 168 ? -10.959 -12.044 -5.134  1.00 22.66  ? 1064 ILE A CG1 1 
ATOM   1266 C CG2 . ILE A 1 168 ? -12.827 -10.658 -4.130  1.00 32.32  ? 1064 ILE A CG2 1 
ATOM   1267 C CD1 . ILE A 1 168 ? -10.101 -10.789 -5.404  1.00 29.72  ? 1064 ILE A CD1 1 
ATOM   1268 N N   . GLU A 1 169 ? -12.159 -14.797 -3.896  1.00 19.80  ? 1065 GLU A N   1 
ATOM   1269 C CA  . GLU A 1 169 ? -11.720 -15.550 -2.739  1.00 16.76  ? 1065 GLU A CA  1 
ATOM   1270 C C   . GLU A 1 169 ? -10.297 -15.156 -2.420  1.00 25.90  ? 1065 GLU A C   1 
ATOM   1271 O O   . GLU A 1 169 ? -9.432  -15.222 -3.282  1.00 19.97  ? 1065 GLU A O   1 
ATOM   1272 C CB  . GLU A 1 169 ? -11.803 -17.057 -2.970  1.00 27.99  ? 1065 GLU A CB  1 
ATOM   1273 C CG  . GLU A 1 169 ? -13.198 -17.579 -3.104  1.00 39.60  ? 1065 GLU A CG  1 
ATOM   1274 C CD  . GLU A 1 169 ? -13.244 -19.085 -2.966  1.00 43.47  ? 1065 GLU A CD  1 
ATOM   1275 O OE1 . GLU A 1 169 ? -12.772 -19.598 -1.925  1.00 51.96  ? 1065 GLU A OE1 1 
ATOM   1276 O OE2 . GLU A 1 169 ? -13.742 -19.749 -3.900  1.00 50.48  ? 1065 GLU A OE2 1 
ATOM   1277 N N   . ILE A 1 170 ? -10.068 -14.722 -1.186  1.00 21.41  ? 1066 ILE A N   1 
ATOM   1278 C CA  . ILE A 1 170 ? -8.747  -14.249 -0.784  1.00 21.23  ? 1066 ILE A CA  1 
ATOM   1279 C C   . ILE A 1 170 ? -8.203  -15.224 0.252   1.00 23.05  ? 1066 ILE A C   1 
ATOM   1280 O O   . ILE A 1 170 ? -8.723  -15.302 1.367   1.00 26.25  ? 1066 ILE A O   1 
ATOM   1281 C CB  . ILE A 1 170 ? -8.824  -12.801 -0.226  1.00 23.44  ? 1066 ILE A CB  1 
ATOM   1282 C CG1 . ILE A 1 170 ? -9.400  -11.870 -1.288  1.00 27.86  ? 1066 ILE A CG1 1 
ATOM   1283 C CG2 . ILE A 1 170 ? -7.445  -12.300 0.242   1.00 23.68  ? 1066 ILE A CG2 1 
ATOM   1284 C CD1 . ILE A 1 170 ? -9.831  -10.523 -0.762  1.00 32.37  ? 1066 ILE A CD1 1 
ATOM   1285 N N   . CYS A 1 171 ? -7.175  -15.979 -0.138  1.00 26.05  ? 1067 CYS A N   1 
ATOM   1286 C CA  . CYS A 1 171 ? -6.638  -17.076 0.669   1.00 24.17  ? 1067 CYS A CA  1 
ATOM   1287 C C   . CYS A 1 171 ? -7.758  -17.902 1.329   1.00 34.49  ? 1067 CYS A C   1 
ATOM   1288 O O   . CYS A 1 171 ? -7.716  -18.169 2.529   1.00 31.34  ? 1067 CYS A O   1 
ATOM   1289 C CB  . CYS A 1 171 ? -5.659  -16.544 1.726   1.00 32.77  ? 1067 CYS A CB  1 
ATOM   1290 S SG  . CYS A 1 171 ? -3.999  -17.308 1.654   1.00 49.27  ? 1067 CYS A SG  1 
ATOM   1291 N N   . GLY A 1 172 ? -8.771  -18.272 0.549   1.00 29.36  ? 1068 GLY A N   1 
ATOM   1292 C CA  . GLY A 1 172 ? -9.869  -19.080 1.057   1.00 35.27  ? 1068 GLY A CA  1 
ATOM   1293 C C   . GLY A 1 172 ? -11.045 -18.313 1.653   1.00 41.35  ? 1068 GLY A C   1 
ATOM   1294 O O   . GLY A 1 172 ? -12.099 -18.898 1.912   1.00 44.50  ? 1068 GLY A O   1 
ATOM   1295 N N   . HIS A 1 173 ? -10.871 -17.013 1.877   1.00 27.45  ? 1069 HIS A N   1 
ATOM   1296 C CA  . HIS A 1 173 ? -11.945 -16.173 2.396   1.00 25.46  ? 1069 HIS A CA  1 
ATOM   1297 C C   . HIS A 1 173 ? -12.739 -15.483 1.290   1.00 34.91  ? 1069 HIS A C   1 
ATOM   1298 O O   . HIS A 1 173 ? -12.172 -14.804 0.427   1.00 28.65  ? 1069 HIS A O   1 
ATOM   1299 C CB  . HIS A 1 173 ? -11.395 -15.122 3.362   1.00 30.47  ? 1069 HIS A CB  1 
ATOM   1300 C CG  . HIS A 1 173 ? -10.834 -15.704 4.622   1.00 35.59  ? 1069 HIS A CG  1 
ATOM   1301 N ND1 . HIS A 1 173 ? -9.771  -16.574 4.628   1.00 38.78  ? 1069 HIS A ND1 1 
ATOM   1302 C CD2 . HIS A 1 173 ? -11.210 -15.551 5.914   1.00 46.29  ? 1069 HIS A CD2 1 
ATOM   1303 C CE1 . HIS A 1 173 ? -9.506  -16.937 5.874   1.00 40.27  ? 1069 HIS A CE1 1 
ATOM   1304 N NE2 . HIS A 1 173 ? -10.363 -16.326 6.671   1.00 48.72  ? 1069 HIS A NE2 1 
ATOM   1305 N N   . LYS A 1 174 ? -14.058 -15.633 1.337   1.00 26.82  ? 1070 LYS A N   1 
ATOM   1306 C CA  . LYS A 1 174 ? -14.915 -15.043 0.319   1.00 23.47  ? 1070 LYS A CA  1 
ATOM   1307 C C   . LYS A 1 174 ? -15.284 -13.588 0.618   1.00 30.62  ? 1070 LYS A C   1 
ATOM   1308 O O   . LYS A 1 174 ? -15.545 -13.221 1.765   1.00 34.33  ? 1070 LYS A O   1 
ATOM   1309 C CB  . LYS A 1 174 ? -16.179 -15.885 0.136   1.00 24.08  ? 1070 LYS A CB  1 
ATOM   1310 C CG  . LYS A 1 174 ? -15.925 -17.261 -0.432  1.00 31.53  ? 1070 LYS A CG  1 
ATOM   1311 C CD  . LYS A 1 174 ? -17.229 -18.018 -0.594  1.00 40.61  ? 1070 LYS A CD  1 
ATOM   1312 C CE  . LYS A 1 174 ? -17.009 -19.518 -0.595  1.00 57.32  ? 1070 LYS A CE  1 
ATOM   1313 N NZ  . LYS A 1 174 ? -16.091 -19.949 -1.683  1.00 38.12  ? 1070 LYS A NZ  1 
ATOM   1314 N N   . ALA A 1 175 ? -15.283 -12.770 -0.430  1.00 25.64  ? 1071 ALA A N   1 
ATOM   1315 C CA  . ALA A 1 175 ? -15.707 -11.379 -0.365  1.00 23.94  ? 1071 ALA A CA  1 
ATOM   1316 C C   . ALA A 1 175 ? -16.390 -11.007 -1.675  1.00 32.06  ? 1071 ALA A C   1 
ATOM   1317 O O   . ALA A 1 175 ? -16.112 -11.590 -2.723  1.00 23.37  ? 1071 ALA A O   1 
ATOM   1318 C CB  . ALA A 1 175 ? -14.511 -10.465 -0.120  1.00 24.70  ? 1071 ALA A CB  1 
ATOM   1319 N N   . ILE A 1 176 ? -17.292 -10.036 -1.613  1.00 21.45  ? 1072 ILE A N   1 
ATOM   1320 C CA  . ILE A 1 176 ? -17.906 -9.490  -2.809  1.00 23.40  ? 1072 ILE A CA  1 
ATOM   1321 C C   . ILE A 1 176 ? -17.737 -7.995  -2.778  1.00 27.29  ? 1072 ILE A C   1 
ATOM   1322 O O   . ILE A 1 176 ? -18.051 -7.351  -1.770  1.00 32.55  ? 1072 ILE A O   1 
ATOM   1323 C CB  . ILE A 1 176 ? -19.409 -9.777  -2.886  1.00 30.56  ? 1072 ILE A CB  1 
ATOM   1324 C CG1 . ILE A 1 176 ? -19.671 -11.271 -3.045  1.00 36.75  ? 1072 ILE A CG1 1 
ATOM   1325 C CG2 . ILE A 1 176 ? -20.009 -9.048  -4.070  1.00 25.04  ? 1072 ILE A CG2 1 
ATOM   1326 C CD1 . ILE A 1 176 ? -21.138 -11.604 -3.183  1.00 48.64  ? 1072 ILE A CD1 1 
ATOM   1327 N N   . GLY A 1 177 ? -17.239 -7.437  -3.873  1.00 27.87  ? 1073 GLY A N   1 
ATOM   1328 C CA  . GLY A 1 177 ? -17.080 -6.003  -3.957  1.00 29.89  ? 1073 GLY A CA  1 
ATOM   1329 C C   . GLY A 1 177 ? -16.546 -5.547  -5.291  1.00 24.52  ? 1073 GLY A C   1 
ATOM   1330 O O   . GLY A 1 177 ? -16.531 -6.284  -6.270  1.00 24.86  ? 1073 GLY A O   1 
ATOM   1331 N N   . THR A 1 178 ? -16.091 -4.304  -5.318  1.00 19.71  ? 1074 THR A N   1 
ATOM   1332 C CA  . THR A 1 178 ? -15.635 -3.680  -6.542  1.00 19.66  ? 1074 THR A CA  1 
ATOM   1333 C C   . THR A 1 178 ? -14.192 -4.046  -6.872  1.00 24.35  ? 1074 THR A C   1 
ATOM   1334 O O   . THR A 1 178 ? -13.294 -3.960  -6.032  1.00 21.14  ? 1074 THR A O   1 
ATOM   1335 C CB  . THR A 1 178 ? -15.809 -2.152  -6.432  1.00 30.51  ? 1074 THR A CB  1 
ATOM   1336 O OG1 . THR A 1 178 ? -17.209 -1.868  -6.275  1.00 28.67  ? 1074 THR A OG1 1 
ATOM   1337 C CG2 . THR A 1 178 ? -15.264 -1.440  -7.650  1.00 26.65  ? 1074 THR A CG2 1 
ATOM   1338 N N   . VAL A 1 179 ? -13.973 -4.479  -8.101  1.00 19.09  ? 1075 VAL A N   1 
ATOM   1339 C CA  . VAL A 1 179 ? -12.619 -4.741  -8.556  1.00 22.84  ? 1075 VAL A CA  1 
ATOM   1340 C C   . VAL A 1 179 ? -12.320 -3.882  -9.763  1.00 23.16  ? 1075 VAL A C   1 
ATOM   1341 O O   . VAL A 1 179 ? -13.135 -3.781  -10.675 1.00 29.53  ? 1075 VAL A O   1 
ATOM   1342 C CB  . VAL A 1 179 ? -12.403 -6.242  -8.891  1.00 22.79  ? 1075 VAL A CB  1 
ATOM   1343 C CG1 . VAL A 1 179 ? -11.066 -6.448  -9.567  1.00 27.33  ? 1075 VAL A CG1 1 
ATOM   1344 C CG2 . VAL A 1 179 ? -12.501 -7.089  -7.621  1.00 22.55  ? 1075 VAL A CG2 1 
ATOM   1345 N N   . LEU A 1 180 ? -11.158 -3.240  -9.756  1.00 21.50  ? 1076 LEU A N   1 
ATOM   1346 C CA  . LEU A 1 180 ? -10.721 -2.441  -10.884 1.00 25.54  ? 1076 LEU A CA  1 
ATOM   1347 C C   . LEU A 1 180 ? -9.693  -3.268  -11.646 1.00 23.89  ? 1076 LEU A C   1 
ATOM   1348 O O   . LEU A 1 180 ? -8.908  -3.998  -11.044 1.00 24.83  ? 1076 LEU A O   1 
ATOM   1349 C CB  . LEU A 1 180 ? -10.121 -1.106  -10.404 1.00 26.56  ? 1076 LEU A CB  1 
ATOM   1350 C CG  . LEU A 1 180 ? -10.947 -0.364  -9.342  1.00 28.15  ? 1076 LEU A CG  1 
ATOM   1351 C CD1 . LEU A 1 180 ? -10.202 0.900   -8.834  1.00 20.70  ? 1076 LEU A CD1 1 
ATOM   1352 C CD2 . LEU A 1 180 ? -12.323 0.001   -9.862  1.00 22.13  ? 1076 LEU A CD2 1 
ATOM   1353 N N   . VAL A 1 181 ? -9.728  -3.182  -12.968 1.00 23.47  ? 1077 VAL A N   1 
ATOM   1354 C CA  . VAL A 1 181 ? -8.831  -3.946  -13.831 1.00 17.62  ? 1077 VAL A CA  1 
ATOM   1355 C C   . VAL A 1 181 ? -8.164  -3.048  -14.876 1.00 24.86  ? 1077 VAL A C   1 
ATOM   1356 O O   . VAL A 1 181 ? -8.841  -2.305  -15.589 1.00 36.15  ? 1077 VAL A O   1 
ATOM   1357 C CB  . VAL A 1 181 ? -9.596  -5.069  -14.576 1.00 26.65  ? 1077 VAL A CB  1 
ATOM   1358 C CG1 . VAL A 1 181 ? -8.649  -5.842  -15.459 1.00 17.37  ? 1077 VAL A CG1 1 
ATOM   1359 C CG2 . VAL A 1 181 ? -10.307 -5.994  -13.590 1.00 31.74  ? 1077 VAL A CG2 1 
ATOM   1360 N N   . GLY A 1 182 ? -6.840  -3.109  -14.951 1.00 25.50  ? 1078 GLY A N   1 
ATOM   1361 C CA  . GLY A 1 182 ? -6.090  -2.267  -15.860 1.00 28.62  ? 1078 GLY A CA  1 
ATOM   1362 C C   . GLY A 1 182 ? -4.591  -2.437  -15.728 1.00 29.28  ? 1078 GLY A C   1 
ATOM   1363 O O   . GLY A 1 182 ? -4.116  -3.425  -15.171 1.00 29.02  ? 1078 GLY A O   1 
ATOM   1364 N N   . PRO A 1 183 ? -3.826  -1.454  -16.231 1.00 32.50  ? 1079 PRO A N   1 
ATOM   1365 C CA  . PRO A 1 183 ? -2.369  -1.552  -16.357 1.00 29.46  ? 1079 PRO A CA  1 
ATOM   1366 C C   . PRO A 1 183 ? -1.598  -1.355  -15.044 1.00 27.32  ? 1079 PRO A C   1 
ATOM   1367 O O   . PRO A 1 183 ? -0.689  -0.524  -14.985 1.00 37.50  ? 1079 PRO A O   1 
ATOM   1368 C CB  . PRO A 1 183 ? -2.038  -0.425  -17.342 1.00 27.12  ? 1079 PRO A CB  1 
ATOM   1369 C CG  . PRO A 1 183 ? -3.089  0.591   -17.089 1.00 35.91  ? 1079 PRO A CG  1 
ATOM   1370 C CD  . PRO A 1 183 ? -4.342  -0.177  -16.754 1.00 29.84  ? 1079 PRO A CD  1 
ATOM   1371 N N   . THR A 1 184 ? -1.950  -2.118  -14.011 1.00 29.44  ? 1080 THR A N   1 
ATOM   1372 C CA  . THR A 1 184 ? -1.132  -2.184  -12.813 1.00 31.89  ? 1080 THR A CA  1 
ATOM   1373 C C   . THR A 1 184 ? -0.076  -3.263  -12.986 1.00 31.53  ? 1080 THR A C   1 
ATOM   1374 O O   . THR A 1 184 ? -0.349  -4.319  -13.553 1.00 33.07  ? 1080 THR A O   1 
ATOM   1375 C CB  . THR A 1 184 ? -1.966  -2.486  -11.548 1.00 24.98  ? 1080 THR A CB  1 
ATOM   1376 O OG1 . THR A 1 184 ? -1.082  -2.591  -10.426 1.00 22.88  ? 1080 THR A OG1 1 
ATOM   1377 C CG2 . THR A 1 184 ? -2.740  -3.790  -11.693 1.00 19.99  ? 1080 THR A CG2 1 
ATOM   1378 N N   . PRO A 1 185 ? 1.144   -3.005  -12.504 1.00 29.64  ? 1081 PRO A N   1 
ATOM   1379 C CA  . PRO A 1 185 ? 2.187   -4.030  -12.585 1.00 37.59  ? 1081 PRO A CA  1 
ATOM   1380 C C   . PRO A 1 185 ? 1.986   -5.156  -11.573 1.00 36.11  ? 1081 PRO A C   1 
ATOM   1381 O O   . PRO A 1 185 ? 2.590   -6.212  -11.700 1.00 31.87  ? 1081 PRO A O   1 
ATOM   1382 C CB  . PRO A 1 185 ? 3.465   -3.254  -12.260 1.00 34.92  ? 1081 PRO A CB  1 
ATOM   1383 C CG  . PRO A 1 185 ? 3.015   -2.100  -11.467 1.00 41.41  ? 1081 PRO A CG  1 
ATOM   1384 C CD  . PRO A 1 185 ? 1.650   -1.732  -11.963 1.00 38.80  ? 1081 PRO A CD  1 
ATOM   1385 N N   . VAL A 1 186 ? 1.139   -4.922  -10.578 1.00 25.89  ? 1082 VAL A N   1 
ATOM   1386 C CA  . VAL A 1 186 ? 0.970   -5.862  -9.474  1.00 23.06  ? 1082 VAL A CA  1 
ATOM   1387 C C   . VAL A 1 186 ? -0.505  -5.930  -9.102  1.00 23.38  ? 1082 VAL A C   1 
ATOM   1388 O O   . VAL A 1 186 ? -1.189  -4.895  -9.069  1.00 18.19  ? 1082 VAL A O   1 
ATOM   1389 C CB  . VAL A 1 186 ? 1.763   -5.397  -8.225  1.00 29.24  ? 1082 VAL A CB  1 
ATOM   1390 C CG1 . VAL A 1 186 ? 1.531   -6.330  -7.046  1.00 22.79  ? 1082 VAL A CG1 1 
ATOM   1391 C CG2 . VAL A 1 186 ? 3.257   -5.281  -8.528  1.00 31.78  ? 1082 VAL A CG2 1 
ATOM   1392 N N   . ASN A 1 187 ? -1.006  -7.134  -8.840  1.00 19.19  ? 1083 ASN A N   1 
ATOM   1393 C CA  . ASN A 1 187 ? -2.363  -7.273  -8.322  1.00 18.53  ? 1083 ASN A CA  1 
ATOM   1394 C C   . ASN A 1 187 ? -2.381  -6.797  -6.876  1.00 11.57  ? 1083 ASN A C   1 
ATOM   1395 O O   . ASN A 1 187 ? -1.594  -7.263  -6.048  1.00 16.38  ? 1083 ASN A O   1 
ATOM   1396 C CB  . ASN A 1 187 ? -2.828  -8.727  -8.383  1.00 18.34  ? 1083 ASN A CB  1 
ATOM   1397 C CG  . ASN A 1 187 ? -2.889  -9.269  -9.810  1.00 26.19  ? 1083 ASN A CG  1 
ATOM   1398 O OD1 . ASN A 1 187 ? -3.325  -8.575  -10.731 1.00 19.54  ? 1083 ASN A OD1 1 
ATOM   1399 N ND2 . ASN A 1 187 ? -2.462  -10.516 -9.994  1.00 20.66  ? 1083 ASN A ND2 1 
ATOM   1400 N N   A ILE A 1 188 ? -3.301  -5.882  -6.575  0.49 15.77  ? 1084 ILE A N   1 
ATOM   1401 N N   B ILE A 1 188 ? -3.249  -5.845  -6.563  0.51 15.79  ? 1084 ILE A N   1 
ATOM   1402 C CA  A ILE A 1 188 ? -3.382  -5.253  -5.261  0.49 13.79  ? 1084 ILE A CA  1 
ATOM   1403 C CA  B ILE A 1 188 ? -3.303  -5.354  -5.196  0.51 13.60  ? 1084 ILE A CA  1 
ATOM   1404 C C   A ILE A 1 188 ? -4.749  -5.486  -4.609  0.49 12.13  ? 1084 ILE A C   1 
ATOM   1405 C C   B ILE A 1 188 ? -4.706  -5.502  -4.609  0.51 12.14  ? 1084 ILE A C   1 
ATOM   1406 O O   A ILE A 1 188 ? -5.783  -5.191  -5.213  0.49 17.12  ? 1084 ILE A O   1 
ATOM   1407 O O   B ILE A 1 188 ? -5.707  -5.195  -5.262  0.51 17.13  ? 1084 ILE A O   1 
ATOM   1408 C CB  A ILE A 1 188 ? -3.198  -3.733  -5.392  0.49 18.18  ? 1084 ILE A CB  1 
ATOM   1409 C CB  B ILE A 1 188 ? -2.817  -3.896  -5.089  0.51 13.94  ? 1084 ILE A CB  1 
ATOM   1410 C CG1 A ILE A 1 188 ? -1.839  -3.401  -6.017  0.49 17.40  ? 1084 ILE A CG1 1 
ATOM   1411 C CG1 B ILE A 1 188 ? -3.597  -2.994  -6.049  0.51 19.58  ? 1084 ILE A CG1 1 
ATOM   1412 C CG2 A ILE A 1 188 ? -3.382  -3.047  -4.047  0.49 12.19  ? 1084 ILE A CG2 1 
ATOM   1413 C CG2 B ILE A 1 188 ? -1.335  -3.802  -5.382  0.51 18.66  ? 1084 ILE A CG2 1 
ATOM   1414 C CD1 A ILE A 1 188 ? -0.699  -3.982  -5.263  0.49 25.20  ? 1084 ILE A CD1 1 
ATOM   1415 C CD1 B ILE A 1 188 ? -4.642  -2.176  -5.357  0.51 22.42  ? 1084 ILE A CD1 1 
ATOM   1416 N N   . ILE A 1 189 ? -4.765  -6.002  -3.386  1.00 12.77  ? 1085 ILE A N   1 
ATOM   1417 C CA  . ILE A 1 189 ? -6.021  -6.127  -2.642  1.00 9.80   ? 1085 ILE A CA  1 
ATOM   1418 C C   . ILE A 1 189 ? -6.073  -4.956  -1.668  1.00 13.67  ? 1085 ILE A C   1 
ATOM   1419 O O   . ILE A 1 189 ? -5.266  -4.876  -0.718  1.00 13.59  ? 1085 ILE A O   1 
ATOM   1420 C CB  . ILE A 1 189 ? -6.122  -7.452  -1.854  1.00 12.92  ? 1085 ILE A CB  1 
ATOM   1421 C CG1 . ILE A 1 189 ? -5.793  -8.658  -2.764  1.00 13.31  ? 1085 ILE A CG1 1 
ATOM   1422 C CG2 . ILE A 1 189 ? -7.486  -7.586  -1.186  1.00 19.57  ? 1085 ILE A CG2 1 
ATOM   1423 C CD1 . ILE A 1 189 ? -6.669  -8.781  -4.015  1.00 19.03  ? 1085 ILE A CD1 1 
ATOM   1424 N N   . GLY A 1 190 ? -7.017  -4.051  -1.902  1.00 14.02  ? 1086 GLY A N   1 
ATOM   1425 C CA  . GLY A 1 190 ? -7.113  -2.826  -1.110  1.00 12.41  ? 1086 GLY A CA  1 
ATOM   1426 C C   . GLY A 1 190 ? -8.152  -2.910  0.005   1.00 12.63  ? 1086 GLY A C   1 
ATOM   1427 O O   . GLY A 1 190 ? -8.791  -3.946  0.197   1.00 12.35  ? 1086 GLY A O   1 
ATOM   1428 N N   . ARG A 1 191 ? -8.296  -1.829  0.769   1.00 14.15  ? 1087 ARG A N   1 
ATOM   1429 C CA  . ARG A 1 191 ? -9.067  -1.885  2.009   1.00 14.02  ? 1087 ARG A CA  1 
ATOM   1430 C C   . ARG A 1 191 ? -10.532 -2.247  1.789   1.00 15.41  ? 1087 ARG A C   1 
ATOM   1431 O O   . ARG A 1 191 ? -11.167 -2.826  2.681   1.00 17.69  ? 1087 ARG A O   1 
ATOM   1432 C CB  . ARG A 1 191 ? -8.956  -0.573  2.803   1.00 14.11  ? 1087 ARG A CB  1 
ATOM   1433 C CG  . ARG A 1 191 ? -7.554  -0.259  3.364   1.00 16.46  ? 1087 ARG A CG  1 
ATOM   1434 C CD  . ARG A 1 191 ? -7.590  1.045   4.229   1.00 14.78  ? 1087 ARG A CD  1 
ATOM   1435 N NE  . ARG A 1 191 ? -7.924  2.205   3.409   1.00 16.11  ? 1087 ARG A NE  1 
ATOM   1436 C CZ  . ARG A 1 191 ? -9.119  2.787   3.367   1.00 20.84  ? 1087 ARG A CZ  1 
ATOM   1437 N NH1 . ARG A 1 191 ? -10.115 2.351   4.129   1.00 20.99  ? 1087 ARG A NH1 1 
ATOM   1438 N NH2 . ARG A 1 191 ? -9.309  3.812   2.557   1.00 21.68  ? 1087 ARG A NH2 1 
ATOM   1439 N N   . ASN A 1 192 ? -11.064 -1.920  0.616   1.00 16.27  ? 1088 ASN A N   1 
ATOM   1440 C CA  . ASN A 1 192 ? -12.456 -2.267  0.301   1.00 23.19  ? 1088 ASN A CA  1 
ATOM   1441 C C   . ASN A 1 192 ? -12.743 -3.765  0.438   1.00 29.73  ? 1088 ASN A C   1 
ATOM   1442 O O   . ASN A 1 192 ? -13.853 -4.165  0.817   1.00 20.30  ? 1088 ASN A O   1 
ATOM   1443 C CB  . ASN A 1 192 ? -12.848 -1.752  -1.090  1.00 19.76  ? 1088 ASN A CB  1 
ATOM   1444 C CG  . ASN A 1 192 ? -12.249 -2.578  -2.210  1.00 32.91  ? 1088 ASN A CG  1 
ATOM   1445 O OD1 . ASN A 1 192 ? -11.028 -2.650  -2.358  1.00 21.23  ? 1088 ASN A OD1 1 
ATOM   1446 N ND2 . ASN A 1 192 ? -13.106 -3.199  -3.017  1.00 22.54  ? 1088 ASN A ND2 1 
ATOM   1447 N N   . LEU A 1 193 ? -11.728 -4.592  0.167   1.00 20.68  ? 1089 LEU A N   1 
ATOM   1448 C CA  . LEU A 1 193 ? -11.836 -6.036  0.362   1.00 13.46  ? 1089 LEU A CA  1 
ATOM   1449 C C   . LEU A 1 193 ? -11.182 -6.512  1.653   1.00 18.22  ? 1089 LEU A C   1 
ATOM   1450 O O   . LEU A 1 193 ? -11.609 -7.497  2.237   1.00 18.40  ? 1089 LEU A O   1 
ATOM   1451 C CB  . LEU A 1 193 ? -11.242 -6.803  -0.835  1.00 12.35  ? 1089 LEU A CB  1 
ATOM   1452 C CG  . LEU A 1 193 ? -11.988 -6.621  -2.159  1.00 26.95  ? 1089 LEU A CG  1 
ATOM   1453 C CD1 . LEU A 1 193 ? -11.285 -7.386  -3.287  1.00 22.18  ? 1089 LEU A CD1 1 
ATOM   1454 C CD2 . LEU A 1 193 ? -13.427 -7.086  -2.010  1.00 21.35  ? 1089 LEU A CD2 1 
ATOM   1455 N N   . LEU A 1 194 ? -10.140 -5.815  2.104   1.00 17.45  ? 1090 LEU A N   1 
ATOM   1456 C CA  . LEU A 1 194 ? -9.474  -6.227  3.330   1.00 16.55  ? 1090 LEU A CA  1 
ATOM   1457 C C   . LEU A 1 194 ? -10.435 -6.218  4.529   1.00 15.07  ? 1090 LEU A C   1 
ATOM   1458 O O   . LEU A 1 194 ? -10.349 -7.078  5.398   1.00 17.38  ? 1090 LEU A O   1 
ATOM   1459 C CB  . LEU A 1 194 ? -8.237  -5.358  3.605   1.00 15.54  ? 1090 LEU A CB  1 
ATOM   1460 C CG  . LEU A 1 194 ? -7.130  -5.423  2.549   1.00 17.56  ? 1090 LEU A CG  1 
ATOM   1461 C CD1 . LEU A 1 194 ? -5.989  -4.447  2.892   1.00 17.15  ? 1090 LEU A CD1 1 
ATOM   1462 C CD2 . LEU A 1 194 ? -6.580  -6.852  2.404   1.00 14.58  ? 1090 LEU A CD2 1 
ATOM   1463 N N   . THR A 1 195 ? -11.365 -5.265  4.568   1.00 16.58  ? 1091 THR A N   1 
ATOM   1464 C CA  . THR A 1 195 ? -12.300 -5.208  5.700   1.00 18.48  ? 1091 THR A CA  1 
ATOM   1465 C C   . THR A 1 195 ? -13.172 -6.470  5.744   1.00 30.27  ? 1091 THR A C   1 
ATOM   1466 O O   . THR A 1 195 ? -13.478 -6.994  6.818   1.00 29.68  ? 1091 THR A O   1 
ATOM   1467 C CB  . THR A 1 195 ? -13.196 -3.962  5.633   1.00 20.93  ? 1091 THR A CB  1 
ATOM   1468 O OG1 . THR A 1 195 ? -13.757 -3.844  4.324   1.00 23.31  ? 1091 THR A OG1 1 
ATOM   1469 C CG2 . THR A 1 195 ? -12.394 -2.692  5.945   1.00 20.49  ? 1091 THR A CG2 1 
ATOM   1470 N N   . GLN A 1 196 ? -13.518 -6.978  4.564   1.00 27.18  ? 1092 GLN A N   1 
ATOM   1471 C CA  . GLN A 1 196 ? -14.435 -8.114  4.440   1.00 23.11  ? 1092 GLN A CA  1 
ATOM   1472 C C   . GLN A 1 196 ? -13.829 -9.422  4.900   1.00 27.88  ? 1092 GLN A C   1 
ATOM   1473 O O   . GLN A 1 196 ? -14.541 -10.374 5.204   1.00 39.48  ? 1092 GLN A O   1 
ATOM   1474 C CB  . GLN A 1 196 ? -14.919 -8.259  2.996   1.00 26.30  ? 1092 GLN A CB  1 
ATOM   1475 C CG  . GLN A 1 196 ? -15.772 -7.113  2.495   1.00 34.89  ? 1092 GLN A CG  1 
ATOM   1476 C CD  . GLN A 1 196 ? -16.500 -7.472  1.206   1.00 50.92  ? 1092 GLN A CD  1 
ATOM   1477 O OE1 . GLN A 1 196 ? -17.316 -8.406  1.169   1.00 38.44  ? 1092 GLN A OE1 1 
ATOM   1478 N NE2 . GLN A 1 196 ? -16.205 -6.736  0.139   1.00 49.84  ? 1092 GLN A NE2 1 
ATOM   1479 N N   . ILE A 1 197 ? -12.510 -9.482  4.951   1.00 19.54  ? 1093 ILE A N   1 
ATOM   1480 C CA  . ILE A 1 197 ? -11.855 -10.681 5.412   1.00 22.25  ? 1093 ILE A CA  1 
ATOM   1481 C C   . ILE A 1 197 ? -11.250 -10.451 6.787   1.00 26.00  ? 1093 ILE A C   1 
ATOM   1482 O O   . ILE A 1 197 ? -10.405 -11.228 7.248   1.00 32.97  ? 1093 ILE A O   1 
ATOM   1483 C CB  . ILE A 1 197 ? -10.808 -11.189 4.406   1.00 28.00  ? 1093 ILE A CB  1 
ATOM   1484 C CG1 . ILE A 1 197 ? -9.646  -10.201 4.268   1.00 22.44  ? 1093 ILE A CG1 1 
ATOM   1485 C CG2 . ILE A 1 197 ? -11.463 -11.453 3.051   1.00 29.44  ? 1093 ILE A CG2 1 
ATOM   1486 C CD1 . ILE A 1 197 ? -8.550  -10.699 3.335   1.00 27.53  ? 1093 ILE A CD1 1 
ATOM   1487 N N   . GLY A 1 198 ? -11.702 -9.379  7.436   1.00 27.12  ? 1094 GLY A N   1 
ATOM   1488 C CA  . GLY A 1 198 ? -11.307 -9.066  8.801   1.00 23.55  ? 1094 GLY A CA  1 
ATOM   1489 C C   . GLY A 1 198 ? -9.828  -8.789  9.021   1.00 37.74  ? 1094 GLY A C   1 
ATOM   1490 O O   . GLY A 1 198 ? -9.277  -9.154  10.063  1.00 29.33  ? 1094 GLY A O   1 
ATOM   1491 N N   . ALA A 1 199 ? -9.178  -8.136  8.060   1.00 25.62  ? 1095 ALA A N   1 
ATOM   1492 C CA  . ALA A 1 199 ? -7.748  -7.869  8.191   1.00 19.92  ? 1095 ALA A CA  1 
ATOM   1493 C C   . ALA A 1 199 ? -7.499  -6.765  9.206   1.00 21.12  ? 1095 ALA A C   1 
ATOM   1494 O O   . ALA A 1 199 ? -8.187  -5.748  9.189   1.00 24.43  ? 1095 ALA A O   1 
ATOM   1495 C CB  . ALA A 1 199 ? -7.150  -7.476  6.858   1.00 19.49  ? 1095 ALA A CB  1 
ATOM   1496 N N   . THR A 1 200 ? -6.504  -6.957  10.072  1.00 23.51  ? 1096 THR A N   1 
ATOM   1497 C CA  . THR A 1 200 ? -6.078  -5.902  10.996  1.00 20.49  ? 1096 THR A CA  1 
ATOM   1498 C C   . THR A 1 200 ? -4.560  -5.702  10.973  1.00 27.28  ? 1096 THR A C   1 
ATOM   1499 O O   . THR A 1 200 ? -3.796  -6.626  10.674  1.00 23.03  ? 1096 THR A O   1 
ATOM   1500 C CB  . THR A 1 200 ? -6.512  -6.203  12.459  1.00 27.93  ? 1096 THR A CB  1 
ATOM   1501 O OG1 . THR A 1 200 ? -5.826  -7.372  12.928  1.00 29.73  ? 1096 THR A OG1 1 
ATOM   1502 C CG2 . THR A 1 200 ? -8.018  -6.439  12.553  1.00 30.08  ? 1096 THR A CG2 1 
ATOM   1503 N N   . LEU A 1 201 ? -4.121  -4.482  11.275  1.00 21.71  ? 1097 LEU A N   1 
ATOM   1504 C CA  . LEU A 1 201 ? -2.694  -4.216  11.484  1.00 24.04  ? 1097 LEU A CA  1 
ATOM   1505 C C   . LEU A 1 201 ? -2.426  -4.195  12.986  1.00 18.62  ? 1097 LEU A C   1 
ATOM   1506 O O   . LEU A 1 201 ? -3.218  -3.650  13.746  1.00 33.11  ? 1097 LEU A O   1 
ATOM   1507 C CB  . LEU A 1 201 ? -2.309  -2.857  10.912  1.00 31.18  ? 1097 LEU A CB  1 
ATOM   1508 C CG  . LEU A 1 201 ? -1.993  -2.699  9.441   1.00 24.50  ? 1097 LEU A CG  1 
ATOM   1509 C CD1 . LEU A 1 201 ? -1.847  -1.205  9.114   1.00 19.68  ? 1097 LEU A CD1 1 
ATOM   1510 C CD2 . LEU A 1 201 ? -0.715  -3.450  9.121   1.00 25.62  ? 1097 LEU A CD2 1 
ATOM   1511 N N   . ASN A 1 202 ? -1.299  -4.762  13.404  1.00 30.19  ? 1098 ASN A N   1 
ATOM   1512 C CA  . ASN A 1 202 ? -0.976  -4.881  14.819  1.00 30.67  ? 1098 ASN A CA  1 
ATOM   1513 C C   . ASN A 1 202 ? 0.491   -4.516  15.068  1.00 38.85  ? 1098 ASN A C   1 
ATOM   1514 O O   . ASN A 1 202 ? 1.390   -5.111  14.475  1.00 29.98  ? 1098 ASN A O   1 
ATOM   1515 C CB  . ASN A 1 202 ? -1.221  -6.325  15.297  1.00 26.00  ? 1098 ASN A CB  1 
ATOM   1516 C CG  . ASN A 1 202 ? -2.710  -6.680  15.430  1.00 32.72  ? 1098 ASN A CG  1 
ATOM   1517 O OD1 . ASN A 1 202 ? -3.591  -5.917  15.047  1.00 51.56  ? 1098 ASN A OD1 1 
ATOM   1518 N ND2 . ASN A 1 202 ? -2.982  -7.861  15.977  1.00 43.27  ? 1098 ASN A ND2 1 
ATOM   1519 N N   . PHE A 1 203 ? 0.742   -3.548  15.947  1.00 37.31  ? 1099 PHE A N   1 
ATOM   1520 C CA  . PHE A 1 203 ? 2.117   -3.157  16.259  1.00 33.88  ? 1099 PHE A CA  1 
ATOM   1521 C C   . PHE A 1 203 ? 2.228   -2.598  17.675  1.00 54.67  ? 1099 PHE A C   1 
ATOM   1522 O O   . PHE A 1 203 ? 3.316   -2.350  18.219  1.00 37.53  ? 1099 PHE A O   1 
ATOM   1523 C CB  . PHE A 1 203 ? 2.637   -2.145  15.237  1.00 39.48  ? 1099 PHE A CB  1 
ATOM   1524 C CG  . PHE A 1 203 ? 2.015   -0.773  15.351  1.00 41.98  ? 1099 PHE A CG  1 
ATOM   1525 C CD1 . PHE A 1 203 ? 2.728   0.282   15.897  1.00 42.35  ? 1099 PHE A CD1 1 
ATOM   1526 C CD2 . PHE A 1 203 ? 0.727   -0.537  14.907  1.00 37.43  ? 1099 PHE A CD2 1 
ATOM   1527 C CE1 . PHE A 1 203 ? 2.165   1.540   15.994  1.00 31.40  ? 1099 PHE A CE1 1 
ATOM   1528 C CE2 . PHE A 1 203 ? 0.164   0.718   14.999  1.00 36.57  ? 1099 PHE A CE2 1 
ATOM   1529 C CZ  . PHE A 1 203 ? 0.884   1.756   15.546  1.00 40.57  ? 1099 PHE A CZ  1 
ATOM   1530 O OXT . PHE A 1 203 ? 1.195   -2.387  18.305  1.00 40.53  ? 1099 PHE A OXT 1 
HETATM 1531 C C   A ROC B 2 .   ? -4.641  5.166   -3.302  0.51 14.58  ? 1101 ROC A C   1 
HETATM 1532 C C   B ROC B 2 .   ? 6.168   -0.508  -4.487  0.49 14.66  ? 1101 ROC A C   1 
HETATM 1533 O O   A ROC B 2 .   ? -5.188  4.455   -2.482  0.51 8.73   ? 1101 ROC A O   1 
HETATM 1534 O O   B ROC B 2 .   ? 6.362   -0.970  -3.377  0.49 8.25   ? 1101 ROC A O   1 
HETATM 1535 N N1  A ROC B 2 .   ? -4.177  7.356   -4.269  0.51 21.87  ? 1101 ROC A N1  1 
HETATM 1536 N N1  B ROC B 2 .   ? 6.309   -0.658  -6.923  0.49 23.08  ? 1101 ROC A N1  1 
HETATM 1537 C C2  A ROC B 2 .   ? -4.803  6.658   -3.296  0.51 19.44  ? 1101 ROC A C2  1 
HETATM 1538 C C2  B ROC B 2 .   ? 6.550   -1.255  -5.737  0.49 18.27  ? 1101 ROC A C2  1 
HETATM 1539 C C3  A ROC B 2 .   ? -5.568  7.317   -2.337  0.51 22.33  ? 1101 ROC A C3  1 
HETATM 1540 C C3  B ROC B 2 .   ? 7.135   -2.519  -5.698  0.49 22.18  ? 1101 ROC A C3  1 
HETATM 1541 C C4  A ROC B 2 .   ? -5.673  8.703   -2.395  0.51 23.92  ? 1101 ROC A C4  1 
HETATM 1542 C C4  B ROC B 2 .   ? 7.468   -3.152  -6.895  0.49 25.52  ? 1101 ROC A C4  1 
HETATM 1543 C C5  A ROC B 2 .   ? -5.097  10.783  -3.493  0.51 33.87  ? 1101 ROC A C5  1 
HETATM 1544 C C5  B ROC B 2 .   ? 7.525   -3.115  -9.319  0.49 32.84  ? 1101 ROC A C5  1 
HETATM 1545 C C6  A ROC B 2 .   ? -4.430  11.453  -4.513  0.51 27.51  ? 1101 ROC A C6  1 
HETATM 1546 C C6  B ROC B 2 .   ? 7.255   -2.453  -10.511 0.49 27.99  ? 1101 ROC A C6  1 
HETATM 1547 C C7  A ROC B 2 .   ? -3.676  10.750  -5.447  0.51 22.54  ? 1101 ROC A C7  1 
HETATM 1548 C C7  B ROC B 2 .   ? 6.666   -1.193  -10.495 0.49 29.37  ? 1101 ROC A C7  1 
HETATM 1549 C C8  A ROC B 2 .   ? -3.593  9.368   -5.365  0.51 19.47  ? 1101 ROC A C8  1 
HETATM 1550 C C8  B ROC B 2 .   ? 6.353   -0.590  -9.286  0.49 24.24  ? 1101 ROC A C8  1 
HETATM 1551 C C4A A ROC B 2 .   ? -5.015  9.396   -3.411  0.51 25.66  ? 1101 ROC A C4A 1 
HETATM 1552 C C4A B ROC B 2 .   ? 7.208   -2.511  -8.103  0.49 24.70  ? 1101 ROC A C4A 1 
HETATM 1553 C C8A A ROC B 2 .   ? -4.262  8.697   -4.346  0.51 27.53  ? 1101 ROC A C8A 1 
HETATM 1554 C C8A B ROC B 2 .   ? 6.622   -1.251  -8.093  0.49 22.85  ? 1101 ROC A C8A 1 
HETATM 1555 N N   A ROC B 2 .   ? -3.897  4.666   -4.275  0.51 20.76  ? 1101 ROC A N   1 
HETATM 1556 N N   B ROC B 2 .   ? 5.626   0.689   -4.670  0.49 23.29  ? 1101 ROC A N   1 
HETATM 1557 C CA  A ROC B 2 .   ? -3.629  3.242   -4.389  0.51 16.54  ? 1101 ROC A CA  1 
HETATM 1558 C CA  B ROC B 2 .   ? 5.165   1.541   -3.583  0.49 18.18  ? 1101 ROC A CA  1 
HETATM 1559 C C1  A ROC B 2 .   ? -2.138  3.069   -4.415  0.51 16.66  ? 1101 ROC A C1  1 
HETATM 1560 C C1  B ROC B 2 .   ? 3.739   1.888   -3.901  0.49 19.02  ? 1101 ROC A C1  1 
HETATM 1561 O O1  A ROC B 2 .   ? -1.548  3.102   -5.483  0.51 15.83  ? 1101 ROC A O1  1 
HETATM 1562 O O1  B ROC B 2 .   ? 3.479   2.848   -4.618  0.49 18.19  ? 1101 ROC A O1  1 
HETATM 1563 C CB  A ROC B 2 .   ? -4.252  2.798   -5.703  0.51 18.63  ? 1101 ROC A CB  1 
HETATM 1564 C CB  B ROC B 2 .   ? 6.055   2.777   -3.601  0.49 17.29  ? 1101 ROC A CB  1 
HETATM 1565 C CG  A ROC B 2 .   ? -5.739  3.012   -5.566  0.51 20.18  ? 1101 ROC A CG  1 
HETATM 1566 C CG  B ROC B 2 .   ? 7.465   2.330   -3.286  0.49 21.25  ? 1101 ROC A CG  1 
HETATM 1567 O OD1 A ROC B 2 .   ? -6.413  2.291   -4.841  0.51 19.01  ? 1101 ROC A OD1 1 
HETATM 1568 O OD1 B ROC B 2 .   ? 7.767   1.918   -2.172  0.49 18.62  ? 1101 ROC A OD1 1 
HETATM 1569 N ND2 A ROC B 2 .   ? -6.238  4.036   -6.253  0.51 22.67  ? 1101 ROC A ND2 1 
HETATM 1570 N ND2 B ROC B 2 .   ? 8.332   2.398   -4.291  0.49 23.71  ? 1101 ROC A ND2 1 
HETATM 1571 C C9  A ROC B 2 .   ? 0.176   1.332   -2.651  0.51 16.26  ? 1101 ROC A C9  1 
HETATM 1572 C C9  B ROC B 2 .   ? 0.771   1.664   -2.320  0.49 16.03  ? 1101 ROC A C9  1 
HETATM 1573 O O2  A ROC B 2 .   ? -0.291  1.206   -1.307  0.51 18.69  ? 1101 ROC A O2  1 
HETATM 1574 O O2  B ROC B 2 .   ? 0.782   0.520   -1.457  0.49 15.55  ? 1101 ROC A O2  1 
HETATM 1575 C CA1 A ROC B 2 .   ? -0.061  2.757   -3.144  0.51 19.65  ? 1101 ROC A CA1 1 
HETATM 1576 C CA1 B ROC B 2 .   ? 1.383   1.305   -3.672  0.49 22.48  ? 1101 ROC A CA1 1 
HETATM 1577 N N2  A ROC B 2 .   ? -1.515  2.925   -3.237  0.51 16.29  ? 1101 ROC A N2  1 
HETATM 1578 N N2  B ROC B 2 .   ? 2.801   1.073   -3.409  0.49 17.39  ? 1101 ROC A N2  1 
HETATM 1579 C CB1 A ROC B 2 .   ? 0.430   3.752   -2.094  0.51 18.95  ? 1101 ROC A CB1 1 
HETATM 1580 C CB1 B ROC B 2 .   ? 0.821   -0.017  -4.194  0.49 17.82  ? 1101 ROC A CB1 1 
HETATM 1581 C CG1 A ROC B 2 .   ? -0.028  5.143   -2.443  0.51 18.94  ? 1101 ROC A CG1 1 
HETATM 1582 C CG1 B ROC B 2 .   ? 1.576   -0.455  -5.427  0.49 20.99  ? 1101 ROC A CG1 1 
HETATM 1583 C CD1 A ROC B 2 .   ? 0.636   5.859   -3.434  0.51 23.73  ? 1101 ROC A CD1 1 
HETATM 1584 C CD1 B ROC B 2 .   ? 1.331   0.162   -6.648  0.49 24.35  ? 1101 ROC A CD1 1 
HETATM 1585 C CD2 A ROC B 2 .   ? -1.104  5.708   -1.763  0.51 23.03  ? 1101 ROC A CD2 1 
HETATM 1586 C CD2 B ROC B 2 .   ? 2.509   -1.484  -5.335  0.49 22.53  ? 1101 ROC A CD2 1 
HETATM 1587 C CE1 A ROC B 2 .   ? 0.220   7.144   -3.759  0.51 28.13  ? 1101 ROC A CE1 1 
HETATM 1588 C CE1 B ROC B 2 .   ? 2.025   -0.243  -7.783  0.49 31.79  ? 1101 ROC A CE1 1 
HETATM 1589 C CE2 A ROC B 2 .   ? -1.519  6.991   -2.096  0.51 21.18  ? 1101 ROC A CE2 1 
HETATM 1590 C CE2 B ROC B 2 .   ? 3.204   -1.886  -6.470  0.49 20.26  ? 1101 ROC A CE2 1 
HETATM 1591 C CZ  A ROC B 2 .   ? -0.858  7.704   -3.086  0.51 22.06  ? 1101 ROC A CZ  1 
HETATM 1592 C CZ  B ROC B 2 .   ? 2.963   -1.266  -7.692  0.49 23.82  ? 1101 ROC A CZ  1 
HETATM 1593 N N11 A ROC B 2 .   ? 1.965   0.459   -4.074  0.51 16.79  ? 1101 ROC A N11 1 
HETATM 1594 N N11 B ROC B 2 .   ? -0.611  3.642   -2.770  0.49 16.89  ? 1101 ROC A N11 1 
HETATM 1595 C CM  A ROC B 2 .   ? 1.645   0.911   -2.711  0.51 11.84  ? 1101 ROC A CM  1 
HETATM 1596 C CM  B ROC B 2 .   ? -0.651  2.202   -2.461  0.49 16.83  ? 1101 ROC A CM  1 
HETATM 1597 C C21 A ROC B 2 .   ? 3.424   0.450   -4.249  0.51 17.71  ? 1101 ROC A C21 1 
HETATM 1598 C C21 B ROC B 2 .   ? -1.930  4.069   -3.271  0.49 16.44  ? 1101 ROC A C21 1 
HETATM 1599 C CC  A ROC B 2 .   ? 3.998   1.823   -4.120  0.51 18.68  ? 1101 ROC A CC  1 
HETATM 1600 C CC  B ROC B 2 .   ? -2.239  3.395   -4.571  0.49 16.19  ? 1101 ROC A CC  1 
HETATM 1601 O O3  A ROC B 2 .   ? 3.502   2.758   -4.740  0.51 17.94  ? 1101 ROC A O3  1 
HETATM 1602 O O3  B ROC B 2 .   ? -1.384  3.347   -5.448  0.49 15.33  ? 1101 ROC A O3  1 
HETATM 1603 C C31 A ROC B 2 .   ? 3.802   -0.062  -5.630  0.51 21.35  ? 1101 ROC A C31 1 
HETATM 1604 C C31 B ROC B 2 .   ? -1.941  5.563   -3.535  0.49 17.65  ? 1101 ROC A C31 1 
HETATM 1605 C C3A A ROC B 2 .   ? 3.250   -1.461  -5.844  0.51 22.65  ? 1101 ROC A C3A 1 
HETATM 1606 C C3A B ROC B 2 .   ? -1.606  6.323   -2.263  0.49 23.30  ? 1101 ROC A C3A 1 
HETATM 1607 C C41 A ROC B 2 .   ? 3.599   -1.889  -7.256  0.51 23.77  ? 1101 ROC A C41 1 
HETATM 1608 C C41 B ROC B 2 .   ? -1.598  7.796   -2.615  0.49 20.63  ? 1101 ROC A C41 1 
HETATM 1609 C C51 A ROC B 2 .   ? 2.906   -0.968  -8.247  0.51 26.41  ? 1101 ROC A C51 1 
HETATM 1610 C C51 B ROC B 2 .   ? -0.498  8.036   -3.632  0.49 25.94  ? 1101 ROC A C51 1 
HETATM 1611 C C61 A ROC B 2 .   ? 1.394   -1.080  -8.090  0.51 24.68  ? 1101 ROC A C61 1 
HETATM 1612 C C61 B ROC B 2 .   ? 0.855   7.733   -3.003  0.49 23.65  ? 1101 ROC A C61 1 
HETATM 1613 C C71 A ROC B 2 .   ? 0.976   -0.678  -6.678  0.51 21.87  ? 1101 ROC A C71 1 
HETATM 1614 C C71 B ROC B 2 .   ? 0.919   6.264   -2.608  0.49 23.66  ? 1101 ROC A C71 1 
HETATM 1615 C C7A A ROC B 2 .   ? 1.745   -1.464  -5.616  0.51 25.56  ? 1101 ROC A C7A 1 
HETATM 1616 C C7A B ROC B 2 .   ? -0.258  5.867   -1.716  0.49 26.81  ? 1101 ROC A C7A 1 
HETATM 1617 C C81 A ROC B 2 .   ? 1.421   -0.898  -4.237  0.51 19.39  ? 1101 ROC A C81 1 
HETATM 1618 C C81 B ROC B 2 .   ? -0.255  4.354   -1.531  0.49 17.48  ? 1101 ROC A C81 1 
HETATM 1619 N N3  A ROC B 2 .   ? 5.064   1.876   -3.323  0.51 18.26  ? 1101 ROC A N3  1 
HETATM 1620 N N3  B ROC B 2 .   ? -3.480  2.918   -4.653  0.49 17.12  ? 1101 ROC A N3  1 
HETATM 1621 C CD  A ROC B 2 .   ? 5.828   3.077   -3.026  0.51 15.63  ? 1101 ROC A CD  1 
HETATM 1622 C CD  B ROC B 2 .   ? -4.028  2.204   -5.793  0.49 17.70  ? 1101 ROC A CD  1 
HETATM 1623 C C11 A ROC B 2 .   ? 7.009   2.716   -2.139  0.51 20.06  ? 1101 ROC A C11 1 
HETATM 1624 C C11 B ROC B 2 .   ? -5.474  1.832   -5.514  0.49 17.85  ? 1101 ROC A C11 1 
HETATM 1625 C C22 A ROC B 2 .   ? 6.349   3.730   -4.293  0.51 20.95  ? 1101 ROC A C22 1 
HETATM 1626 C C22 B ROC B 2 .   ? -3.965  3.008   -7.081  0.49 20.78  ? 1101 ROC A C22 1 
HETATM 1627 C C32 A ROC B 2 .   ? 4.951   4.059   -2.264  0.51 19.49  ? 1101 ROC A C32 1 
HETATM 1628 C C32 B ROC B 2 .   ? -3.234  0.920   -5.940  0.49 19.94  ? 1101 ROC A C32 1 
HETATM 1629 O O   . HOH C 3 .   ? 1.264   3.779   -6.294  1.00 22.40  ? 1201 HOH A O   1 
HETATM 1630 O O   . HOH C 3 .   ? 4.910   -4.835  0.110   1.00 21.26  ? 1202 HOH A O   1 
HETATM 1631 O O   . HOH C 3 .   ? -5.465  3.094   2.785   1.00 20.46  ? 1203 HOH A O   1 
HETATM 1632 O O   . HOH C 3 .   ? 14.885  12.546  12.146  1.00 23.77  ? 1204 HOH A O   1 
HETATM 1633 O O   . HOH C 3 .   ? -4.909  5.067   0.612   1.00 22.06  ? 1205 HOH A O   1 
HETATM 1634 O O   . HOH C 3 .   ? -15.342 -14.027 -9.586  1.00 22.91  ? 1206 HOH A O   1 
HETATM 1635 O O   . HOH C 3 .   ? 5.360   -3.861  -2.763  1.00 23.74  ? 1207 HOH A O   1 
HETATM 1636 O O   . HOH C 3 .   ? -10.181 7.004   5.667   1.00 24.60  ? 1208 HOH A O   1 
HETATM 1637 O O   . HOH C 3 .   ? -13.136 -0.966  13.602  1.00 27.85  ? 1209 HOH A O   1 
HETATM 1638 O O   . HOH C 3 .   ? 9.177   -9.954  -0.764  1.00 28.03  ? 1210 HOH A O   1 
HETATM 1639 O O   . HOH C 3 .   ? 15.368  1.034   5.859   1.00 25.80  ? 1211 HOH A O   1 
HETATM 1640 O O   . HOH C 3 .   ? -11.838 -1.495  -5.866  1.00 23.58  ? 1212 HOH A O   1 
HETATM 1641 O O   . HOH C 3 .   ? 12.512  3.857   2.212   1.00 26.07  ? 1213 HOH A O   1 
HETATM 1642 O O   . HOH C 3 .   ? 19.080  3.443   6.083   1.00 33.17  ? 1214 HOH A O   1 
HETATM 1643 O O   . HOH C 3 .   ? -19.131 -3.505  -5.827  1.00 33.87  ? 1215 HOH A O   1 
HETATM 1644 O O   . HOH C 3 .   ? -7.253  2.185   9.873   1.00 24.59  ? 1216 HOH A O   1 
HETATM 1645 O O   . HOH C 3 .   ? -10.387 -4.269  8.913   1.00 24.10  ? 1217 HOH A O   1 
HETATM 1646 O O   . HOH C 3 .   ? 9.870   20.801  6.059   1.00 25.41  ? 1218 HOH A O   1 
HETATM 1647 O O   . HOH C 3 .   ? 6.638   -7.192  10.478  1.00 24.41  ? 1219 HOH A O   1 
HETATM 1648 O O   . HOH C 3 .   ? 4.444   -10.733 4.479   1.00 26.96  ? 1220 HOH A O   1 
HETATM 1649 O O   . HOH C 3 .   ? 8.449   -13.308 10.601  1.00 30.40  ? 1221 HOH A O   1 
HETATM 1650 O O   . HOH C 3 .   ? -2.070  -11.457 -12.737 1.00 28.38  ? 1222 HOH A O   1 
HETATM 1651 O O   . HOH C 3 .   ? -7.696  -13.635 -17.965 1.00 28.69  ? 1223 HOH A O   1 
HETATM 1652 O O   . HOH C 3 .   ? 1.323   15.562  7.453   1.00 23.90  ? 1224 HOH A O   1 
HETATM 1653 O O   . HOH C 3 .   ? 6.254   20.173  13.130  1.00 27.75  ? 1225 HOH A O   1 
HETATM 1654 O O   . HOH C 3 .   ? -6.179  -20.027 -13.195 1.00 27.79  ? 1226 HOH A O   1 
HETATM 1655 O O   . HOH C 3 .   ? -14.210 -17.475 -9.248  1.00 26.03  ? 1227 HOH A O   1 
HETATM 1656 O O   . HOH C 3 .   ? -8.423  -18.353 -2.248  1.00 36.35  ? 1228 HOH A O   1 
HETATM 1657 O O   . HOH C 3 .   ? 3.468   16.185  5.103   1.00 30.04  ? 1229 HOH A O   1 
HETATM 1658 O O   . HOH C 3 .   ? 5.166   9.530   16.882  1.00 29.32  ? 1230 HOH A O   1 
HETATM 1659 O O   . HOH C 3 .   ? 0.866   -9.407  -9.049  1.00 30.52  ? 1231 HOH A O   1 
HETATM 1660 O O   . HOH C 3 .   ? -10.750 1.515   10.953  1.00 30.60  ? 1232 HOH A O   1 
HETATM 1661 O O   . HOH C 3 .   ? -0.798  -13.824 -10.504 1.00 25.62  ? 1233 HOH A O   1 
HETATM 1662 O O   . HOH C 3 .   ? -13.369 8.395   -12.390 1.00 38.78  ? 1234 HOH A O   1 
HETATM 1663 O O   . HOH C 3 .   ? 6.377   -12.483 -0.485  1.00 28.52  ? 1235 HOH A O   1 
HETATM 1664 O O   . HOH C 3 .   ? -9.190  6.913   -3.508  1.00 36.62  ? 1236 HOH A O   1 
HETATM 1665 O O   . HOH C 3 .   ? -8.034  7.603   8.650   1.00 30.82  ? 1237 HOH A O   1 
HETATM 1666 O O   . HOH C 3 .   ? -6.762  3.900   11.879  1.00 36.68  ? 1238 HOH A O   1 
HETATM 1667 O O   . HOH C 3 .   ? 10.966  -2.264  -4.695  1.00 37.81  ? 1239 HOH A O   1 
HETATM 1668 O O   . HOH C 3 .   ? 17.843  11.325  11.960  1.00 36.32  ? 1240 HOH A O   1 
HETATM 1669 O O   . HOH C 3 .   ? -4.152  7.866   0.669   1.00 26.30  ? 1241 HOH A O   1 
HETATM 1670 O O   . HOH C 3 .   ? -18.033 -12.799 -9.378  1.00 32.58  ? 1242 HOH A O   1 
HETATM 1671 O O   . HOH C 3 .   ? -13.991 -16.686 -7.040  1.00 29.75  ? 1243 HOH A O   1 
HETATM 1672 O O   . HOH C 3 .   ? -12.201 1.720   0.645   1.00 36.02  ? 1244 HOH A O   1 
HETATM 1673 O O   . HOH C 3 .   ? 18.865  17.874  2.545   1.00 36.21  ? 1245 HOH A O   1 
HETATM 1674 O O   . HOH C 3 .   ? -15.001 1.902   5.137   1.00 35.81  ? 1246 HOH A O   1 
HETATM 1675 O O   . HOH C 3 .   ? -4.024  4.069   -18.300 1.00 36.03  ? 1247 HOH A O   1 
HETATM 1676 O O   . HOH C 3 .   ? 9.540   13.014  -10.352 1.00 38.38  ? 1248 HOH A O   1 
HETATM 1677 O O   . HOH C 3 .   ? 5.112   -5.121  -5.277  1.00 28.72  ? 1249 HOH A O   1 
HETATM 1678 O O   . HOH C 3 .   ? 3.596   -13.520 3.725   1.00 38.72  ? 1250 HOH A O   1 
HETATM 1679 O O   . HOH C 3 .   ? -11.165 10.315  -11.547 1.00 39.75  ? 1251 HOH A O   1 
HETATM 1680 O O   . HOH C 3 .   ? -15.268 -17.424 3.066   1.00 32.45  ? 1252 HOH A O   1 
HETATM 1681 O O   . HOH C 3 .   ? -12.566 4.523   -0.184  1.00 44.90  ? 1253 HOH A O   1 
HETATM 1682 O O   . HOH C 3 .   ? 14.007  1.777   1.206   1.00 37.84  ? 1254 HOH A O   1 
HETATM 1683 O O   . HOH C 3 .   ? -2.360  10.685  12.985  1.00 42.23  ? 1255 HOH A O   1 
HETATM 1684 O O   . HOH C 3 .   ? -13.292 0.517   -5.201  1.00 39.68  ? 1256 HOH A O   1 
HETATM 1685 O O   . HOH C 3 .   ? 16.349  23.213  4.929   1.00 45.27  ? 1257 HOH A O   1 
HETATM 1686 O O   . HOH C 3 .   ? 1.724   -7.791  16.103  1.00 44.04  ? 1258 HOH A O   1 
HETATM 1687 O O   . HOH C 3 .   ? 3.814   -14.096 1.218   1.00 45.81  ? 1259 HOH A O   1 
HETATM 1688 O O   . HOH C 3 .   ? 12.542  -4.334  -0.567  1.00 42.00  ? 1260 HOH A O   1 
HETATM 1689 O O   . HOH C 3 .   ? 11.502  -3.170  1.949   1.00 34.40  ? 1261 HOH A O   1 
HETATM 1690 O O   . HOH C 3 .   ? 20.696  2.094   -0.135  1.00 49.62  ? 1262 HOH A O   1 
HETATM 1691 O O   . HOH C 3 .   ? 10.226  0.507   17.869  1.00 49.16  ? 1263 HOH A O   1 
HETATM 1692 O O   . HOH C 3 .   ? -15.586 0.063   -3.298  1.00 38.58  ? 1264 HOH A O   1 
HETATM 1693 O O   . HOH C 3 .   ? 5.563   1.596   -12.419 1.00 42.75  ? 1265 HOH A O   1 
HETATM 1694 O O   . HOH C 3 .   ? 4.109   16.346  -2.300  1.00 38.04  ? 1266 HOH A O   1 
HETATM 1695 O O   . HOH C 3 .   ? -6.068  6.384   11.799  1.00 42.69  ? 1267 HOH A O   1 
HETATM 1696 O O   . HOH C 3 .   ? -1.590  10.762  -8.396  1.00 40.47  ? 1268 HOH A O   1 
HETATM 1697 O O   . HOH C 3 .   ? -7.641  -9.650  12.802  1.00 43.14  ? 1269 HOH A O   1 
HETATM 1698 O O   . HOH C 3 .   ? -0.084  12.261  4.193   1.00 29.52  ? 1270 HOH A O   1 
HETATM 1699 O O   . HOH C 3 .   ? 7.364   -11.839 6.631   1.00 33.49  ? 1271 HOH A O   1 
HETATM 1700 O O   . HOH C 3 .   ? -13.049 0.832   2.617   1.00 41.08  ? 1272 HOH A O   1 
HETATM 1701 O O   . HOH C 3 .   ? -10.993 3.656   12.486  1.00 36.00  ? 1273 HOH A O   1 
HETATM 1702 O O   . HOH C 3 .   ? 0.687   -13.329 3.130   1.00 38.77  ? 1274 HOH A O   1 
HETATM 1703 O O   . HOH C 3 .   ? -3.760  4.099   12.497  1.00 34.88  ? 1275 HOH A O   1 
HETATM 1704 O O   . HOH C 3 .   ? -9.366  -15.274 10.664  1.00 40.06  ? 1276 HOH A O   1 
HETATM 1705 O O   . HOH C 3 .   ? -2.787  11.713  3.950   1.00 35.04  ? 1277 HOH A O   1 
HETATM 1706 O O   . HOH C 3 .   ? -9.228  -11.341 11.784  1.00 41.93  ? 1278 HOH A O   1 
HETATM 1707 O O   . HOH C 3 .   ? 13.859  -0.089  15.327  1.00 42.46  ? 1279 HOH A O   1 
HETATM 1708 O O   . HOH C 3 .   ? -4.801  -10.015 -13.240 1.00 40.87  ? 1280 HOH A O   1 
HETATM 1709 O O   . HOH C 3 .   ? 9.359   17.177  -4.417  1.00 42.72  ? 1281 HOH A O   1 
HETATM 1710 O O   . HOH C 3 .   ? 6.444   15.388  4.275   1.00 37.24  ? 1282 HOH A O   1 
HETATM 1711 O O   . HOH C 3 .   ? -1.972  13.794  1.553   1.00 43.93  ? 1283 HOH A O   1 
HETATM 1712 O O   . HOH C 3 .   ? -14.695 2.302   -6.869  1.00 42.17  ? 1284 HOH A O   1 
HETATM 1713 O O   . HOH C 3 .   ? -11.889 7.651   -9.502  1.00 46.31  ? 1285 HOH A O   1 
HETATM 1714 O O   . HOH C 3 .   ? -8.747  1.028   14.123  1.00 37.04  ? 1286 HOH A O   1 
HETATM 1715 O O   . HOH C 3 .   ? 9.517   23.447  5.317   1.00 36.20  ? 1287 HOH A O   1 
HETATM 1716 O O   . HOH C 3 .   ? 12.999  -4.753  6.850   1.00 42.74  ? 1288 HOH A O   1 
HETATM 1717 O O   . HOH C 3 .   ? -6.811  -14.240 -20.400 1.00 39.19  ? 1289 HOH A O   1 
HETATM 1718 O O   . HOH C 3 .   ? 15.895  19.107  2.675   1.00 40.89  ? 1290 HOH A O   1 
HETATM 1719 O O   . HOH C 3 .   ? 5.467   8.582   -14.423 1.00 48.73  ? 1291 HOH A O   1 
HETATM 1720 O O   . HOH C 3 .   ? -14.468 -13.647 4.114   1.00 43.52  ? 1292 HOH A O   1 
HETATM 1721 O O   . HOH C 3 .   ? -12.755 -12.937 -22.609 1.00 44.40  ? 1293 HOH A O   1 
# 
loop_
_pdbx_poly_seq_scheme.asym_id 
_pdbx_poly_seq_scheme.entity_id 
_pdbx_poly_seq_scheme.seq_id 
_pdbx_poly_seq_scheme.mon_id 
_pdbx_poly_seq_scheme.ndb_seq_num 
_pdbx_poly_seq_scheme.pdb_seq_num 
_pdbx_poly_seq_scheme.auth_seq_num 
_pdbx_poly_seq_scheme.pdb_mon_id 
_pdbx_poly_seq_scheme.auth_mon_id 
_pdbx_poly_seq_scheme.pdb_strand_id 
_pdbx_poly_seq_scheme.pdb_ins_code 
_pdbx_poly_seq_scheme.hetero 
A 1 1   PRO 1   1    1    PRO PRO A . n 
A 1 2   GLN 2   2    2    GLN GLN A . n 
A 1 3   VAL 3   3    3    VAL VAL A . n 
A 1 4   THR 4   4    4    THR THR A . n 
A 1 5   LEU 5   5    5    LEU LEU A . n 
A 1 6   TRP 6   6    6    TRP TRP A . n 
A 1 7   GLN 7   7    7    GLN GLN A . n 
A 1 8   ARG 8   8    8    ARG ARG A . n 
A 1 9   PRO 9   9    9    PRO PRO A . n 
A 1 10  LEU 10  10   10   LEU LEU A . n 
A 1 11  VAL 11  11   11   VAL VAL A . n 
A 1 12  THR 12  12   12   THR THR A . n 
A 1 13  ILE 13  13   13   ILE ILE A . n 
A 1 14  LYS 14  14   14   LYS LYS A . n 
A 1 15  ILE 15  15   15   ILE ILE A . n 
A 1 16  GLY 16  16   16   GLY GLY A . n 
A 1 17  GLY 17  17   17   GLY GLY A . n 
A 1 18  GLN 18  18   18   GLN GLN A . n 
A 1 19  LEU 19  19   19   LEU LEU A . n 
A 1 20  LYS 20  20   20   LYS LYS A . n 
A 1 21  GLU 21  21   21   GLU GLU A . n 
A 1 22  ALA 22  22   22   ALA ALA A . n 
A 1 23  LEU 23  23   23   LEU LEU A . n 
A 1 24  LEU 24  24   24   LEU LEU A . n 
A 1 25  ASP 25  25   25   ASP ASP A . n 
A 1 26  THR 26  26   26   THR THR A . n 
A 1 27  GLY 27  27   27   GLY GLY A . n 
A 1 28  ALA 28  28   28   ALA ALA A . n 
A 1 29  ASP 29  29   29   ASP ASP A . n 
A 1 30  ASN 30  30   30   ASN ASN A . n 
A 1 31  THR 31  31   31   THR THR A . n 
A 1 32  VAL 32  32   32   VAL VAL A . n 
A 1 33  LEU 33  33   33   LEU LEU A . n 
A 1 34  GLU 34  34   34   GLU GLU A . n 
A 1 35  GLU 35  35   35   GLU GLU A . n 
A 1 36  MET 36  36   36   MET MET A . n 
A 1 37  SER 37  37   37   SER SER A . n 
A 1 38  LEU 38  38   38   LEU LEU A . n 
A 1 39  PRO 39  39   39   PRO PRO A . n 
A 1 40  GLY 40  40   40   GLY GLY A . n 
A 1 41  ARG 41  41   41   ARG ARG A . n 
A 1 42  TRP 42  42   42   TRP TRP A . n 
A 1 43  LYS 43  43   43   LYS LYS A . n 
A 1 44  PRO 44  44   44   PRO PRO A . n 
A 1 45  LYS 45  45   45   LYS LYS A . n 
A 1 46  MET 46  46   46   MET MET A . n 
A 1 47  ILE 47  47   47   ILE ILE A . n 
A 1 48  GLY 48  48   48   GLY GLY A . n 
A 1 49  GLY 49  49   49   GLY GLY A . n 
A 1 50  ILE 50  50   50   ILE ILE A . n 
A 1 51  GLY 51  51   51   GLY GLY A . n 
A 1 52  GLY 52  52   52   GLY GLY A . n 
A 1 53  PHE 53  53   53   PHE PHE A . n 
A 1 54  ILE 54  54   54   ILE ILE A . n 
A 1 55  LYS 55  55   55   LYS LYS A . n 
A 1 56  VAL 56  56   56   VAL VAL A . n 
A 1 57  ARG 57  57   57   ARG ARG A . n 
A 1 58  GLN 58  58   58   GLN GLN A . n 
A 1 59  TYR 59  59   59   TYR TYR A . n 
A 1 60  ASP 60  60   60   ASP ASP A . n 
A 1 61  GLN 61  61   61   GLN GLN A . n 
A 1 62  ILE 62  62   62   ILE ILE A . n 
A 1 63  LEU 63  63   63   LEU LEU A . n 
A 1 64  ILE 64  64   64   ILE ILE A . n 
A 1 65  GLU 65  65   65   GLU GLU A . n 
A 1 66  ILE 66  66   66   ILE ILE A . n 
A 1 67  CYS 67  67   67   CYS CYS A . n 
A 1 68  GLY 68  68   68   GLY GLY A . n 
A 1 69  HIS 69  69   69   HIS HIS A . n 
A 1 70  LYS 70  70   70   LYS LYS A . n 
A 1 71  ALA 71  71   71   ALA ALA A . n 
A 1 72  ILE 72  72   72   ILE ILE A . n 
A 1 73  GLY 73  73   73   GLY GLY A . n 
A 1 74  THR 74  74   74   THR THR A . n 
A 1 75  VAL 75  75   75   VAL VAL A . n 
A 1 76  LEU 76  76   76   LEU LEU A . n 
A 1 77  VAL 77  77   77   VAL VAL A . n 
A 1 78  GLY 78  78   78   GLY GLY A . n 
A 1 79  PRO 79  79   79   PRO PRO A . n 
A 1 80  THR 80  80   80   THR THR A . n 
A 1 81  PRO 81  81   81   PRO PRO A . n 
A 1 82  VAL 82  82   82   VAL VAL A . n 
A 1 83  ASN 83  83   83   ASN ASN A . n 
A 1 84  ILE 84  84   84   ILE ILE A . n 
A 1 85  ILE 85  85   85   ILE ILE A . n 
A 1 86  GLY 86  86   86   GLY GLY A . n 
A 1 87  ARG 87  87   87   ARG ARG A . n 
A 1 88  ASN 88  88   88   ASN ASN A . n 
A 1 89  LEU 89  89   89   LEU LEU A . n 
A 1 90  LEU 90  90   90   LEU LEU A . n 
A 1 91  THR 91  91   91   THR THR A . n 
A 1 92  GLN 92  92   92   GLN GLN A . n 
A 1 93  ILE 93  93   93   ILE ILE A . n 
A 1 94  GLY 94  94   94   GLY GLY A . n 
A 1 95  MET 95  95   95   MET MET A . n 
A 1 96  THR 96  96   96   THR THR A . n 
A 1 97  LEU 97  97   97   LEU LEU A . n 
A 1 98  ASN 98  98   98   ASN ASN A . n 
A 1 99  PHE 99  99   99   PHE PHE A . n 
A 1 100 GLY 100 100  ?    ?   ?   A . n 
A 1 101 GLY 101 101  ?    ?   ?   A . n 
A 1 102 SER 102 102  ?    ?   ?   A . n 
A 1 103 SER 103 103  ?    ?   ?   A . n 
A 1 104 GLY 104 104  ?    ?   ?   A . n 
A 1 105 PRO 105 1001 1001 PRO PRO A . n 
A 1 106 GLN 106 1002 1002 GLN GLN A . n 
A 1 107 VAL 107 1003 1003 VAL VAL A . n 
A 1 108 THR 108 1004 1004 THR THR A . n 
A 1 109 LEU 109 1005 1005 LEU LEU A . n 
A 1 110 TRP 110 1006 1006 TRP TRP A . n 
A 1 111 GLN 111 1007 1007 GLN GLN A . n 
A 1 112 ARG 112 1008 1008 ARG ARG A . n 
A 1 113 PRO 113 1009 1009 PRO PRO A . n 
A 1 114 LEU 114 1010 1010 LEU LEU A . n 
A 1 115 VAL 115 1011 1011 VAL VAL A . n 
A 1 116 THR 116 1012 1012 THR THR A . n 
A 1 117 ILE 117 1013 1013 ILE ILE A . n 
A 1 118 LYS 118 1014 1014 LYS LYS A . n 
A 1 119 ILE 119 1015 1015 ILE ILE A . n 
A 1 120 GLY 120 1016 1016 GLY GLY A . n 
A 1 121 GLY 121 1017 1017 GLY GLY A . n 
A 1 122 GLN 122 1018 1018 GLN GLN A . n 
A 1 123 LEU 123 1019 1019 LEU LEU A . n 
A 1 124 LYS 124 1020 1020 LYS LYS A . n 
A 1 125 GLU 125 1021 1021 GLU GLU A . n 
A 1 126 ALA 126 1022 1022 ALA ALA A . n 
A 1 127 LEU 127 1023 1023 LEU LEU A . n 
A 1 128 LEU 128 1024 1024 LEU LEU A . n 
A 1 129 ASP 129 1025 1025 ASP ASP A . n 
A 1 130 THR 130 1026 1026 THR THR A . n 
A 1 131 GLY 131 1027 1027 GLY GLY A . n 
A 1 132 ALA 132 1028 1028 ALA ALA A . n 
A 1 133 ASP 133 1029 1029 ASP ASP A . n 
A 1 134 ASN 134 1030 1030 ASN ASN A . n 
A 1 135 THR 135 1031 1031 THR THR A . n 
A 1 136 VAL 136 1032 1032 VAL VAL A . n 
A 1 137 LEU 137 1033 1033 LEU LEU A . n 
A 1 138 GLU 138 1034 1034 GLU GLU A . n 
A 1 139 GLU 139 1035 1035 GLU GLU A . n 
A 1 140 MET 140 1036 1036 MET MET A . n 
A 1 141 SER 141 1037 1037 SER SER A . n 
A 1 142 LEU 142 1038 1038 LEU LEU A . n 
A 1 143 PRO 143 1039 1039 PRO PRO A . n 
A 1 144 GLY 144 1040 1040 GLY GLY A . n 
A 1 145 ARG 145 1041 1041 ARG ARG A . n 
A 1 146 TRP 146 1042 1042 TRP TRP A . n 
A 1 147 LYS 147 1043 1043 LYS LYS A . n 
A 1 148 PRO 148 1044 1044 PRO PRO A . n 
A 1 149 LYS 149 1045 1045 LYS LYS A . n 
A 1 150 MET 150 1046 1046 MET MET A . n 
A 1 151 ILE 151 1047 1047 ILE ILE A . n 
A 1 152 GLY 152 1048 1048 GLY GLY A . n 
A 1 153 GLY 153 1049 1049 GLY GLY A . n 
A 1 154 ILE 154 1050 1050 ILE ILE A . n 
A 1 155 GLY 155 1051 1051 GLY GLY A . n 
A 1 156 GLY 156 1052 1052 GLY GLY A . n 
A 1 157 PHE 157 1053 1053 PHE PHE A . n 
A 1 158 ILE 158 1054 1054 ILE ILE A . n 
A 1 159 LYS 159 1055 1055 LYS LYS A . n 
A 1 160 VAL 160 1056 1056 VAL VAL A . n 
A 1 161 ARG 161 1057 1057 ARG ARG A . n 
A 1 162 GLN 162 1058 1058 GLN GLN A . n 
A 1 163 TYR 163 1059 1059 TYR TYR A . n 
A 1 164 ASP 164 1060 1060 ASP ASP A . n 
A 1 165 GLN 165 1061 1061 GLN GLN A . n 
A 1 166 ILE 166 1062 1062 ILE ILE A . n 
A 1 167 LEU 167 1063 1063 LEU LEU A . n 
A 1 168 ILE 168 1064 1064 ILE ILE A . n 
A 1 169 GLU 169 1065 1065 GLU GLU A . n 
A 1 170 ILE 170 1066 1066 ILE ILE A . n 
A 1 171 CYS 171 1067 1067 CYS CYS A . n 
A 1 172 GLY 172 1068 1068 GLY GLY A . n 
A 1 173 HIS 173 1069 1069 HIS HIS A . n 
A 1 174 LYS 174 1070 1070 LYS LYS A . n 
A 1 175 ALA 175 1071 1071 ALA ALA A . n 
A 1 176 ILE 176 1072 1072 ILE ILE A . n 
A 1 177 GLY 177 1073 1073 GLY GLY A . n 
A 1 178 THR 178 1074 1074 THR THR A . n 
A 1 179 VAL 179 1075 1075 VAL VAL A . n 
A 1 180 LEU 180 1076 1076 LEU LEU A . n 
A 1 181 VAL 181 1077 1077 VAL VAL A . n 
A 1 182 GLY 182 1078 1078 GLY GLY A . n 
A 1 183 PRO 183 1079 1079 PRO PRO A . n 
A 1 184 THR 184 1080 1080 THR THR A . n 
A 1 185 PRO 185 1081 1081 PRO PRO A . n 
A 1 186 VAL 186 1082 1082 VAL VAL A . n 
A 1 187 ASN 187 1083 1083 ASN ASN A . n 
A 1 188 ILE 188 1084 1084 ILE ILE A . n 
A 1 189 ILE 189 1085 1085 ILE ILE A . n 
A 1 190 GLY 190 1086 1086 GLY GLY A . n 
A 1 191 ARG 191 1087 1087 ARG ARG A . n 
A 1 192 ASN 192 1088 1088 ASN ASN A . n 
A 1 193 LEU 193 1089 1089 LEU LEU A . n 
A 1 194 LEU 194 1090 1090 LEU LEU A . n 
A 1 195 THR 195 1091 1091 THR THR A . n 
A 1 196 GLN 196 1092 1092 GLN GLN A . n 
A 1 197 ILE 197 1093 1093 ILE ILE A . n 
A 1 198 GLY 198 1094 1094 GLY GLY A . n 
A 1 199 ALA 199 1095 1095 ALA ALA A . n 
A 1 200 THR 200 1096 1096 THR THR A . n 
A 1 201 LEU 201 1097 1097 LEU LEU A . n 
A 1 202 ASN 202 1098 1098 ASN ASN A . n 
A 1 203 PHE 203 1099 1099 PHE PHE A . n 
# 
loop_
_pdbx_nonpoly_scheme.asym_id 
_pdbx_nonpoly_scheme.entity_id 
_pdbx_nonpoly_scheme.mon_id 
_pdbx_nonpoly_scheme.ndb_seq_num 
_pdbx_nonpoly_scheme.pdb_seq_num 
_pdbx_nonpoly_scheme.auth_seq_num 
_pdbx_nonpoly_scheme.pdb_mon_id 
_pdbx_nonpoly_scheme.auth_mon_id 
_pdbx_nonpoly_scheme.pdb_strand_id 
_pdbx_nonpoly_scheme.pdb_ins_code 
B 2 ROC 1  1101 201 ROC SAQ A . 
C 3 HOH 1  1201 1   HOH HOH A . 
C 3 HOH 2  1202 2   HOH HOH A . 
C 3 HOH 3  1203 3   HOH HOH A . 
C 3 HOH 4  1204 4   HOH HOH A . 
C 3 HOH 5  1205 5   HOH HOH A . 
C 3 HOH 6  1206 6   HOH HOH A . 
C 3 HOH 7  1207 7   HOH HOH A . 
C 3 HOH 8  1208 8   HOH HOH A . 
C 3 HOH 9  1209 9   HOH HOH A . 
C 3 HOH 10 1210 10  HOH HOH A . 
C 3 HOH 11 1211 11  HOH HOH A . 
C 3 HOH 12 1212 12  HOH HOH A . 
C 3 HOH 13 1213 13  HOH HOH A . 
C 3 HOH 14 1214 14  HOH HOH A . 
C 3 HOH 15 1215 15  HOH HOH A . 
C 3 HOH 16 1216 16  HOH HOH A . 
C 3 HOH 17 1217 17  HOH HOH A . 
C 3 HOH 18 1218 18  HOH HOH A . 
C 3 HOH 19 1219 19  HOH HOH A . 
C 3 HOH 20 1220 20  HOH HOH A . 
C 3 HOH 21 1221 21  HOH HOH A . 
C 3 HOH 22 1222 22  HOH HOH A . 
C 3 HOH 23 1223 23  HOH HOH A . 
C 3 HOH 24 1224 24  HOH HOH A . 
C 3 HOH 25 1225 25  HOH HOH A . 
C 3 HOH 26 1226 26  HOH HOH A . 
C 3 HOH 27 1227 27  HOH HOH A . 
C 3 HOH 28 1228 28  HOH HOH A . 
C 3 HOH 29 1229 29  HOH HOH A . 
C 3 HOH 30 1230 30  HOH HOH A . 
C 3 HOH 31 1231 31  HOH HOH A . 
C 3 HOH 32 1232 32  HOH HOH A . 
C 3 HOH 33 1233 33  HOH HOH A . 
C 3 HOH 34 1234 34  HOH HOH A . 
C 3 HOH 35 1235 35  HOH HOH A . 
C 3 HOH 36 1236 36  HOH HOH A . 
C 3 HOH 37 1237 37  HOH HOH A . 
C 3 HOH 38 1238 38  HOH HOH A . 
C 3 HOH 39 1239 39  HOH HOH A . 
C 3 HOH 40 1240 40  HOH HOH A . 
C 3 HOH 41 1241 41  HOH HOH A . 
C 3 HOH 42 1242 42  HOH HOH A . 
C 3 HOH 43 1243 43  HOH HOH A . 
C 3 HOH 44 1244 44  HOH HOH A . 
C 3 HOH 45 1245 45  HOH HOH A . 
C 3 HOH 46 1246 46  HOH HOH A . 
C 3 HOH 47 1247 47  HOH HOH A . 
C 3 HOH 48 1248 48  HOH HOH A . 
C 3 HOH 49 1249 49  HOH HOH A . 
C 3 HOH 50 1250 50  HOH HOH A . 
C 3 HOH 51 1251 51  HOH HOH A . 
C 3 HOH 52 1252 52  HOH HOH A . 
C 3 HOH 53 1253 53  HOH HOH A . 
C 3 HOH 54 1254 54  HOH HOH A . 
C 3 HOH 55 1255 55  HOH HOH A . 
C 3 HOH 56 1256 56  HOH HOH A . 
C 3 HOH 57 1257 57  HOH HOH A . 
C 3 HOH 58 1258 58  HOH HOH A . 
C 3 HOH 59 1259 59  HOH HOH A . 
C 3 HOH 60 1260 60  HOH HOH A . 
C 3 HOH 61 1261 61  HOH HOH A . 
C 3 HOH 62 1262 62  HOH HOH A . 
C 3 HOH 63 1263 63  HOH HOH A . 
C 3 HOH 64 1264 64  HOH HOH A . 
C 3 HOH 65 1265 65  HOH HOH A . 
C 3 HOH 66 1266 66  HOH HOH A . 
C 3 HOH 67 1267 67  HOH HOH A . 
C 3 HOH 68 1268 68  HOH HOH A . 
C 3 HOH 69 1269 69  HOH HOH A . 
C 3 HOH 70 1270 70  HOH HOH A . 
C 3 HOH 71 1271 71  HOH HOH A . 
C 3 HOH 72 1272 72  HOH HOH A . 
C 3 HOH 73 1273 73  HOH HOH A . 
C 3 HOH 74 1274 74  HOH HOH A . 
C 3 HOH 75 1275 75  HOH HOH A . 
C 3 HOH 76 1276 76  HOH HOH A . 
C 3 HOH 77 1277 77  HOH HOH A . 
C 3 HOH 78 1278 78  HOH HOH A . 
C 3 HOH 79 1279 79  HOH HOH A . 
C 3 HOH 80 1280 80  HOH HOH A . 
C 3 HOH 81 1281 81  HOH HOH A . 
C 3 HOH 82 1282 82  HOH HOH A . 
C 3 HOH 83 1283 83  HOH HOH A . 
C 3 HOH 84 1284 84  HOH HOH A . 
C 3 HOH 85 1285 85  HOH HOH A . 
C 3 HOH 86 1286 86  HOH HOH A . 
C 3 HOH 87 1287 87  HOH HOH A . 
C 3 HOH 88 1288 88  HOH HOH A . 
C 3 HOH 89 1289 89  HOH HOH A . 
C 3 HOH 90 1290 90  HOH HOH A . 
C 3 HOH 91 1291 91  HOH HOH A . 
C 3 HOH 92 1292 92  HOH HOH A . 
C 3 HOH 93 1293 93  HOH HOH A . 
# 
_pdbx_molecule_features.prd_id    PRD_000454 
_pdbx_molecule_features.name      Saquinavir 
_pdbx_molecule_features.type      Peptide-like 
_pdbx_molecule_features.class     Inhibitor 
_pdbx_molecule_features.details   ? 
# 
_pdbx_molecule.instance_id   1 
_pdbx_molecule.prd_id        PRD_000454 
_pdbx_molecule.asym_id       B 
# 
_pdbx_struct_assembly.id                   1 
_pdbx_struct_assembly.details              author_and_software_defined_assembly 
_pdbx_struct_assembly.method_details       PISA 
_pdbx_struct_assembly.oligomeric_details   monomeric 
_pdbx_struct_assembly.oligomeric_count     1 
# 
_pdbx_struct_assembly_gen.assembly_id       1 
_pdbx_struct_assembly_gen.oper_expression   1 
_pdbx_struct_assembly_gen.asym_id_list      A,B,C 
# 
_pdbx_struct_oper_list.id                   1 
_pdbx_struct_oper_list.type                 'identity operation' 
_pdbx_struct_oper_list.name                 1_555 
_pdbx_struct_oper_list.symmetry_operation   x,y,z 
_pdbx_struct_oper_list.matrix[1][1]         1.0000000000 
_pdbx_struct_oper_list.matrix[1][2]         0.0000000000 
_pdbx_struct_oper_list.matrix[1][3]         0.0000000000 
_pdbx_struct_oper_list.vector[1]            0.0000000000 
_pdbx_struct_oper_list.matrix[2][1]         0.0000000000 
_pdbx_struct_oper_list.matrix[2][2]         1.0000000000 
_pdbx_struct_oper_list.matrix[2][3]         0.0000000000 
_pdbx_struct_oper_list.vector[2]            0.0000000000 
_pdbx_struct_oper_list.matrix[3][1]         0.0000000000 
_pdbx_struct_oper_list.matrix[3][2]         0.0000000000 
_pdbx_struct_oper_list.matrix[3][3]         1.0000000000 
_pdbx_struct_oper_list.vector[3]            0.0000000000 
# 
loop_
_pdbx_audit_revision_history.ordinal 
_pdbx_audit_revision_history.data_content_type 
_pdbx_audit_revision_history.major_revision 
_pdbx_audit_revision_history.minor_revision 
_pdbx_audit_revision_history.revision_date 
1 'Structure model' 1 0 2015-04-08 
2 'Structure model' 1 1 2017-08-23 
3 'Structure model' 1 2 2022-08-24 
4 'Structure model' 1 3 2023-11-08 
# 
_pdbx_audit_revision_details.ordinal             1 
_pdbx_audit_revision_details.revision_ordinal    1 
_pdbx_audit_revision_details.data_content_type   'Structure model' 
_pdbx_audit_revision_details.provider            repository 
_pdbx_audit_revision_details.type                'Initial release' 
_pdbx_audit_revision_details.description         ? 
_pdbx_audit_revision_details.details             ? 
# 
loop_
_pdbx_audit_revision_group.ordinal 
_pdbx_audit_revision_group.revision_ordinal 
_pdbx_audit_revision_group.data_content_type 
_pdbx_audit_revision_group.group 
1 2 'Structure model' 'Source and taxonomy'    
2 3 'Structure model' 'Database references'    
3 3 'Structure model' 'Derived calculations'   
4 3 'Structure model' 'Structure summary'      
5 4 'Structure model' 'Data collection'        
6 4 'Structure model' 'Refinement description' 
# 
loop_
_pdbx_audit_revision_category.ordinal 
_pdbx_audit_revision_category.revision_ordinal 
_pdbx_audit_revision_category.data_content_type 
_pdbx_audit_revision_category.category 
1  2 'Structure model' entity_src_gen                
2  3 'Structure model' chem_comp                     
3  3 'Structure model' citation                      
4  3 'Structure model' citation_author               
5  3 'Structure model' database_2                    
6  3 'Structure model' entity                        
7  3 'Structure model' pdbx_entity_nonpoly           
8  3 'Structure model' struct_ref_seq_dif            
9  3 'Structure model' struct_site                   
10 4 'Structure model' chem_comp_atom                
11 4 'Structure model' chem_comp_bond                
12 4 'Structure model' pdbx_initial_refinement_model 
# 
loop_
_pdbx_audit_revision_item.ordinal 
_pdbx_audit_revision_item.revision_ordinal 
_pdbx_audit_revision_item.data_content_type 
_pdbx_audit_revision_item.item 
1  3 'Structure model' '_chem_comp.name'                     
2  3 'Structure model' '_chem_comp.pdbx_synonyms'            
3  3 'Structure model' '_citation.journal_volume'            
4  3 'Structure model' '_citation.page_first'                
5  3 'Structure model' '_citation.page_last'                 
6  3 'Structure model' '_citation.year'                      
7  3 'Structure model' '_citation_author.name'               
8  3 'Structure model' '_database_2.pdbx_DOI'                
9  3 'Structure model' '_database_2.pdbx_database_accession' 
10 3 'Structure model' '_entity.pdbx_description'            
11 3 'Structure model' '_pdbx_entity_nonpoly.name'           
12 3 'Structure model' '_struct_ref_seq_dif.details'         
13 3 'Structure model' '_struct_site.pdbx_auth_asym_id'      
14 3 'Structure model' '_struct_site.pdbx_auth_comp_id'      
15 3 'Structure model' '_struct_site.pdbx_auth_seq_id'       
# 
loop_
_software.name 
_software.classification 
_software.version 
_software.citation_id 
_software.pdbx_ordinal 
ADSC   'data collection' Quantum                       ? 1 
PHENIX 'model building'  .                             ? 2 
PHENIX refinement        '(phenix.refine: 1.8.2_1309)' ? 3 
XDS    'data reduction'  .                             ? 4 
XDS    'data scaling'    .                             ? 5 
PHENIX phasing           .                             ? 6 
# 
_pdbx_entry_details.sequence_details         
;CHIMERA PROTEIN WITH LINKER GLY-GLY-SER-SER-GLY (NUMBERED A100 TO A104) THAT COVALENTLY LINK SUB-UNIT A WITH SUB-UNIT B IN THE TETHERED DIMER.
;
_pdbx_entry_details.entry_id                 4Q5M 
_pdbx_entry_details.nonpolymer_details       ? 
_pdbx_entry_details.compound_details         ? 
_pdbx_entry_details.source_details           ? 
_pdbx_entry_details.has_ligand_of_interest   ? 
# 
loop_
_pdbx_unobs_or_zero_occ_residues.id 
_pdbx_unobs_or_zero_occ_residues.PDB_model_num 
_pdbx_unobs_or_zero_occ_residues.polymer_flag 
_pdbx_unobs_or_zero_occ_residues.occupancy_flag 
_pdbx_unobs_or_zero_occ_residues.auth_asym_id 
_pdbx_unobs_or_zero_occ_residues.auth_comp_id 
_pdbx_unobs_or_zero_occ_residues.auth_seq_id 
_pdbx_unobs_or_zero_occ_residues.PDB_ins_code 
_pdbx_unobs_or_zero_occ_residues.label_asym_id 
_pdbx_unobs_or_zero_occ_residues.label_comp_id 
_pdbx_unobs_or_zero_occ_residues.label_seq_id 
1 1 Y 1 A GLY 100 ? A GLY 100 
2 1 Y 1 A GLY 101 ? A GLY 101 
3 1 Y 1 A SER 102 ? A SER 102 
4 1 Y 1 A SER 103 ? A SER 103 
5 1 Y 1 A GLY 104 ? A GLY 104 
# 
loop_
_chem_comp_atom.comp_id 
_chem_comp_atom.atom_id 
_chem_comp_atom.type_symbol 
_chem_comp_atom.pdbx_aromatic_flag 
_chem_comp_atom.pdbx_stereo_config 
_chem_comp_atom.pdbx_ordinal 
ALA N    N N N 1   
ALA CA   C N S 2   
ALA C    C N N 3   
ALA O    O N N 4   
ALA CB   C N N 5   
ALA OXT  O N N 6   
ALA H    H N N 7   
ALA H2   H N N 8   
ALA HA   H N N 9   
ALA HB1  H N N 10  
ALA HB2  H N N 11  
ALA HB3  H N N 12  
ALA HXT  H N N 13  
ARG N    N N N 14  
ARG CA   C N S 15  
ARG C    C N N 16  
ARG O    O N N 17  
ARG CB   C N N 18  
ARG CG   C N N 19  
ARG CD   C N N 20  
ARG NE   N N N 21  
ARG CZ   C N N 22  
ARG NH1  N N N 23  
ARG NH2  N N N 24  
ARG OXT  O N N 25  
ARG H    H N N 26  
ARG H2   H N N 27  
ARG HA   H N N 28  
ARG HB2  H N N 29  
ARG HB3  H N N 30  
ARG HG2  H N N 31  
ARG HG3  H N N 32  
ARG HD2  H N N 33  
ARG HD3  H N N 34  
ARG HE   H N N 35  
ARG HH11 H N N 36  
ARG HH12 H N N 37  
ARG HH21 H N N 38  
ARG HH22 H N N 39  
ARG HXT  H N N 40  
ASN N    N N N 41  
ASN CA   C N S 42  
ASN C    C N N 43  
ASN O    O N N 44  
ASN CB   C N N 45  
ASN CG   C N N 46  
ASN OD1  O N N 47  
ASN ND2  N N N 48  
ASN OXT  O N N 49  
ASN H    H N N 50  
ASN H2   H N N 51  
ASN HA   H N N 52  
ASN HB2  H N N 53  
ASN HB3  H N N 54  
ASN HD21 H N N 55  
ASN HD22 H N N 56  
ASN HXT  H N N 57  
ASP N    N N N 58  
ASP CA   C N S 59  
ASP C    C N N 60  
ASP O    O N N 61  
ASP CB   C N N 62  
ASP CG   C N N 63  
ASP OD1  O N N 64  
ASP OD2  O N N 65  
ASP OXT  O N N 66  
ASP H    H N N 67  
ASP H2   H N N 68  
ASP HA   H N N 69  
ASP HB2  H N N 70  
ASP HB3  H N N 71  
ASP HD2  H N N 72  
ASP HXT  H N N 73  
CYS N    N N N 74  
CYS CA   C N R 75  
CYS C    C N N 76  
CYS O    O N N 77  
CYS CB   C N N 78  
CYS SG   S N N 79  
CYS OXT  O N N 80  
CYS H    H N N 81  
CYS H2   H N N 82  
CYS HA   H N N 83  
CYS HB2  H N N 84  
CYS HB3  H N N 85  
CYS HG   H N N 86  
CYS HXT  H N N 87  
GLN N    N N N 88  
GLN CA   C N S 89  
GLN C    C N N 90  
GLN O    O N N 91  
GLN CB   C N N 92  
GLN CG   C N N 93  
GLN CD   C N N 94  
GLN OE1  O N N 95  
GLN NE2  N N N 96  
GLN OXT  O N N 97  
GLN H    H N N 98  
GLN H2   H N N 99  
GLN HA   H N N 100 
GLN HB2  H N N 101 
GLN HB3  H N N 102 
GLN HG2  H N N 103 
GLN HG3  H N N 104 
GLN HE21 H N N 105 
GLN HE22 H N N 106 
GLN HXT  H N N 107 
GLU N    N N N 108 
GLU CA   C N S 109 
GLU C    C N N 110 
GLU O    O N N 111 
GLU CB   C N N 112 
GLU CG   C N N 113 
GLU CD   C N N 114 
GLU OE1  O N N 115 
GLU OE2  O N N 116 
GLU OXT  O N N 117 
GLU H    H N N 118 
GLU H2   H N N 119 
GLU HA   H N N 120 
GLU HB2  H N N 121 
GLU HB3  H N N 122 
GLU HG2  H N N 123 
GLU HG3  H N N 124 
GLU HE2  H N N 125 
GLU HXT  H N N 126 
GLY N    N N N 127 
GLY CA   C N N 128 
GLY C    C N N 129 
GLY O    O N N 130 
GLY OXT  O N N 131 
GLY H    H N N 132 
GLY H2   H N N 133 
GLY HA2  H N N 134 
GLY HA3  H N N 135 
GLY HXT  H N N 136 
HIS N    N N N 137 
HIS CA   C N S 138 
HIS C    C N N 139 
HIS O    O N N 140 
HIS CB   C N N 141 
HIS CG   C Y N 142 
HIS ND1  N Y N 143 
HIS CD2  C Y N 144 
HIS CE1  C Y N 145 
HIS NE2  N Y N 146 
HIS OXT  O N N 147 
HIS H    H N N 148 
HIS H2   H N N 149 
HIS HA   H N N 150 
HIS HB2  H N N 151 
HIS HB3  H N N 152 
HIS HD1  H N N 153 
HIS HD2  H N N 154 
HIS HE1  H N N 155 
HIS HE2  H N N 156 
HIS HXT  H N N 157 
HOH O    O N N 158 
HOH H1   H N N 159 
HOH H2   H N N 160 
ILE N    N N N 161 
ILE CA   C N S 162 
ILE C    C N N 163 
ILE O    O N N 164 
ILE CB   C N S 165 
ILE CG1  C N N 166 
ILE CG2  C N N 167 
ILE CD1  C N N 168 
ILE OXT  O N N 169 
ILE H    H N N 170 
ILE H2   H N N 171 
ILE HA   H N N 172 
ILE HB   H N N 173 
ILE HG12 H N N 174 
ILE HG13 H N N 175 
ILE HG21 H N N 176 
ILE HG22 H N N 177 
ILE HG23 H N N 178 
ILE HD11 H N N 179 
ILE HD12 H N N 180 
ILE HD13 H N N 181 
ILE HXT  H N N 182 
LEU N    N N N 183 
LEU CA   C N S 184 
LEU C    C N N 185 
LEU O    O N N 186 
LEU CB   C N N 187 
LEU CG   C N N 188 
LEU CD1  C N N 189 
LEU CD2  C N N 190 
LEU OXT  O N N 191 
LEU H    H N N 192 
LEU H2   H N N 193 
LEU HA   H N N 194 
LEU HB2  H N N 195 
LEU HB3  H N N 196 
LEU HG   H N N 197 
LEU HD11 H N N 198 
LEU HD12 H N N 199 
LEU HD13 H N N 200 
LEU HD21 H N N 201 
LEU HD22 H N N 202 
LEU HD23 H N N 203 
LEU HXT  H N N 204 
LYS N    N N N 205 
LYS CA   C N S 206 
LYS C    C N N 207 
LYS O    O N N 208 
LYS CB   C N N 209 
LYS CG   C N N 210 
LYS CD   C N N 211 
LYS CE   C N N 212 
LYS NZ   N N N 213 
LYS OXT  O N N 214 
LYS H    H N N 215 
LYS H2   H N N 216 
LYS HA   H N N 217 
LYS HB2  H N N 218 
LYS HB3  H N N 219 
LYS HG2  H N N 220 
LYS HG3  H N N 221 
LYS HD2  H N N 222 
LYS HD3  H N N 223 
LYS HE2  H N N 224 
LYS HE3  H N N 225 
LYS HZ1  H N N 226 
LYS HZ2  H N N 227 
LYS HZ3  H N N 228 
LYS HXT  H N N 229 
MET N    N N N 230 
MET CA   C N S 231 
MET C    C N N 232 
MET O    O N N 233 
MET CB   C N N 234 
MET CG   C N N 235 
MET SD   S N N 236 
MET CE   C N N 237 
MET OXT  O N N 238 
MET H    H N N 239 
MET H2   H N N 240 
MET HA   H N N 241 
MET HB2  H N N 242 
MET HB3  H N N 243 
MET HG2  H N N 244 
MET HG3  H N N 245 
MET HE1  H N N 246 
MET HE2  H N N 247 
MET HE3  H N N 248 
MET HXT  H N N 249 
PHE N    N N N 250 
PHE CA   C N S 251 
PHE C    C N N 252 
PHE O    O N N 253 
PHE CB   C N N 254 
PHE CG   C Y N 255 
PHE CD1  C Y N 256 
PHE CD2  C Y N 257 
PHE CE1  C Y N 258 
PHE CE2  C Y N 259 
PHE CZ   C Y N 260 
PHE OXT  O N N 261 
PHE H    H N N 262 
PHE H2   H N N 263 
PHE HA   H N N 264 
PHE HB2  H N N 265 
PHE HB3  H N N 266 
PHE HD1  H N N 267 
PHE HD2  H N N 268 
PHE HE1  H N N 269 
PHE HE2  H N N 270 
PHE HZ   H N N 271 
PHE HXT  H N N 272 
PRO N    N N N 273 
PRO CA   C N S 274 
PRO C    C N N 275 
PRO O    O N N 276 
PRO CB   C N N 277 
PRO CG   C N N 278 
PRO CD   C N N 279 
PRO OXT  O N N 280 
PRO H    H N N 281 
PRO HA   H N N 282 
PRO HB2  H N N 283 
PRO HB3  H N N 284 
PRO HG2  H N N 285 
PRO HG3  H N N 286 
PRO HD2  H N N 287 
PRO HD3  H N N 288 
PRO HXT  H N N 289 
ROC C    C N N 290 
ROC O    O N N 291 
ROC N1   N Y N 292 
ROC C2   C Y N 293 
ROC C3   C Y N 294 
ROC C4   C Y N 295 
ROC C5   C Y N 296 
ROC C6   C Y N 297 
ROC C7   C Y N 298 
ROC C8   C Y N 299 
ROC C4A  C Y N 300 
ROC C8A  C Y N 301 
ROC N    N N N 302 
ROC CA   C N S 303 
ROC C1   C N N 304 
ROC O1   O N N 305 
ROC CB   C N N 306 
ROC CG   C N N 307 
ROC OD1  O N N 308 
ROC ND2  N N N 309 
ROC C9   C N R 310 
ROC O2   O N N 311 
ROC CA1  C N S 312 
ROC N2   N N N 313 
ROC CB1  C N N 314 
ROC CG1  C Y N 315 
ROC CD1  C Y N 316 
ROC CD2  C Y N 317 
ROC CE1  C Y N 318 
ROC CE2  C Y N 319 
ROC CZ   C Y N 320 
ROC N11  N N N 321 
ROC CM   C N N 322 
ROC C21  C N S 323 
ROC CC   C N N 324 
ROC O3   O N N 325 
ROC C31  C N N 326 
ROC C3A  C N S 327 
ROC C41  C N N 328 
ROC C51  C N N 329 
ROC C61  C N N 330 
ROC C71  C N N 331 
ROC C7A  C N S 332 
ROC C81  C N N 333 
ROC N3   N N N 334 
ROC CD   C N N 335 
ROC C11  C N N 336 
ROC C22  C N N 337 
ROC C32  C N N 338 
ROC H3   H N N 339 
ROC H4   H N N 340 
ROC H5   H N N 341 
ROC H6   H N N 342 
ROC H7   H N N 343 
ROC H8   H N N 344 
ROC H    H N N 345 
ROC HA   H N N 346 
ROC HB2  H N N 347 
ROC HB3  H N N 348 
ROC HD21 H N N 349 
ROC HD22 H N N 350 
ROC HC   H N N 351 
ROC HO   H N N 352 
ROC HA1  H N N 353 
ROC H1   H N N 354 
ROC HB21 H N N 355 
ROC HB31 H N N 356 
ROC HD1  H N N 357 
ROC HD2  H N N 358 
ROC HE1  H N N 359 
ROC HE2  H N N 360 
ROC HZ   H N N 361 
ROC HM1  H N N 362 
ROC HM2  H N N 363 
ROC H2   H N N 364 
ROC H31  H N N 365 
ROC H32  H N N 366 
ROC H3A  H N N 367 
ROC H41  H N N 368 
ROC H42  H N N 369 
ROC H51  H N N 370 
ROC H52  H N N 371 
ROC H61  H N N 372 
ROC H62  H N N 373 
ROC H71  H N N 374 
ROC H72  H N N 375 
ROC H7A  H N N 376 
ROC H81  H N N 377 
ROC H82  H N N 378 
ROC HN1  H N N 379 
ROC H11  H N N 380 
ROC H12  H N N 381 
ROC H13  H N N 382 
ROC H21  H N N 383 
ROC H22  H N N 384 
ROC H23  H N N 385 
ROC H311 H N N 386 
ROC H321 H N N 387 
ROC H33  H N N 388 
SER N    N N N 389 
SER CA   C N S 390 
SER C    C N N 391 
SER O    O N N 392 
SER CB   C N N 393 
SER OG   O N N 394 
SER OXT  O N N 395 
SER H    H N N 396 
SER H2   H N N 397 
SER HA   H N N 398 
SER HB2  H N N 399 
SER HB3  H N N 400 
SER HG   H N N 401 
SER HXT  H N N 402 
THR N    N N N 403 
THR CA   C N S 404 
THR C    C N N 405 
THR O    O N N 406 
THR CB   C N R 407 
THR OG1  O N N 408 
THR CG2  C N N 409 
THR OXT  O N N 410 
THR H    H N N 411 
THR H2   H N N 412 
THR HA   H N N 413 
THR HB   H N N 414 
THR HG1  H N N 415 
THR HG21 H N N 416 
THR HG22 H N N 417 
THR HG23 H N N 418 
THR HXT  H N N 419 
TRP N    N N N 420 
TRP CA   C N S 421 
TRP C    C N N 422 
TRP O    O N N 423 
TRP CB   C N N 424 
TRP CG   C Y N 425 
TRP CD1  C Y N 426 
TRP CD2  C Y N 427 
TRP NE1  N Y N 428 
TRP CE2  C Y N 429 
TRP CE3  C Y N 430 
TRP CZ2  C Y N 431 
TRP CZ3  C Y N 432 
TRP CH2  C Y N 433 
TRP OXT  O N N 434 
TRP H    H N N 435 
TRP H2   H N N 436 
TRP HA   H N N 437 
TRP HB2  H N N 438 
TRP HB3  H N N 439 
TRP HD1  H N N 440 
TRP HE1  H N N 441 
TRP HE3  H N N 442 
TRP HZ2  H N N 443 
TRP HZ3  H N N 444 
TRP HH2  H N N 445 
TRP HXT  H N N 446 
TYR N    N N N 447 
TYR CA   C N S 448 
TYR C    C N N 449 
TYR O    O N N 450 
TYR CB   C N N 451 
TYR CG   C Y N 452 
TYR CD1  C Y N 453 
TYR CD2  C Y N 454 
TYR CE1  C Y N 455 
TYR CE2  C Y N 456 
TYR CZ   C Y N 457 
TYR OH   O N N 458 
TYR OXT  O N N 459 
TYR H    H N N 460 
TYR H2   H N N 461 
TYR HA   H N N 462 
TYR HB2  H N N 463 
TYR HB3  H N N 464 
TYR HD1  H N N 465 
TYR HD2  H N N 466 
TYR HE1  H N N 467 
TYR HE2  H N N 468 
TYR HH   H N N 469 
TYR HXT  H N N 470 
VAL N    N N N 471 
VAL CA   C N S 472 
VAL C    C N N 473 
VAL O    O N N 474 
VAL CB   C N N 475 
VAL CG1  C N N 476 
VAL CG2  C N N 477 
VAL OXT  O N N 478 
VAL H    H N N 479 
VAL H2   H N N 480 
VAL HA   H N N 481 
VAL HB   H N N 482 
VAL HG11 H N N 483 
VAL HG12 H N N 484 
VAL HG13 H N N 485 
VAL HG21 H N N 486 
VAL HG22 H N N 487 
VAL HG23 H N N 488 
VAL HXT  H N N 489 
# 
loop_
_chem_comp_bond.comp_id 
_chem_comp_bond.atom_id_1 
_chem_comp_bond.atom_id_2 
_chem_comp_bond.value_order 
_chem_comp_bond.pdbx_aromatic_flag 
_chem_comp_bond.pdbx_stereo_config 
_chem_comp_bond.pdbx_ordinal 
ALA N   CA   sing N N 1   
ALA N   H    sing N N 2   
ALA N   H2   sing N N 3   
ALA CA  C    sing N N 4   
ALA CA  CB   sing N N 5   
ALA CA  HA   sing N N 6   
ALA C   O    doub N N 7   
ALA C   OXT  sing N N 8   
ALA CB  HB1  sing N N 9   
ALA CB  HB2  sing N N 10  
ALA CB  HB3  sing N N 11  
ALA OXT HXT  sing N N 12  
ARG N   CA   sing N N 13  
ARG N   H    sing N N 14  
ARG N   H2   sing N N 15  
ARG CA  C    sing N N 16  
ARG CA  CB   sing N N 17  
ARG CA  HA   sing N N 18  
ARG C   O    doub N N 19  
ARG C   OXT  sing N N 20  
ARG CB  CG   sing N N 21  
ARG CB  HB2  sing N N 22  
ARG CB  HB3  sing N N 23  
ARG CG  CD   sing N N 24  
ARG CG  HG2  sing N N 25  
ARG CG  HG3  sing N N 26  
ARG CD  NE   sing N N 27  
ARG CD  HD2  sing N N 28  
ARG CD  HD3  sing N N 29  
ARG NE  CZ   sing N N 30  
ARG NE  HE   sing N N 31  
ARG CZ  NH1  sing N N 32  
ARG CZ  NH2  doub N N 33  
ARG NH1 HH11 sing N N 34  
ARG NH1 HH12 sing N N 35  
ARG NH2 HH21 sing N N 36  
ARG NH2 HH22 sing N N 37  
ARG OXT HXT  sing N N 38  
ASN N   CA   sing N N 39  
ASN N   H    sing N N 40  
ASN N   H2   sing N N 41  
ASN CA  C    sing N N 42  
ASN CA  CB   sing N N 43  
ASN CA  HA   sing N N 44  
ASN C   O    doub N N 45  
ASN C   OXT  sing N N 46  
ASN CB  CG   sing N N 47  
ASN CB  HB2  sing N N 48  
ASN CB  HB3  sing N N 49  
ASN CG  OD1  doub N N 50  
ASN CG  ND2  sing N N 51  
ASN ND2 HD21 sing N N 52  
ASN ND2 HD22 sing N N 53  
ASN OXT HXT  sing N N 54  
ASP N   CA   sing N N 55  
ASP N   H    sing N N 56  
ASP N   H2   sing N N 57  
ASP CA  C    sing N N 58  
ASP CA  CB   sing N N 59  
ASP CA  HA   sing N N 60  
ASP C   O    doub N N 61  
ASP C   OXT  sing N N 62  
ASP CB  CG   sing N N 63  
ASP CB  HB2  sing N N 64  
ASP CB  HB3  sing N N 65  
ASP CG  OD1  doub N N 66  
ASP CG  OD2  sing N N 67  
ASP OD2 HD2  sing N N 68  
ASP OXT HXT  sing N N 69  
CYS N   CA   sing N N 70  
CYS N   H    sing N N 71  
CYS N   H2   sing N N 72  
CYS CA  C    sing N N 73  
CYS CA  CB   sing N N 74  
CYS CA  HA   sing N N 75  
CYS C   O    doub N N 76  
CYS C   OXT  sing N N 77  
CYS CB  SG   sing N N 78  
CYS CB  HB2  sing N N 79  
CYS CB  HB3  sing N N 80  
CYS SG  HG   sing N N 81  
CYS OXT HXT  sing N N 82  
GLN N   CA   sing N N 83  
GLN N   H    sing N N 84  
GLN N   H2   sing N N 85  
GLN CA  C    sing N N 86  
GLN CA  CB   sing N N 87  
GLN CA  HA   sing N N 88  
GLN C   O    doub N N 89  
GLN C   OXT  sing N N 90  
GLN CB  CG   sing N N 91  
GLN CB  HB2  sing N N 92  
GLN CB  HB3  sing N N 93  
GLN CG  CD   sing N N 94  
GLN CG  HG2  sing N N 95  
GLN CG  HG3  sing N N 96  
GLN CD  OE1  doub N N 97  
GLN CD  NE2  sing N N 98  
GLN NE2 HE21 sing N N 99  
GLN NE2 HE22 sing N N 100 
GLN OXT HXT  sing N N 101 
GLU N   CA   sing N N 102 
GLU N   H    sing N N 103 
GLU N   H2   sing N N 104 
GLU CA  C    sing N N 105 
GLU CA  CB   sing N N 106 
GLU CA  HA   sing N N 107 
GLU C   O    doub N N 108 
GLU C   OXT  sing N N 109 
GLU CB  CG   sing N N 110 
GLU CB  HB2  sing N N 111 
GLU CB  HB3  sing N N 112 
GLU CG  CD   sing N N 113 
GLU CG  HG2  sing N N 114 
GLU CG  HG3  sing N N 115 
GLU CD  OE1  doub N N 116 
GLU CD  OE2  sing N N 117 
GLU OE2 HE2  sing N N 118 
GLU OXT HXT  sing N N 119 
GLY N   CA   sing N N 120 
GLY N   H    sing N N 121 
GLY N   H2   sing N N 122 
GLY CA  C    sing N N 123 
GLY CA  HA2  sing N N 124 
GLY CA  HA3  sing N N 125 
GLY C   O    doub N N 126 
GLY C   OXT  sing N N 127 
GLY OXT HXT  sing N N 128 
HIS N   CA   sing N N 129 
HIS N   H    sing N N 130 
HIS N   H2   sing N N 131 
HIS CA  C    sing N N 132 
HIS CA  CB   sing N N 133 
HIS CA  HA   sing N N 134 
HIS C   O    doub N N 135 
HIS C   OXT  sing N N 136 
HIS CB  CG   sing N N 137 
HIS CB  HB2  sing N N 138 
HIS CB  HB3  sing N N 139 
HIS CG  ND1  sing Y N 140 
HIS CG  CD2  doub Y N 141 
HIS ND1 CE1  doub Y N 142 
HIS ND1 HD1  sing N N 143 
HIS CD2 NE2  sing Y N 144 
HIS CD2 HD2  sing N N 145 
HIS CE1 NE2  sing Y N 146 
HIS CE1 HE1  sing N N 147 
HIS NE2 HE2  sing N N 148 
HIS OXT HXT  sing N N 149 
HOH O   H1   sing N N 150 
HOH O   H2   sing N N 151 
ILE N   CA   sing N N 152 
ILE N   H    sing N N 153 
ILE N   H2   sing N N 154 
ILE CA  C    sing N N 155 
ILE CA  CB   sing N N 156 
ILE CA  HA   sing N N 157 
ILE C   O    doub N N 158 
ILE C   OXT  sing N N 159 
ILE CB  CG1  sing N N 160 
ILE CB  CG2  sing N N 161 
ILE CB  HB   sing N N 162 
ILE CG1 CD1  sing N N 163 
ILE CG1 HG12 sing N N 164 
ILE CG1 HG13 sing N N 165 
ILE CG2 HG21 sing N N 166 
ILE CG2 HG22 sing N N 167 
ILE CG2 HG23 sing N N 168 
ILE CD1 HD11 sing N N 169 
ILE CD1 HD12 sing N N 170 
ILE CD1 HD13 sing N N 171 
ILE OXT HXT  sing N N 172 
LEU N   CA   sing N N 173 
LEU N   H    sing N N 174 
LEU N   H2   sing N N 175 
LEU CA  C    sing N N 176 
LEU CA  CB   sing N N 177 
LEU CA  HA   sing N N 178 
LEU C   O    doub N N 179 
LEU C   OXT  sing N N 180 
LEU CB  CG   sing N N 181 
LEU CB  HB2  sing N N 182 
LEU CB  HB3  sing N N 183 
LEU CG  CD1  sing N N 184 
LEU CG  CD2  sing N N 185 
LEU CG  HG   sing N N 186 
LEU CD1 HD11 sing N N 187 
LEU CD1 HD12 sing N N 188 
LEU CD1 HD13 sing N N 189 
LEU CD2 HD21 sing N N 190 
LEU CD2 HD22 sing N N 191 
LEU CD2 HD23 sing N N 192 
LEU OXT HXT  sing N N 193 
LYS N   CA   sing N N 194 
LYS N   H    sing N N 195 
LYS N   H2   sing N N 196 
LYS CA  C    sing N N 197 
LYS CA  CB   sing N N 198 
LYS CA  HA   sing N N 199 
LYS C   O    doub N N 200 
LYS C   OXT  sing N N 201 
LYS CB  CG   sing N N 202 
LYS CB  HB2  sing N N 203 
LYS CB  HB3  sing N N 204 
LYS CG  CD   sing N N 205 
LYS CG  HG2  sing N N 206 
LYS CG  HG3  sing N N 207 
LYS CD  CE   sing N N 208 
LYS CD  HD2  sing N N 209 
LYS CD  HD3  sing N N 210 
LYS CE  NZ   sing N N 211 
LYS CE  HE2  sing N N 212 
LYS CE  HE3  sing N N 213 
LYS NZ  HZ1  sing N N 214 
LYS NZ  HZ2  sing N N 215 
LYS NZ  HZ3  sing N N 216 
LYS OXT HXT  sing N N 217 
MET N   CA   sing N N 218 
MET N   H    sing N N 219 
MET N   H2   sing N N 220 
MET CA  C    sing N N 221 
MET CA  CB   sing N N 222 
MET CA  HA   sing N N 223 
MET C   O    doub N N 224 
MET C   OXT  sing N N 225 
MET CB  CG   sing N N 226 
MET CB  HB2  sing N N 227 
MET CB  HB3  sing N N 228 
MET CG  SD   sing N N 229 
MET CG  HG2  sing N N 230 
MET CG  HG3  sing N N 231 
MET SD  CE   sing N N 232 
MET CE  HE1  sing N N 233 
MET CE  HE2  sing N N 234 
MET CE  HE3  sing N N 235 
MET OXT HXT  sing N N 236 
PHE N   CA   sing N N 237 
PHE N   H    sing N N 238 
PHE N   H2   sing N N 239 
PHE CA  C    sing N N 240 
PHE CA  CB   sing N N 241 
PHE CA  HA   sing N N 242 
PHE C   O    doub N N 243 
PHE C   OXT  sing N N 244 
PHE CB  CG   sing N N 245 
PHE CB  HB2  sing N N 246 
PHE CB  HB3  sing N N 247 
PHE CG  CD1  doub Y N 248 
PHE CG  CD2  sing Y N 249 
PHE CD1 CE1  sing Y N 250 
PHE CD1 HD1  sing N N 251 
PHE CD2 CE2  doub Y N 252 
PHE CD2 HD2  sing N N 253 
PHE CE1 CZ   doub Y N 254 
PHE CE1 HE1  sing N N 255 
PHE CE2 CZ   sing Y N 256 
PHE CE2 HE2  sing N N 257 
PHE CZ  HZ   sing N N 258 
PHE OXT HXT  sing N N 259 
PRO N   CA   sing N N 260 
PRO N   CD   sing N N 261 
PRO N   H    sing N N 262 
PRO CA  C    sing N N 263 
PRO CA  CB   sing N N 264 
PRO CA  HA   sing N N 265 
PRO C   O    doub N N 266 
PRO C   OXT  sing N N 267 
PRO CB  CG   sing N N 268 
PRO CB  HB2  sing N N 269 
PRO CB  HB3  sing N N 270 
PRO CG  CD   sing N N 271 
PRO CG  HG2  sing N N 272 
PRO CG  HG3  sing N N 273 
PRO CD  HD2  sing N N 274 
PRO CD  HD3  sing N N 275 
PRO OXT HXT  sing N N 276 
ROC O   C    doub N N 277 
ROC C   C2   sing N N 278 
ROC N1  C2   doub Y N 279 
ROC N1  C8A  sing Y N 280 
ROC C2  C3   sing Y N 281 
ROC C3  C4   doub Y N 282 
ROC C3  H3   sing N N 283 
ROC C4  C4A  sing Y N 284 
ROC C4  H4   sing N N 285 
ROC C4A C5   doub Y N 286 
ROC C4A C8A  sing Y N 287 
ROC C5  C6   sing Y N 288 
ROC C5  H5   sing N N 289 
ROC C6  C7   doub Y N 290 
ROC C6  H6   sing N N 291 
ROC C7  C8   sing Y N 292 
ROC C7  H7   sing N N 293 
ROC C8  C8A  doub Y N 294 
ROC C8  H8   sing N N 295 
ROC N   CA   sing N N 296 
ROC N   H    sing N N 297 
ROC CA  C1   sing N N 298 
ROC CA  CB   sing N N 299 
ROC CA  HA   sing N N 300 
ROC C1  O1   doub N N 301 
ROC CB  CG   sing N N 302 
ROC CB  HB2  sing N N 303 
ROC CB  HB3  sing N N 304 
ROC CG  OD1  doub N N 305 
ROC CG  ND2  sing N N 306 
ROC ND2 HD21 sing N N 307 
ROC ND2 HD22 sing N N 308 
ROC C9  O2   sing N N 309 
ROC C9  CA1  sing N N 310 
ROC C9  HC   sing N N 311 
ROC O2  HO   sing N N 312 
ROC CA1 N2   sing N N 313 
ROC CA1 CB1  sing N N 314 
ROC CA1 HA1  sing N N 315 
ROC N2  H1   sing N N 316 
ROC CB1 CG1  sing N N 317 
ROC CB1 HB21 sing N N 318 
ROC CB1 HB31 sing N N 319 
ROC CG1 CD1  doub Y N 320 
ROC CG1 CD2  sing Y N 321 
ROC CD1 CE1  sing Y N 322 
ROC CD1 HD1  sing N N 323 
ROC CD2 CE2  doub Y N 324 
ROC CD2 HD2  sing N N 325 
ROC CE1 CZ   doub Y N 326 
ROC CE1 HE1  sing N N 327 
ROC CE2 CZ   sing Y N 328 
ROC CE2 HE2  sing N N 329 
ROC CZ  HZ   sing N N 330 
ROC N11 CM   sing N N 331 
ROC N11 C21  sing N N 332 
ROC N11 C81  sing N N 333 
ROC CM  HM1  sing N N 334 
ROC CM  HM2  sing N N 335 
ROC C21 CC   sing N N 336 
ROC C21 C31  sing N N 337 
ROC C21 H2   sing N N 338 
ROC CC  O3   doub N N 339 
ROC C31 C3A  sing N N 340 
ROC C31 H31  sing N N 341 
ROC C31 H32  sing N N 342 
ROC C3A C41  sing N N 343 
ROC C3A C7A  sing N N 344 
ROC C3A H3A  sing N N 345 
ROC C41 C51  sing N N 346 
ROC C41 H41  sing N N 347 
ROC C41 H42  sing N N 348 
ROC C51 C61  sing N N 349 
ROC C51 H51  sing N N 350 
ROC C51 H52  sing N N 351 
ROC C61 C71  sing N N 352 
ROC C61 H61  sing N N 353 
ROC C61 H62  sing N N 354 
ROC C71 C7A  sing N N 355 
ROC C71 H71  sing N N 356 
ROC C71 H72  sing N N 357 
ROC C7A C81  sing N N 358 
ROC C7A H7A  sing N N 359 
ROC C81 H81  sing N N 360 
ROC C81 H82  sing N N 361 
ROC N3  CD   sing N N 362 
ROC N3  HN1  sing N N 363 
ROC CD  C11  sing N N 364 
ROC CD  C22  sing N N 365 
ROC CD  C32  sing N N 366 
ROC C11 H11  sing N N 367 
ROC C11 H12  sing N N 368 
ROC C11 H13  sing N N 369 
ROC C22 H21  sing N N 370 
ROC C22 H22  sing N N 371 
ROC C22 H23  sing N N 372 
ROC C32 H311 sing N N 373 
ROC C32 H321 sing N N 374 
ROC C32 H33  sing N N 375 
ROC C   N    sing N N 376 
ROC C1  N2   sing N N 377 
ROC C9  CM   sing N N 378 
ROC CC  N3   sing N N 379 
SER N   CA   sing N N 380 
SER N   H    sing N N 381 
SER N   H2   sing N N 382 
SER CA  C    sing N N 383 
SER CA  CB   sing N N 384 
SER CA  HA   sing N N 385 
SER C   O    doub N N 386 
SER C   OXT  sing N N 387 
SER CB  OG   sing N N 388 
SER CB  HB2  sing N N 389 
SER CB  HB3  sing N N 390 
SER OG  HG   sing N N 391 
SER OXT HXT  sing N N 392 
THR N   CA   sing N N 393 
THR N   H    sing N N 394 
THR N   H2   sing N N 395 
THR CA  C    sing N N 396 
THR CA  CB   sing N N 397 
THR CA  HA   sing N N 398 
THR C   O    doub N N 399 
THR C   OXT  sing N N 400 
THR CB  OG1  sing N N 401 
THR CB  CG2  sing N N 402 
THR CB  HB   sing N N 403 
THR OG1 HG1  sing N N 404 
THR CG2 HG21 sing N N 405 
THR CG2 HG22 sing N N 406 
THR CG2 HG23 sing N N 407 
THR OXT HXT  sing N N 408 
TRP N   CA   sing N N 409 
TRP N   H    sing N N 410 
TRP N   H2   sing N N 411 
TRP CA  C    sing N N 412 
TRP CA  CB   sing N N 413 
TRP CA  HA   sing N N 414 
TRP C   O    doub N N 415 
TRP C   OXT  sing N N 416 
TRP CB  CG   sing N N 417 
TRP CB  HB2  sing N N 418 
TRP CB  HB3  sing N N 419 
TRP CG  CD1  doub Y N 420 
TRP CG  CD2  sing Y N 421 
TRP CD1 NE1  sing Y N 422 
TRP CD1 HD1  sing N N 423 
TRP CD2 CE2  doub Y N 424 
TRP CD2 CE3  sing Y N 425 
TRP NE1 CE2  sing Y N 426 
TRP NE1 HE1  sing N N 427 
TRP CE2 CZ2  sing Y N 428 
TRP CE3 CZ3  doub Y N 429 
TRP CE3 HE3  sing N N 430 
TRP CZ2 CH2  doub Y N 431 
TRP CZ2 HZ2  sing N N 432 
TRP CZ3 CH2  sing Y N 433 
TRP CZ3 HZ3  sing N N 434 
TRP CH2 HH2  sing N N 435 
TRP OXT HXT  sing N N 436 
TYR N   CA   sing N N 437 
TYR N   H    sing N N 438 
TYR N   H2   sing N N 439 
TYR CA  C    sing N N 440 
TYR CA  CB   sing N N 441 
TYR CA  HA   sing N N 442 
TYR C   O    doub N N 443 
TYR C   OXT  sing N N 444 
TYR CB  CG   sing N N 445 
TYR CB  HB2  sing N N 446 
TYR CB  HB3  sing N N 447 
TYR CG  CD1  doub Y N 448 
TYR CG  CD2  sing Y N 449 
TYR CD1 CE1  sing Y N 450 
TYR CD1 HD1  sing N N 451 
TYR CD2 CE2  doub Y N 452 
TYR CD2 HD2  sing N N 453 
TYR CE1 CZ   doub Y N 454 
TYR CE1 HE1  sing N N 455 
TYR CE2 CZ   sing Y N 456 
TYR CE2 HE2  sing N N 457 
TYR CZ  OH   sing N N 458 
TYR OH  HH   sing N N 459 
TYR OXT HXT  sing N N 460 
VAL N   CA   sing N N 461 
VAL N   H    sing N N 462 
VAL N   H2   sing N N 463 
VAL CA  C    sing N N 464 
VAL CA  CB   sing N N 465 
VAL CA  HA   sing N N 466 
VAL C   O    doub N N 467 
VAL C   OXT  sing N N 468 
VAL CB  CG1  sing N N 469 
VAL CB  CG2  sing N N 470 
VAL CB  HB   sing N N 471 
VAL CG1 HG11 sing N N 472 
VAL CG1 HG12 sing N N 473 
VAL CG1 HG13 sing N N 474 
VAL CG2 HG21 sing N N 475 
VAL CG2 HG22 sing N N 476 
VAL CG2 HG23 sing N N 477 
VAL OXT HXT  sing N N 478 
# 
loop_
_pdbx_entity_nonpoly.entity_id 
_pdbx_entity_nonpoly.name 
_pdbx_entity_nonpoly.comp_id 
2 
;(2S)-N-[(2S,3R)-4-[(2S,3S,4aS,8aS)-3-(tert-butylcarbamoyl)-3,4,4a,5,6,7,8,8a-octahydro-1H-isoquinolin-2-yl]-3-hydroxy-1 -phenyl-butan-2-yl]-2-(quinolin-2-ylcarbonylamino)butanediamide
;
ROC 
3 water HOH 
# 
_pdbx_initial_refinement_model.id               1 
_pdbx_initial_refinement_model.entity_id_list   ? 
_pdbx_initial_refinement_model.type             'experimental model' 
_pdbx_initial_refinement_model.source_name      PDB 
_pdbx_initial_refinement_model.accession_code   1LV1 
_pdbx_initial_refinement_model.details          ? 
# 
